data_8G9M
# 
_entry.id   8G9M 
# 
_audit_conform.dict_name       mmcif_pdbx.dic 
_audit_conform.dict_version    5.392 
_audit_conform.dict_location   http://mmcif.pdb.org/dictionaries/ascii/mmcif_pdbx.dic 
# 
loop_
_database_2.database_id 
_database_2.database_code 
_database_2.pdbx_database_accession 
_database_2.pdbx_DOI 
PDB   8G9M         pdb_00008g9m 10.2210/pdb8g9m/pdb 
WWPDB D_1000272427 ?            ?                   
# 
loop_
_pdbx_audit_revision_history.ordinal 
_pdbx_audit_revision_history.data_content_type 
_pdbx_audit_revision_history.major_revision 
_pdbx_audit_revision_history.minor_revision 
_pdbx_audit_revision_history.revision_date 
1 'Structure model' 1 0 2023-05-10 
2 'Structure model' 1 1 2024-05-22 
# 
_pdbx_audit_revision_details.ordinal             1 
_pdbx_audit_revision_details.revision_ordinal    1 
_pdbx_audit_revision_details.data_content_type   'Structure model' 
_pdbx_audit_revision_details.provider            repository 
_pdbx_audit_revision_details.type                'Initial release' 
_pdbx_audit_revision_details.description         ? 
_pdbx_audit_revision_details.details             ? 
# 
_pdbx_audit_revision_group.ordinal             1 
_pdbx_audit_revision_group.revision_ordinal    2 
_pdbx_audit_revision_group.data_content_type   'Structure model' 
_pdbx_audit_revision_group.group               'Data collection' 
# 
loop_
_pdbx_audit_revision_category.ordinal 
_pdbx_audit_revision_category.revision_ordinal 
_pdbx_audit_revision_category.data_content_type 
_pdbx_audit_revision_category.category 
1 2 'Structure model' chem_comp_atom 
2 2 'Structure model' chem_comp_bond 
# 
_pdbx_database_status.status_code                     REL 
_pdbx_database_status.status_code_sf                  REL 
_pdbx_database_status.status_code_mr                  ? 
_pdbx_database_status.entry_id                        8G9M 
_pdbx_database_status.recvd_initial_deposition_date   2023-02-21 
_pdbx_database_status.SG_entry                        ? 
_pdbx_database_status.deposit_site                    RCSB 
_pdbx_database_status.process_site                    RCSB 
_pdbx_database_status.status_code_cs                  ? 
_pdbx_database_status.status_code_nmr_data            ? 
_pdbx_database_status.methods_development_category    ? 
_pdbx_database_status.pdb_format_compatible           Y 
# 
_pdbx_contact_author.id                 3 
_pdbx_contact_author.email              jforwood@csu.edu.au 
_pdbx_contact_author.name_first         Jade 
_pdbx_contact_author.name_last          Forwood 
_pdbx_contact_author.name_mi            K 
_pdbx_contact_author.role               'principal investigator/group leader' 
_pdbx_contact_author.identifier_ORCID   0000-0003-3267-9997 
# 
loop_
_audit_author.name 
_audit_author.pdbx_ordinal 
_audit_author.identifier_ORCID 
'Shaw, K.'      1 ? 
'Forwood, J.K.' 2 ? 
# 
_citation.abstract                  ? 
_citation.abstract_id_CAS           ? 
_citation.book_id_ISBN              ? 
_citation.book_publisher            ? 
_citation.book_publisher_city       ? 
_citation.book_title                ? 
_citation.coordinate_linkage        ? 
_citation.country                   ? 
_citation.database_id_Medline       ? 
_citation.details                   ? 
_citation.id                        primary 
_citation.journal_abbrev            'To Be Published' 
_citation.journal_id_ASTM           ? 
_citation.journal_id_CSD            0353 
_citation.journal_id_ISSN           ? 
_citation.journal_full              ? 
_citation.journal_issue             ? 
_citation.journal_volume            ? 
_citation.language                  ? 
_citation.page_first                ? 
_citation.page_last                 ? 
_citation.title                     'Acinetobacter_baumannii short-chain dehydrogenase' 
_citation.year                      ? 
_citation.database_id_CSD           ? 
_citation.pdbx_database_id_DOI      ? 
_citation.pdbx_database_id_PubMed   ? 
_citation.pdbx_database_id_patent   ? 
_citation.unpublished_flag          ? 
# 
loop_
_citation_author.citation_id 
_citation_author.name 
_citation_author.ordinal 
_citation_author.identifier_ORCID 
primary 'Shaw, K.'      1 ? 
primary 'Forwood, J.K.' 2 ? 
# 
loop_
_entity.id 
_entity.type 
_entity.src_method 
_entity.pdbx_description 
_entity.formula_weight 
_entity.pdbx_number_of_molecules 
_entity.pdbx_ec 
_entity.pdbx_mutation 
_entity.pdbx_fragment 
_entity.details 
1 polymer man 'Oxidoreductase, short chain dehydrogenase/reductase family' 27804.475 1 ? ? ? ? 
2 water   nat water                                                        18.015    3 ? ? ? ? 
# 
_entity_poly.entity_id                      1 
_entity_poly.type                           'polypeptide(L)' 
_entity_poly.nstd_linkage                   no 
_entity_poly.nstd_monomer                   no 
_entity_poly.pdbx_seq_one_letter_code       
;SNIMKLDLQNKIAVVSGSTSGIGLGIAKGLASAGATVVVVGRKQAGVDEAIAHIRQSVPEASLRGVDADLTTEQGAAALF
AAEPKADILVNNLGIFNDEDFFSVPDEEWMRFYQVNVLSGVRLARHYAPSMVEQGWGRIIFISSESGVAIPGDMINYGVT
KSANLAVSHGLAKRLAGTGVTVNAVLPGPTFTDGLENMLADAAAKAGRSTRDQADEFVKVLRPSSIIQRAAEVDEVANMV
VYIASPLSSATSGAALRVDGGVVDTLV
;
_entity_poly.pdbx_seq_one_letter_code_can   
;SNIMKLDLQNKIAVVSGSTSGIGLGIAKGLASAGATVVVVGRKQAGVDEAIAHIRQSVPEASLRGVDADLTTEQGAAALF
AAEPKADILVNNLGIFNDEDFFSVPDEEWMRFYQVNVLSGVRLARHYAPSMVEQGWGRIIFISSESGVAIPGDMINYGVT
KSANLAVSHGLAKRLAGTGVTVNAVLPGPTFTDGLENMLADAAAKAGRSTRDQADEFVKVLRPSSIIQRAAEVDEVANMV
VYIASPLSSATSGAALRVDGGVVDTLV
;
_entity_poly.pdbx_strand_id                 A 
_entity_poly.pdbx_target_identifier         ? 
# 
_pdbx_entity_nonpoly.entity_id   2 
_pdbx_entity_nonpoly.name        water 
_pdbx_entity_nonpoly.comp_id     HOH 
# 
loop_
_entity_poly_seq.entity_id 
_entity_poly_seq.num 
_entity_poly_seq.mon_id 
_entity_poly_seq.hetero 
1 1   SER n 
1 2   ASN n 
1 3   ILE n 
1 4   MET n 
1 5   LYS n 
1 6   LEU n 
1 7   ASP n 
1 8   LEU n 
1 9   GLN n 
1 10  ASN n 
1 11  LYS n 
1 12  ILE n 
1 13  ALA n 
1 14  VAL n 
1 15  VAL n 
1 16  SER n 
1 17  GLY n 
1 18  SER n 
1 19  THR n 
1 20  SER n 
1 21  GLY n 
1 22  ILE n 
1 23  GLY n 
1 24  LEU n 
1 25  GLY n 
1 26  ILE n 
1 27  ALA n 
1 28  LYS n 
1 29  GLY n 
1 30  LEU n 
1 31  ALA n 
1 32  SER n 
1 33  ALA n 
1 34  GLY n 
1 35  ALA n 
1 36  THR n 
1 37  VAL n 
1 38  VAL n 
1 39  VAL n 
1 40  VAL n 
1 41  GLY n 
1 42  ARG n 
1 43  LYS n 
1 44  GLN n 
1 45  ALA n 
1 46  GLY n 
1 47  VAL n 
1 48  ASP n 
1 49  GLU n 
1 50  ALA n 
1 51  ILE n 
1 52  ALA n 
1 53  HIS n 
1 54  ILE n 
1 55  ARG n 
1 56  GLN n 
1 57  SER n 
1 58  VAL n 
1 59  PRO n 
1 60  GLU n 
1 61  ALA n 
1 62  SER n 
1 63  LEU n 
1 64  ARG n 
1 65  GLY n 
1 66  VAL n 
1 67  ASP n 
1 68  ALA n 
1 69  ASP n 
1 70  LEU n 
1 71  THR n 
1 72  THR n 
1 73  GLU n 
1 74  GLN n 
1 75  GLY n 
1 76  ALA n 
1 77  ALA n 
1 78  ALA n 
1 79  LEU n 
1 80  PHE n 
1 81  ALA n 
1 82  ALA n 
1 83  GLU n 
1 84  PRO n 
1 85  LYS n 
1 86  ALA n 
1 87  ASP n 
1 88  ILE n 
1 89  LEU n 
1 90  VAL n 
1 91  ASN n 
1 92  ASN n 
1 93  LEU n 
1 94  GLY n 
1 95  ILE n 
1 96  PHE n 
1 97  ASN n 
1 98  ASP n 
1 99  GLU n 
1 100 ASP n 
1 101 PHE n 
1 102 PHE n 
1 103 SER n 
1 104 VAL n 
1 105 PRO n 
1 106 ASP n 
1 107 GLU n 
1 108 GLU n 
1 109 TRP n 
1 110 MET n 
1 111 ARG n 
1 112 PHE n 
1 113 TYR n 
1 114 GLN n 
1 115 VAL n 
1 116 ASN n 
1 117 VAL n 
1 118 LEU n 
1 119 SER n 
1 120 GLY n 
1 121 VAL n 
1 122 ARG n 
1 123 LEU n 
1 124 ALA n 
1 125 ARG n 
1 126 HIS n 
1 127 TYR n 
1 128 ALA n 
1 129 PRO n 
1 130 SER n 
1 131 MET n 
1 132 VAL n 
1 133 GLU n 
1 134 GLN n 
1 135 GLY n 
1 136 TRP n 
1 137 GLY n 
1 138 ARG n 
1 139 ILE n 
1 140 ILE n 
1 141 PHE n 
1 142 ILE n 
1 143 SER n 
1 144 SER n 
1 145 GLU n 
1 146 SER n 
1 147 GLY n 
1 148 VAL n 
1 149 ALA n 
1 150 ILE n 
1 151 PRO n 
1 152 GLY n 
1 153 ASP n 
1 154 MET n 
1 155 ILE n 
1 156 ASN n 
1 157 TYR n 
1 158 GLY n 
1 159 VAL n 
1 160 THR n 
1 161 LYS n 
1 162 SER n 
1 163 ALA n 
1 164 ASN n 
1 165 LEU n 
1 166 ALA n 
1 167 VAL n 
1 168 SER n 
1 169 HIS n 
1 170 GLY n 
1 171 LEU n 
1 172 ALA n 
1 173 LYS n 
1 174 ARG n 
1 175 LEU n 
1 176 ALA n 
1 177 GLY n 
1 178 THR n 
1 179 GLY n 
1 180 VAL n 
1 181 THR n 
1 182 VAL n 
1 183 ASN n 
1 184 ALA n 
1 185 VAL n 
1 186 LEU n 
1 187 PRO n 
1 188 GLY n 
1 189 PRO n 
1 190 THR n 
1 191 PHE n 
1 192 THR n 
1 193 ASP n 
1 194 GLY n 
1 195 LEU n 
1 196 GLU n 
1 197 ASN n 
1 198 MET n 
1 199 LEU n 
1 200 ALA n 
1 201 ASP n 
1 202 ALA n 
1 203 ALA n 
1 204 ALA n 
1 205 LYS n 
1 206 ALA n 
1 207 GLY n 
1 208 ARG n 
1 209 SER n 
1 210 THR n 
1 211 ARG n 
1 212 ASP n 
1 213 GLN n 
1 214 ALA n 
1 215 ASP n 
1 216 GLU n 
1 217 PHE n 
1 218 VAL n 
1 219 LYS n 
1 220 VAL n 
1 221 LEU n 
1 222 ARG n 
1 223 PRO n 
1 224 SER n 
1 225 SER n 
1 226 ILE n 
1 227 ILE n 
1 228 GLN n 
1 229 ARG n 
1 230 ALA n 
1 231 ALA n 
1 232 GLU n 
1 233 VAL n 
1 234 ASP n 
1 235 GLU n 
1 236 VAL n 
1 237 ALA n 
1 238 ASN n 
1 239 MET n 
1 240 VAL n 
1 241 VAL n 
1 242 TYR n 
1 243 ILE n 
1 244 ALA n 
1 245 SER n 
1 246 PRO n 
1 247 LEU n 
1 248 SER n 
1 249 SER n 
1 250 ALA n 
1 251 THR n 
1 252 SER n 
1 253 GLY n 
1 254 ALA n 
1 255 ALA n 
1 256 LEU n 
1 257 ARG n 
1 258 VAL n 
1 259 ASP n 
1 260 GLY n 
1 261 GLY n 
1 262 VAL n 
1 263 VAL n 
1 264 ASP n 
1 265 THR n 
1 266 LEU n 
1 267 VAL n 
# 
_entity_src_gen.entity_id                          1 
_entity_src_gen.pdbx_src_id                        1 
_entity_src_gen.pdbx_alt_source_flag               sample 
_entity_src_gen.pdbx_seq_type                      'Biological sequence' 
_entity_src_gen.pdbx_beg_seq_num                   1 
_entity_src_gen.pdbx_end_seq_num                   267 
_entity_src_gen.gene_src_common_name               ? 
_entity_src_gen.gene_src_genus                     ? 
_entity_src_gen.pdbx_gene_src_gene                 fabG_3 
_entity_src_gen.gene_src_species                   ? 
_entity_src_gen.gene_src_strain                    ? 
_entity_src_gen.gene_src_tissue                    ? 
_entity_src_gen.gene_src_tissue_fraction           ? 
_entity_src_gen.gene_src_details                   ? 
_entity_src_gen.pdbx_gene_src_fragment             ? 
_entity_src_gen.pdbx_gene_src_scientific_name      'Acinetobacter baumannii' 
_entity_src_gen.pdbx_gene_src_ncbi_taxonomy_id     470 
_entity_src_gen.pdbx_gene_src_variant              ? 
_entity_src_gen.pdbx_gene_src_cell_line            ? 
_entity_src_gen.pdbx_gene_src_atcc                 ? 
_entity_src_gen.pdbx_gene_src_organ                ? 
_entity_src_gen.pdbx_gene_src_organelle            ? 
_entity_src_gen.pdbx_gene_src_cell                 ? 
_entity_src_gen.pdbx_gene_src_cellular_location    ? 
_entity_src_gen.host_org_common_name               ? 
_entity_src_gen.pdbx_host_org_scientific_name      'Escherichia coli BL21(DE3)' 
_entity_src_gen.pdbx_host_org_ncbi_taxonomy_id     469008 
_entity_src_gen.host_org_genus                     ? 
_entity_src_gen.pdbx_host_org_gene                 ? 
_entity_src_gen.pdbx_host_org_organ                ? 
_entity_src_gen.host_org_species                   ? 
_entity_src_gen.pdbx_host_org_tissue               ? 
_entity_src_gen.pdbx_host_org_tissue_fraction      ? 
_entity_src_gen.pdbx_host_org_strain               ? 
_entity_src_gen.pdbx_host_org_variant              ? 
_entity_src_gen.pdbx_host_org_cell_line            ? 
_entity_src_gen.pdbx_host_org_atcc                 ? 
_entity_src_gen.pdbx_host_org_culture_collection   ? 
_entity_src_gen.pdbx_host_org_cell                 ? 
_entity_src_gen.pdbx_host_org_organelle            ? 
_entity_src_gen.pdbx_host_org_cellular_location    ? 
_entity_src_gen.pdbx_host_org_vector_type          ? 
_entity_src_gen.pdbx_host_org_vector               ? 
_entity_src_gen.host_org_details                   ? 
_entity_src_gen.expression_system_id               ? 
_entity_src_gen.plasmid_name                       ? 
_entity_src_gen.plasmid_details                    ? 
_entity_src_gen.pdbx_description                   ? 
# 
loop_
_chem_comp.id 
_chem_comp.type 
_chem_comp.mon_nstd_flag 
_chem_comp.name 
_chem_comp.pdbx_synonyms 
_chem_comp.formula 
_chem_comp.formula_weight 
ALA 'L-peptide linking' y ALANINE         ? 'C3 H7 N O2'     89.093  
ARG 'L-peptide linking' y ARGININE        ? 'C6 H15 N4 O2 1' 175.209 
ASN 'L-peptide linking' y ASPARAGINE      ? 'C4 H8 N2 O3'    132.118 
ASP 'L-peptide linking' y 'ASPARTIC ACID' ? 'C4 H7 N O4'     133.103 
GLN 'L-peptide linking' y GLUTAMINE       ? 'C5 H10 N2 O3'   146.144 
GLU 'L-peptide linking' y 'GLUTAMIC ACID' ? 'C5 H9 N O4'     147.129 
GLY 'peptide linking'   y GLYCINE         ? 'C2 H5 N O2'     75.067  
HIS 'L-peptide linking' y HISTIDINE       ? 'C6 H10 N3 O2 1' 156.162 
HOH non-polymer         . WATER           ? 'H2 O'           18.015  
ILE 'L-peptide linking' y ISOLEUCINE      ? 'C6 H13 N O2'    131.173 
LEU 'L-peptide linking' y LEUCINE         ? 'C6 H13 N O2'    131.173 
LYS 'L-peptide linking' y LYSINE          ? 'C6 H15 N2 O2 1' 147.195 
MET 'L-peptide linking' y METHIONINE      ? 'C5 H11 N O2 S'  149.211 
PHE 'L-peptide linking' y PHENYLALANINE   ? 'C9 H11 N O2'    165.189 
PRO 'L-peptide linking' y PROLINE         ? 'C5 H9 N O2'     115.130 
SER 'L-peptide linking' y SERINE          ? 'C3 H7 N O3'     105.093 
THR 'L-peptide linking' y THREONINE       ? 'C4 H9 N O3'     119.119 
TRP 'L-peptide linking' y TRYPTOPHAN      ? 'C11 H12 N2 O2'  204.225 
TYR 'L-peptide linking' y TYROSINE        ? 'C9 H11 N O3'    181.189 
VAL 'L-peptide linking' y VALINE          ? 'C5 H11 N O2'    117.146 
# 
loop_
_pdbx_poly_seq_scheme.asym_id 
_pdbx_poly_seq_scheme.entity_id 
_pdbx_poly_seq_scheme.seq_id 
_pdbx_poly_seq_scheme.mon_id 
_pdbx_poly_seq_scheme.ndb_seq_num 
_pdbx_poly_seq_scheme.pdb_seq_num 
_pdbx_poly_seq_scheme.auth_seq_num 
_pdbx_poly_seq_scheme.pdb_mon_id 
_pdbx_poly_seq_scheme.auth_mon_id 
_pdbx_poly_seq_scheme.pdb_strand_id 
_pdbx_poly_seq_scheme.pdb_ins_code 
_pdbx_poly_seq_scheme.hetero 
A 1 1   SER 1   -2  ?   ?   ?   A . n 
A 1 2   ASN 2   -1  ?   ?   ?   A . n 
A 1 3   ILE 3   0   0   ILE ALA A . n 
A 1 4   MET 4   1   1   MET MET A . n 
A 1 5   LYS 5   2   2   LYS LYS A . n 
A 1 6   LEU 6   3   3   LEU LEU A . n 
A 1 7   ASP 7   4   4   ASP ASP A . n 
A 1 8   LEU 8   5   5   LEU LEU A . n 
A 1 9   GLN 9   6   6   GLN GLN A . n 
A 1 10  ASN 10  7   7   ASN ASN A . n 
A 1 11  LYS 11  8   8   LYS LYS A . n 
A 1 12  ILE 12  9   9   ILE ILE A . n 
A 1 13  ALA 13  10  10  ALA ALA A . n 
A 1 14  VAL 14  11  11  VAL VAL A . n 
A 1 15  VAL 15  12  12  VAL VAL A . n 
A 1 16  SER 16  13  13  SER SER A . n 
A 1 17  GLY 17  14  14  GLY GLY A . n 
A 1 18  SER 18  15  15  SER SER A . n 
A 1 19  THR 19  16  16  THR THR A . n 
A 1 20  SER 20  17  17  SER SER A . n 
A 1 21  GLY 21  18  18  GLY GLY A . n 
A 1 22  ILE 22  19  19  ILE ILE A . n 
A 1 23  GLY 23  20  20  GLY GLY A . n 
A 1 24  LEU 24  21  21  LEU LEU A . n 
A 1 25  GLY 25  22  22  GLY GLY A . n 
A 1 26  ILE 26  23  23  ILE ILE A . n 
A 1 27  ALA 27  24  24  ALA ALA A . n 
A 1 28  LYS 28  25  25  LYS LYS A . n 
A 1 29  GLY 29  26  26  GLY GLY A . n 
A 1 30  LEU 30  27  27  LEU LEU A . n 
A 1 31  ALA 31  28  28  ALA ALA A . n 
A 1 32  SER 32  29  29  SER SER A . n 
A 1 33  ALA 33  30  30  ALA ALA A . n 
A 1 34  GLY 34  31  31  GLY GLY A . n 
A 1 35  ALA 35  32  32  ALA ALA A . n 
A 1 36  THR 36  33  33  THR THR A . n 
A 1 37  VAL 37  34  34  VAL VAL A . n 
A 1 38  VAL 38  35  35  VAL VAL A . n 
A 1 39  VAL 39  36  36  VAL VAL A . n 
A 1 40  VAL 40  37  37  VAL VAL A . n 
A 1 41  GLY 41  38  38  GLY GLY A . n 
A 1 42  ARG 42  39  39  ARG ARG A . n 
A 1 43  LYS 43  40  40  LYS LYS A . n 
A 1 44  GLN 44  41  41  GLN GLN A . n 
A 1 45  ALA 45  42  42  ALA ALA A . n 
A 1 46  GLY 46  43  43  GLY GLY A . n 
A 1 47  VAL 47  44  44  VAL VAL A . n 
A 1 48  ASP 48  45  45  ASP ASP A . n 
A 1 49  GLU 49  46  46  GLU GLU A . n 
A 1 50  ALA 50  47  47  ALA ALA A . n 
A 1 51  ILE 51  48  48  ILE ILE A . n 
A 1 52  ALA 52  49  49  ALA ALA A . n 
A 1 53  HIS 53  50  50  HIS HIS A . n 
A 1 54  ILE 54  51  51  ILE ILE A . n 
A 1 55  ARG 55  52  52  ARG ARG A . n 
A 1 56  GLN 56  53  53  GLN GLN A . n 
A 1 57  SER 57  54  54  SER SER A . n 
A 1 58  VAL 58  55  55  VAL VAL A . n 
A 1 59  PRO 59  56  56  PRO PRO A . n 
A 1 60  GLU 60  57  57  GLU GLU A . n 
A 1 61  ALA 61  58  58  ALA ALA A . n 
A 1 62  SER 62  59  59  SER SER A . n 
A 1 63  LEU 63  60  60  LEU LEU A . n 
A 1 64  ARG 64  61  61  ARG ARG A . n 
A 1 65  GLY 65  62  62  GLY GLY A . n 
A 1 66  VAL 66  63  63  VAL VAL A . n 
A 1 67  ASP 67  64  64  ASP ASP A . n 
A 1 68  ALA 68  65  65  ALA ALA A . n 
A 1 69  ASP 69  66  66  ASP ASP A . n 
A 1 70  LEU 70  67  67  LEU LEU A . n 
A 1 71  THR 71  68  68  THR THR A . n 
A 1 72  THR 72  69  69  THR THR A . n 
A 1 73  GLU 73  70  70  GLU GLU A . n 
A 1 74  GLN 74  71  71  GLN GLN A . n 
A 1 75  GLY 75  72  72  GLY GLY A . n 
A 1 76  ALA 76  73  73  ALA ALA A . n 
A 1 77  ALA 77  74  74  ALA ALA A . n 
A 1 78  ALA 78  75  75  ALA ALA A . n 
A 1 79  LEU 79  76  76  LEU LEU A . n 
A 1 80  PHE 80  77  77  PHE PHE A . n 
A 1 81  ALA 81  78  78  ALA ALA A . n 
A 1 82  ALA 82  79  79  ALA ALA A . n 
A 1 83  GLU 83  80  80  GLU GLU A . n 
A 1 84  PRO 84  81  81  PRO PRO A . n 
A 1 85  LYS 85  82  82  LYS LYS A . n 
A 1 86  ALA 86  83  83  ALA ALA A . n 
A 1 87  ASP 87  84  84  ASP ASP A . n 
A 1 88  ILE 88  85  85  ILE ILE A . n 
A 1 89  LEU 89  86  86  LEU LEU A . n 
A 1 90  VAL 90  87  87  VAL VAL A . n 
A 1 91  ASN 91  88  88  ASN ASN A . n 
A 1 92  ASN 92  89  89  ASN ASN A . n 
A 1 93  LEU 93  90  90  LEU LEU A . n 
A 1 94  GLY 94  91  91  GLY GLY A . n 
A 1 95  ILE 95  92  92  ILE ILE A . n 
A 1 96  PHE 96  93  93  PHE PHE A . n 
A 1 97  ASN 97  94  94  ASN ASN A . n 
A 1 98  ASP 98  95  95  ASP ASP A . n 
A 1 99  GLU 99  96  96  GLU GLU A . n 
A 1 100 ASP 100 97  97  ASP ASP A . n 
A 1 101 PHE 101 98  98  PHE PHE A . n 
A 1 102 PHE 102 99  99  PHE PHE A . n 
A 1 103 SER 103 100 100 SER SER A . n 
A 1 104 VAL 104 101 101 VAL VAL A . n 
A 1 105 PRO 105 102 102 PRO PRO A . n 
A 1 106 ASP 106 103 103 ASP ASP A . n 
A 1 107 GLU 107 104 104 GLU GLU A . n 
A 1 108 GLU 108 105 105 GLU GLU A . n 
A 1 109 TRP 109 106 106 TRP TRP A . n 
A 1 110 MET 110 107 107 MET MET A . n 
A 1 111 ARG 111 108 108 ARG ARG A . n 
A 1 112 PHE 112 109 109 PHE PHE A . n 
A 1 113 TYR 113 110 110 TYR TYR A . n 
A 1 114 GLN 114 111 111 GLN GLN A . n 
A 1 115 VAL 115 112 112 VAL VAL A . n 
A 1 116 ASN 116 113 113 ASN ASN A . n 
A 1 117 VAL 117 114 114 VAL VAL A . n 
A 1 118 LEU 118 115 115 LEU LEU A . n 
A 1 119 SER 119 116 116 SER SER A . n 
A 1 120 GLY 120 117 117 GLY GLY A . n 
A 1 121 VAL 121 118 118 VAL VAL A . n 
A 1 122 ARG 122 119 119 ARG ARG A . n 
A 1 123 LEU 123 120 120 LEU LEU A . n 
A 1 124 ALA 124 121 121 ALA ALA A . n 
A 1 125 ARG 125 122 122 ARG ARG A . n 
A 1 126 HIS 126 123 123 HIS HIS A . n 
A 1 127 TYR 127 124 124 TYR TYR A . n 
A 1 128 ALA 128 125 125 ALA ALA A . n 
A 1 129 PRO 129 126 126 PRO PRO A . n 
A 1 130 SER 130 127 127 SER SER A . n 
A 1 131 MET 131 128 128 MET MET A . n 
A 1 132 VAL 132 129 129 VAL VAL A . n 
A 1 133 GLU 133 130 130 GLU GLU A . n 
A 1 134 GLN 134 131 131 GLN GLN A . n 
A 1 135 GLY 135 132 132 GLY GLY A . n 
A 1 136 TRP 136 133 133 TRP TRP A . n 
A 1 137 GLY 137 134 134 GLY GLY A . n 
A 1 138 ARG 138 135 135 ARG ARG A . n 
A 1 139 ILE 139 136 136 ILE ILE A . n 
A 1 140 ILE 140 137 137 ILE ILE A . n 
A 1 141 PHE 141 138 138 PHE PHE A . n 
A 1 142 ILE 142 139 139 ILE ILE A . n 
A 1 143 SER 143 140 140 SER SER A . n 
A 1 144 SER 144 141 141 SER SER A . n 
A 1 145 GLU 145 142 142 GLU GLU A . n 
A 1 146 SER 146 143 143 SER SER A . n 
A 1 147 GLY 147 144 144 GLY GLY A . n 
A 1 148 VAL 148 145 145 VAL VAL A . n 
A 1 149 ALA 149 146 146 ALA ALA A . n 
A 1 150 ILE 150 147 147 ILE ILE A . n 
A 1 151 PRO 151 148 148 PRO PRO A . n 
A 1 152 GLY 152 149 149 GLY GLY A . n 
A 1 153 ASP 153 150 150 ASP ASP A . n 
A 1 154 MET 154 151 151 MET MET A . n 
A 1 155 ILE 155 152 152 ILE ILE A . n 
A 1 156 ASN 156 153 153 ASN ASN A . n 
A 1 157 TYR 157 154 154 TYR TYR A . n 
A 1 158 GLY 158 155 155 GLY GLY A . n 
A 1 159 VAL 159 156 156 VAL VAL A . n 
A 1 160 THR 160 157 157 THR THR A . n 
A 1 161 LYS 161 158 158 LYS LYS A . n 
A 1 162 SER 162 159 159 SER SER A . n 
A 1 163 ALA 163 160 160 ALA ALA A . n 
A 1 164 ASN 164 161 161 ASN ASN A . n 
A 1 165 LEU 165 162 162 LEU LEU A . n 
A 1 166 ALA 166 163 163 ALA ALA A . n 
A 1 167 VAL 167 164 164 VAL VAL A . n 
A 1 168 SER 168 165 165 SER SER A . n 
A 1 169 HIS 169 166 166 HIS HIS A . n 
A 1 170 GLY 170 167 167 GLY GLY A . n 
A 1 171 LEU 171 168 168 LEU LEU A . n 
A 1 172 ALA 172 169 169 ALA ALA A . n 
A 1 173 LYS 173 170 170 LYS LYS A . n 
A 1 174 ARG 174 171 171 ARG ARG A . n 
A 1 175 LEU 175 172 172 LEU LEU A . n 
A 1 176 ALA 176 173 173 ALA ALA A . n 
A 1 177 GLY 177 174 174 GLY GLY A . n 
A 1 178 THR 178 175 175 THR THR A . n 
A 1 179 GLY 179 176 176 GLY GLY A . n 
A 1 180 VAL 180 177 177 VAL VAL A . n 
A 1 181 THR 181 178 178 THR THR A . n 
A 1 182 VAL 182 179 179 VAL VAL A . n 
A 1 183 ASN 183 180 180 ASN ASN A . n 
A 1 184 ALA 184 181 181 ALA ALA A . n 
A 1 185 VAL 185 182 182 VAL VAL A . n 
A 1 186 LEU 186 183 183 LEU LEU A . n 
A 1 187 PRO 187 184 184 PRO PRO A . n 
A 1 188 GLY 188 185 185 GLY GLY A . n 
A 1 189 PRO 189 186 ?   ?   ?   A . n 
A 1 190 THR 190 187 ?   ?   ?   A . n 
A 1 191 PHE 191 188 ?   ?   ?   A . n 
A 1 192 THR 192 189 ?   ?   ?   A . n 
A 1 193 ASP 193 190 ?   ?   ?   A . n 
A 1 194 GLY 194 191 ?   ?   ?   A . n 
A 1 195 LEU 195 192 ?   ?   ?   A . n 
A 1 196 GLU 196 193 ?   ?   ?   A . n 
A 1 197 ASN 197 194 ?   ?   ?   A . n 
A 1 198 MET 198 195 ?   ?   ?   A . n 
A 1 199 LEU 199 196 ?   ?   ?   A . n 
A 1 200 ALA 200 197 ?   ?   ?   A . n 
A 1 201 ASP 201 198 ?   ?   ?   A . n 
A 1 202 ALA 202 199 ?   ?   ?   A . n 
A 1 203 ALA 203 200 ?   ?   ?   A . n 
A 1 204 ALA 204 201 ?   ?   ?   A . n 
A 1 205 LYS 205 202 ?   ?   ?   A . n 
A 1 206 ALA 206 203 ?   ?   ?   A . n 
A 1 207 GLY 207 204 ?   ?   ?   A . n 
A 1 208 ARG 208 205 ?   ?   ?   A . n 
A 1 209 SER 209 206 ?   ?   ?   A . n 
A 1 210 THR 210 207 ?   ?   ?   A . n 
A 1 211 ARG 211 208 ?   ?   ?   A . n 
A 1 212 ASP 212 209 ?   ?   ?   A . n 
A 1 213 GLN 213 210 ?   ?   ?   A . n 
A 1 214 ALA 214 211 ?   ?   ?   A . n 
A 1 215 ASP 215 212 ?   ?   ?   A . n 
A 1 216 GLU 216 213 ?   ?   ?   A . n 
A 1 217 PHE 217 214 ?   ?   ?   A . n 
A 1 218 VAL 218 215 ?   ?   ?   A . n 
A 1 219 LYS 219 216 ?   ?   ?   A . n 
A 1 220 VAL 220 217 ?   ?   ?   A . n 
A 1 221 LEU 221 218 ?   ?   ?   A . n 
A 1 222 ARG 222 219 ?   ?   ?   A . n 
A 1 223 PRO 223 220 ?   ?   ?   A . n 
A 1 224 SER 224 221 ?   ?   ?   A . n 
A 1 225 SER 225 222 ?   ?   ?   A . n 
A 1 226 ILE 226 223 ?   ?   ?   A . n 
A 1 227 ILE 227 224 ?   ?   ?   A . n 
A 1 228 GLN 228 225 ?   ?   ?   A . n 
A 1 229 ARG 229 226 ?   ?   ?   A . n 
A 1 230 ALA 230 227 ?   ?   ?   A . n 
A 1 231 ALA 231 228 ?   ?   ?   A . n 
A 1 232 GLU 232 229 229 GLU GLU A . n 
A 1 233 VAL 233 230 230 VAL VAL A . n 
A 1 234 ASP 234 231 231 ASP ASP A . n 
A 1 235 GLU 235 232 232 GLU GLU A . n 
A 1 236 VAL 236 233 233 VAL VAL A . n 
A 1 237 ALA 237 234 234 ALA ALA A . n 
A 1 238 ASN 238 235 235 ASN ASN A . n 
A 1 239 MET 239 236 236 MET MET A . n 
A 1 240 VAL 240 237 237 VAL VAL A . n 
A 1 241 VAL 241 238 238 VAL VAL A . n 
A 1 242 TYR 242 239 239 TYR TYR A . n 
A 1 243 ILE 243 240 240 ILE ILE A . n 
A 1 244 ALA 244 241 241 ALA ALA A . n 
A 1 245 SER 245 242 242 SER SER A . n 
A 1 246 PRO 246 243 243 PRO PRO A . n 
A 1 247 LEU 247 244 244 LEU LEU A . n 
A 1 248 SER 248 245 245 SER SER A . n 
A 1 249 SER 249 246 246 SER SER A . n 
A 1 250 ALA 250 247 247 ALA ALA A . n 
A 1 251 THR 251 248 248 THR THR A . n 
A 1 252 SER 252 249 249 SER SER A . n 
A 1 253 GLY 253 250 250 GLY GLY A . n 
A 1 254 ALA 254 251 251 ALA ALA A . n 
A 1 255 ALA 255 252 252 ALA ALA A . n 
A 1 256 LEU 256 253 253 LEU LEU A . n 
A 1 257 ARG 257 254 254 ARG ARG A . n 
A 1 258 VAL 258 255 255 VAL VAL A . n 
A 1 259 ASP 259 256 256 ASP ASP A . n 
A 1 260 GLY 260 257 257 GLY GLY A . n 
A 1 261 GLY 261 258 ?   ?   ?   A . n 
A 1 262 VAL 262 259 ?   ?   ?   A . n 
A 1 263 VAL 263 260 ?   ?   ?   A . n 
A 1 264 ASP 264 261 ?   ?   ?   A . n 
A 1 265 THR 265 262 ?   ?   ?   A . n 
A 1 266 LEU 266 263 ?   ?   ?   A . n 
A 1 267 VAL 267 264 ?   ?   ?   A . n 
# 
loop_
_pdbx_nonpoly_scheme.asym_id 
_pdbx_nonpoly_scheme.entity_id 
_pdbx_nonpoly_scheme.mon_id 
_pdbx_nonpoly_scheme.ndb_seq_num 
_pdbx_nonpoly_scheme.pdb_seq_num 
_pdbx_nonpoly_scheme.auth_seq_num 
_pdbx_nonpoly_scheme.pdb_mon_id 
_pdbx_nonpoly_scheme.auth_mon_id 
_pdbx_nonpoly_scheme.pdb_strand_id 
_pdbx_nonpoly_scheme.pdb_ins_code 
B 2 HOH 1 301 2 HOH HOH A . 
B 2 HOH 2 302 1 HOH HOH A . 
B 2 HOH 3 303 3 HOH HOH A . 
# 
loop_
_pdbx_unobs_or_zero_occ_atoms.id 
_pdbx_unobs_or_zero_occ_atoms.PDB_model_num 
_pdbx_unobs_or_zero_occ_atoms.polymer_flag 
_pdbx_unobs_or_zero_occ_atoms.occupancy_flag 
_pdbx_unobs_or_zero_occ_atoms.auth_asym_id 
_pdbx_unobs_or_zero_occ_atoms.auth_comp_id 
_pdbx_unobs_or_zero_occ_atoms.auth_seq_id 
_pdbx_unobs_or_zero_occ_atoms.PDB_ins_code 
_pdbx_unobs_or_zero_occ_atoms.auth_atom_id 
_pdbx_unobs_or_zero_occ_atoms.label_alt_id 
_pdbx_unobs_or_zero_occ_atoms.label_asym_id 
_pdbx_unobs_or_zero_occ_atoms.label_comp_id 
_pdbx_unobs_or_zero_occ_atoms.label_seq_id 
_pdbx_unobs_or_zero_occ_atoms.label_atom_id 
1  1 Y 1 A ILE 0   ? CG1 ? A ILE 3   CG1 
2  1 Y 1 A ILE 0   ? CG2 ? A ILE 3   CG2 
3  1 Y 1 A ILE 0   ? CD1 ? A ILE 3   CD1 
4  1 Y 1 A MET 1   ? CG  ? A MET 4   CG  
5  1 Y 1 A MET 1   ? SD  ? A MET 4   SD  
6  1 Y 1 A MET 1   ? CE  ? A MET 4   CE  
7  1 Y 1 A ASP 4   ? O   ? A ASP 7   O   
8  1 Y 1 A ARG 39  ? CG  ? A ARG 42  CG  
9  1 Y 1 A ARG 39  ? CD  ? A ARG 42  CD  
10 1 Y 1 A ARG 39  ? NE  ? A ARG 42  NE  
11 1 Y 1 A ARG 39  ? CZ  ? A ARG 42  CZ  
12 1 Y 1 A ARG 39  ? NH1 ? A ARG 42  NH1 
13 1 Y 1 A ARG 39  ? NH2 ? A ARG 42  NH2 
14 1 Y 1 A LYS 40  ? CG  ? A LYS 43  CG  
15 1 Y 1 A LYS 40  ? CD  ? A LYS 43  CD  
16 1 Y 1 A LYS 40  ? CE  ? A LYS 43  CE  
17 1 Y 1 A LYS 40  ? NZ  ? A LYS 43  NZ  
18 1 Y 1 A GLN 71  ? CG  ? A GLN 74  CG  
19 1 Y 1 A GLN 71  ? CD  ? A GLN 74  CD  
20 1 Y 1 A GLN 71  ? OE1 ? A GLN 74  OE1 
21 1 Y 1 A GLN 71  ? NE2 ? A GLN 74  NE2 
22 1 Y 1 A GLU 142 ? CG  ? A GLU 145 CG  
23 1 Y 1 A GLU 142 ? CD  ? A GLU 145 CD  
24 1 Y 1 A GLU 142 ? OE1 ? A GLU 145 OE1 
25 1 Y 1 A GLU 142 ? OE2 ? A GLU 145 OE2 
26 1 Y 1 A LYS 158 ? CG  ? A LYS 161 CG  
27 1 Y 1 A LYS 158 ? CD  ? A LYS 161 CD  
28 1 Y 1 A LYS 158 ? CE  ? A LYS 161 CE  
29 1 Y 1 A LYS 158 ? NZ  ? A LYS 161 NZ  
# 
loop_
_software.citation_id 
_software.classification 
_software.compiler_name 
_software.compiler_version 
_software.contact_author 
_software.contact_author_email 
_software.date 
_software.description 
_software.dependencies 
_software.hardware 
_software.language 
_software.location 
_software.mods 
_software.name 
_software.os 
_software.os_version 
_software.type 
_software.version 
_software.pdbx_ordinal 
? refinement       ? ? ? ? ? ? ? ? ? ? ? PHENIX  ? ? ? 1.14_3260 1 
? 'data reduction' ? ? ? ? ? ? ? ? ? ? ? MOSFLM  ? ? ? .         2 
? 'data scaling'   ? ? ? ? ? ? ? ? ? ? ? Aimless ? ? ? .         3 
? phasing          ? ? ? ? ? ? ? ? ? ? ? PHASER  ? ? ? .         4 
# 
_cell.angle_alpha                  90.000 
_cell.angle_alpha_esd              ? 
_cell.angle_beta                   90.000 
_cell.angle_beta_esd               ? 
_cell.angle_gamma                  120.000 
_cell.angle_gamma_esd              ? 
_cell.entry_id                     8G9M 
_cell.details                      ? 
_cell.formula_units_Z              ? 
_cell.length_a                     93.775 
_cell.length_a_esd                 ? 
_cell.length_b                     93.775 
_cell.length_b_esd                 ? 
_cell.length_c                     190.987 
_cell.length_c_esd                 ? 
_cell.volume                       1454467.271 
_cell.volume_esd                   ? 
_cell.Z_PDB                        12 
_cell.reciprocal_angle_alpha       ? 
_cell.reciprocal_angle_beta        ? 
_cell.reciprocal_angle_gamma       ? 
_cell.reciprocal_angle_alpha_esd   ? 
_cell.reciprocal_angle_beta_esd    ? 
_cell.reciprocal_angle_gamma_esd   ? 
_cell.reciprocal_length_a          ? 
_cell.reciprocal_length_b          ? 
_cell.reciprocal_length_c          ? 
_cell.reciprocal_length_a_esd      ? 
_cell.reciprocal_length_b_esd      ? 
_cell.reciprocal_length_c_esd      ? 
_cell.pdbx_unique_axis             ? 
_cell.pdbx_esd_method              ? 
# 
_symmetry.entry_id                         8G9M 
_symmetry.cell_setting                     ? 
_symmetry.Int_Tables_number                181 
_symmetry.space_group_name_Hall            'P 64 2 (x,y,z+1/6)' 
_symmetry.space_group_name_H-M             'P 64 2 2' 
_symmetry.pdbx_full_space_group_name_H-M   ? 
# 
_exptl.absorpt_coefficient_mu     ? 
_exptl.absorpt_correction_T_max   ? 
_exptl.absorpt_correction_T_min   ? 
_exptl.absorpt_correction_type    ? 
_exptl.absorpt_process_details    ? 
_exptl.entry_id                   8G9M 
_exptl.crystals_number            1 
_exptl.details                    ? 
_exptl.method                     'X-RAY DIFFRACTION' 
_exptl.method_details             ? 
# 
_exptl_crystal.colour                       ? 
_exptl_crystal.density_diffrn               ? 
_exptl_crystal.density_Matthews             4.36 
_exptl_crystal.density_method               ? 
_exptl_crystal.density_percent_sol          71.78 
_exptl_crystal.description                  ? 
_exptl_crystal.F_000                        ? 
_exptl_crystal.id                           1 
_exptl_crystal.preparation                  ? 
_exptl_crystal.size_max                     ? 
_exptl_crystal.size_mid                     ? 
_exptl_crystal.size_min                     ? 
_exptl_crystal.size_rad                     ? 
_exptl_crystal.colour_lustre                ? 
_exptl_crystal.colour_modifier              ? 
_exptl_crystal.colour_primary               ? 
_exptl_crystal.density_meas                 ? 
_exptl_crystal.density_meas_esd             ? 
_exptl_crystal.density_meas_gt              ? 
_exptl_crystal.density_meas_lt              ? 
_exptl_crystal.density_meas_temp            ? 
_exptl_crystal.density_meas_temp_esd        ? 
_exptl_crystal.density_meas_temp_gt         ? 
_exptl_crystal.density_meas_temp_lt         ? 
_exptl_crystal.pdbx_crystal_image_url       ? 
_exptl_crystal.pdbx_crystal_image_format    ? 
_exptl_crystal.pdbx_mosaicity               ? 
_exptl_crystal.pdbx_mosaicity_esd           ? 
_exptl_crystal.pdbx_mosaic_method           ? 
_exptl_crystal.pdbx_mosaic_block_size       ? 
_exptl_crystal.pdbx_mosaic_block_size_esd   ? 
# 
_exptl_crystal_grow.apparatus       ? 
_exptl_crystal_grow.atmosphere      ? 
_exptl_crystal_grow.crystal_id      1 
_exptl_crystal_grow.details         ? 
_exptl_crystal_grow.method          'VAPOR DIFFUSION, HANGING DROP' 
_exptl_crystal_grow.method_ref      ? 
_exptl_crystal_grow.pH              ? 
_exptl_crystal_grow.pressure        ? 
_exptl_crystal_grow.pressure_esd    ? 
_exptl_crystal_grow.seeding         ? 
_exptl_crystal_grow.seeding_ref     ? 
_exptl_crystal_grow.temp_details    ? 
_exptl_crystal_grow.temp_esd        ? 
_exptl_crystal_grow.time            ? 
_exptl_crystal_grow.pdbx_details    
'0.2M Lithium sulfate monohydrate, 0.1 M TRIS hydrochloride pH 8.5, 30%(v/v) Polyethylene glycol 8,000.' 
_exptl_crystal_grow.pdbx_pH_range   ? 
_exptl_crystal_grow.temp            296 
# 
_diffrn.ambient_environment              ? 
_diffrn.ambient_temp                     100 
_diffrn.ambient_temp_details             ? 
_diffrn.ambient_temp_esd                 ? 
_diffrn.crystal_id                       1 
_diffrn.crystal_support                  ? 
_diffrn.crystal_treatment                ? 
_diffrn.details                          ? 
_diffrn.id                               1 
_diffrn.ambient_pressure                 ? 
_diffrn.ambient_pressure_esd             ? 
_diffrn.ambient_pressure_gt              ? 
_diffrn.ambient_pressure_lt              ? 
_diffrn.ambient_temp_gt                  ? 
_diffrn.ambient_temp_lt                  ? 
_diffrn.pdbx_serial_crystal_experiment   N 
# 
_diffrn_detector.details                      ? 
_diffrn_detector.detector                     PIXEL 
_diffrn_detector.diffrn_id                    1 
_diffrn_detector.type                         'DECTRIS EIGER X 16M' 
_diffrn_detector.area_resol_mean              ? 
_diffrn_detector.dtime                        ? 
_diffrn_detector.pdbx_frames_total            ? 
_diffrn_detector.pdbx_collection_time_total   ? 
_diffrn_detector.pdbx_collection_date         2018-02-24 
_diffrn_detector.pdbx_frequency               ? 
_diffrn_detector.id                           ? 
_diffrn_detector.number_of_axes               ? 
# 
_diffrn_radiation.collimation                      ? 
_diffrn_radiation.diffrn_id                        1 
_diffrn_radiation.filter_edge                      ? 
_diffrn_radiation.inhomogeneity                    ? 
_diffrn_radiation.monochromator                    ? 
_diffrn_radiation.polarisn_norm                    ? 
_diffrn_radiation.polarisn_ratio                   ? 
_diffrn_radiation.probe                            ? 
_diffrn_radiation.type                             ? 
_diffrn_radiation.xray_symbol                      ? 
_diffrn_radiation.wavelength_id                    1 
_diffrn_radiation.pdbx_monochromatic_or_laue_m_l   M 
_diffrn_radiation.pdbx_wavelength_list             ? 
_diffrn_radiation.pdbx_wavelength                  ? 
_diffrn_radiation.pdbx_diffrn_protocol             'SINGLE WAVELENGTH' 
_diffrn_radiation.pdbx_analyzer                    ? 
_diffrn_radiation.pdbx_scattering_type             x-ray 
# 
_diffrn_radiation_wavelength.id           1 
_diffrn_radiation_wavelength.wavelength   0.935 
_diffrn_radiation_wavelength.wt           1.0 
# 
_diffrn_source.current                     ? 
_diffrn_source.details                     ? 
_diffrn_source.diffrn_id                   1 
_diffrn_source.power                       ? 
_diffrn_source.size                        ? 
_diffrn_source.source                      SYNCHROTRON 
_diffrn_source.target                      ? 
_diffrn_source.type                        'AUSTRALIAN SYNCHROTRON BEAMLINE MX2' 
_diffrn_source.voltage                     ? 
_diffrn_source.take-off_angle              ? 
_diffrn_source.pdbx_wavelength_list        0.935 
_diffrn_source.pdbx_wavelength             ? 
_diffrn_source.pdbx_synchrotron_beamline   MX2 
_diffrn_source.pdbx_synchrotron_site       'Australian Synchrotron' 
# 
_reflns.B_iso_Wilson_estimate                          56.84 
_reflns.entry_id                                       8G9M 
_reflns.data_reduction_details                         ? 
_reflns.data_reduction_method                          ? 
_reflns.d_resolution_high                              2.5 
_reflns.d_resolution_low                               29.64 
_reflns.details                                        ? 
_reflns.limit_h_max                                    ? 
_reflns.limit_h_min                                    ? 
_reflns.limit_k_max                                    ? 
_reflns.limit_k_min                                    ? 
_reflns.limit_l_max                                    ? 
_reflns.limit_l_min                                    ? 
_reflns.number_all                                     ? 
_reflns.number_obs                                     17882 
_reflns.observed_criterion                             ? 
_reflns.observed_criterion_F_max                       ? 
_reflns.observed_criterion_F_min                       ? 
_reflns.observed_criterion_I_max                       ? 
_reflns.observed_criterion_I_min                       ? 
_reflns.observed_criterion_sigma_F                     ? 
_reflns.observed_criterion_sigma_I                     ? 
_reflns.percent_possible_obs                           99.9 
_reflns.R_free_details                                 ? 
_reflns.Rmerge_F_all                                   ? 
_reflns.Rmerge_F_obs                                   ? 
_reflns.Friedel_coverage                               ? 
_reflns.number_gt                                      ? 
_reflns.threshold_expression                           ? 
_reflns.pdbx_redundancy                                7.9 
_reflns.pdbx_netI_over_av_sigmaI                       ? 
_reflns.pdbx_netI_over_sigmaI                          11.3 
_reflns.pdbx_res_netI_over_av_sigmaI_2                 ? 
_reflns.pdbx_res_netI_over_sigmaI_2                    ? 
_reflns.pdbx_chi_squared                               ? 
_reflns.pdbx_scaling_rejects                           ? 
_reflns.pdbx_d_res_high_opt                            ? 
_reflns.pdbx_d_res_low_opt                             ? 
_reflns.pdbx_d_res_opt_method                          ? 
_reflns.phase_calculation_details                      ? 
_reflns.pdbx_Rrim_I_all                                ? 
_reflns.pdbx_Rpim_I_all                                ? 
_reflns.pdbx_d_opt                                     ? 
_reflns.pdbx_number_measured_all                       ? 
_reflns.pdbx_diffrn_id                                 1 
_reflns.pdbx_ordinal                                   1 
_reflns.pdbx_CC_half                                   0.999 
_reflns.pdbx_CC_star                                   ? 
_reflns.pdbx_R_split                                   ? 
_reflns.pdbx_Rmerge_I_obs                              ? 
_reflns.pdbx_Rmerge_I_all                              ? 
_reflns.pdbx_Rsym_value                                ? 
_reflns.pdbx_CC_split_method                           ? 
_reflns.pdbx_aniso_diffraction_limit_axis_1_ortho[1]   ? 
_reflns.pdbx_aniso_diffraction_limit_axis_1_ortho[2]   ? 
_reflns.pdbx_aniso_diffraction_limit_axis_1_ortho[3]   ? 
_reflns.pdbx_aniso_diffraction_limit_axis_2_ortho[1]   ? 
_reflns.pdbx_aniso_diffraction_limit_axis_2_ortho[2]   ? 
_reflns.pdbx_aniso_diffraction_limit_axis_2_ortho[3]   ? 
_reflns.pdbx_aniso_diffraction_limit_axis_3_ortho[1]   ? 
_reflns.pdbx_aniso_diffraction_limit_axis_3_ortho[2]   ? 
_reflns.pdbx_aniso_diffraction_limit_axis_3_ortho[3]   ? 
_reflns.pdbx_aniso_diffraction_limit_1                 ? 
_reflns.pdbx_aniso_diffraction_limit_2                 ? 
_reflns.pdbx_aniso_diffraction_limit_3                 ? 
_reflns.pdbx_aniso_B_tensor_eigenvector_1_ortho[1]     ? 
_reflns.pdbx_aniso_B_tensor_eigenvector_1_ortho[2]     ? 
_reflns.pdbx_aniso_B_tensor_eigenvector_1_ortho[3]     ? 
_reflns.pdbx_aniso_B_tensor_eigenvector_2_ortho[1]     ? 
_reflns.pdbx_aniso_B_tensor_eigenvector_2_ortho[2]     ? 
_reflns.pdbx_aniso_B_tensor_eigenvector_2_ortho[3]     ? 
_reflns.pdbx_aniso_B_tensor_eigenvector_3_ortho[1]     ? 
_reflns.pdbx_aniso_B_tensor_eigenvector_3_ortho[2]     ? 
_reflns.pdbx_aniso_B_tensor_eigenvector_3_ortho[3]     ? 
_reflns.pdbx_aniso_B_tensor_eigenvalue_1               ? 
_reflns.pdbx_aniso_B_tensor_eigenvalue_2               ? 
_reflns.pdbx_aniso_B_tensor_eigenvalue_3               ? 
_reflns.pdbx_orthogonalization_convention              ? 
_reflns.pdbx_percent_possible_ellipsoidal              ? 
_reflns.pdbx_percent_possible_spherical                ? 
_reflns.pdbx_percent_possible_ellipsoidal_anomalous    ? 
_reflns.pdbx_percent_possible_spherical_anomalous      ? 
_reflns.pdbx_redundancy_anomalous                      ? 
_reflns.pdbx_CC_half_anomalous                         ? 
_reflns.pdbx_absDiff_over_sigma_anomalous              ? 
_reflns.pdbx_percent_possible_anomalous                ? 
_reflns.pdbx_observed_signal_threshold                 ? 
_reflns.pdbx_signal_type                               ? 
_reflns.pdbx_signal_details                            ? 
_reflns.pdbx_signal_software_id                        ? 
# 
_reflns_shell.d_res_high                                    2.5 
_reflns_shell.d_res_low                                     2.6 
_reflns_shell.meanI_over_sigI_all                           ? 
_reflns_shell.meanI_over_sigI_obs                           2 
_reflns_shell.number_measured_all                           ? 
_reflns_shell.number_measured_obs                           ? 
_reflns_shell.number_possible                               ? 
_reflns_shell.number_unique_all                             ? 
_reflns_shell.number_unique_obs                             1979 
_reflns_shell.percent_possible_obs                          ? 
_reflns_shell.Rmerge_F_all                                  ? 
_reflns_shell.Rmerge_F_obs                                  ? 
_reflns_shell.meanI_over_sigI_gt                            ? 
_reflns_shell.meanI_over_uI_all                             ? 
_reflns_shell.meanI_over_uI_gt                              ? 
_reflns_shell.number_measured_gt                            ? 
_reflns_shell.number_unique_gt                              ? 
_reflns_shell.percent_possible_gt                           ? 
_reflns_shell.Rmerge_F_gt                                   ? 
_reflns_shell.Rmerge_I_gt                                   ? 
_reflns_shell.pdbx_redundancy                               ? 
_reflns_shell.pdbx_chi_squared                              ? 
_reflns_shell.pdbx_netI_over_sigmaI_all                     ? 
_reflns_shell.pdbx_netI_over_sigmaI_obs                     ? 
_reflns_shell.pdbx_Rrim_I_all                               ? 
_reflns_shell.pdbx_Rpim_I_all                               ? 
_reflns_shell.pdbx_rejects                                  ? 
_reflns_shell.pdbx_ordinal                                  1 
_reflns_shell.pdbx_diffrn_id                                1 
_reflns_shell.pdbx_CC_half                                  0.896 
_reflns_shell.pdbx_CC_star                                  ? 
_reflns_shell.pdbx_R_split                                  ? 
_reflns_shell.percent_possible_all                          ? 
_reflns_shell.Rmerge_I_all                                  ? 
_reflns_shell.Rmerge_I_obs                                  ? 
_reflns_shell.pdbx_Rsym_value                               ? 
_reflns_shell.pdbx_percent_possible_ellipsoidal             ? 
_reflns_shell.pdbx_percent_possible_spherical               ? 
_reflns_shell.pdbx_percent_possible_ellipsoidal_anomalous   ? 
_reflns_shell.pdbx_percent_possible_spherical_anomalous     ? 
_reflns_shell.pdbx_redundancy_anomalous                     ? 
_reflns_shell.pdbx_CC_half_anomalous                        ? 
_reflns_shell.pdbx_absDiff_over_sigma_anomalous             ? 
_reflns_shell.pdbx_percent_possible_anomalous               ? 
# 
_refine.aniso_B[1][1]                            ? 
_refine.aniso_B[1][2]                            ? 
_refine.aniso_B[1][3]                            ? 
_refine.aniso_B[2][2]                            ? 
_refine.aniso_B[2][3]                            ? 
_refine.aniso_B[3][3]                            ? 
_refine.B_iso_max                                ? 
_refine.B_iso_mean                               72.08 
_refine.B_iso_min                                ? 
_refine.correlation_coeff_Fo_to_Fc               ? 
_refine.correlation_coeff_Fo_to_Fc_free          ? 
_refine.details                                  ? 
_refine.diff_density_max                         ? 
_refine.diff_density_max_esd                     ? 
_refine.diff_density_min                         ? 
_refine.diff_density_min_esd                     ? 
_refine.diff_density_rms                         ? 
_refine.diff_density_rms_esd                     ? 
_refine.entry_id                                 8G9M 
_refine.pdbx_refine_id                           'X-RAY DIFFRACTION' 
_refine.ls_abs_structure_details                 ? 
_refine.ls_abs_structure_Flack                   ? 
_refine.ls_abs_structure_Flack_esd               ? 
_refine.ls_abs_structure_Rogers                  ? 
_refine.ls_abs_structure_Rogers_esd              ? 
_refine.ls_d_res_high                            2.50 
_refine.ls_d_res_low                             29.64 
_refine.ls_extinction_coef                       ? 
_refine.ls_extinction_coef_esd                   ? 
_refine.ls_extinction_expression                 ? 
_refine.ls_extinction_method                     ? 
_refine.ls_goodness_of_fit_all                   ? 
_refine.ls_goodness_of_fit_all_esd               ? 
_refine.ls_goodness_of_fit_obs                   ? 
_refine.ls_goodness_of_fit_obs_esd               ? 
_refine.ls_hydrogen_treatment                    ? 
_refine.ls_matrix_type                           ? 
_refine.ls_number_constraints                    ? 
_refine.ls_number_parameters                     ? 
_refine.ls_number_reflns_all                     ? 
_refine.ls_number_reflns_obs                     17755 
_refine.ls_number_reflns_R_free                  874 
_refine.ls_number_reflns_R_work                  16881 
_refine.ls_number_restraints                     ? 
_refine.ls_percent_reflns_obs                    99.09 
_refine.ls_percent_reflns_R_free                 4.92 
_refine.ls_R_factor_all                          ? 
_refine.ls_R_factor_obs                          0.2500 
_refine.ls_R_factor_R_free                       0.2652 
_refine.ls_R_factor_R_free_error                 ? 
_refine.ls_R_factor_R_free_error_details         ? 
_refine.ls_R_factor_R_work                       0.2492 
_refine.ls_R_Fsqd_factor_obs                     ? 
_refine.ls_R_I_factor_obs                        ? 
_refine.ls_redundancy_reflns_all                 ? 
_refine.ls_redundancy_reflns_obs                 ? 
_refine.ls_restrained_S_all                      ? 
_refine.ls_restrained_S_obs                      ? 
_refine.ls_shift_over_esd_max                    ? 
_refine.ls_shift_over_esd_mean                   ? 
_refine.ls_structure_factor_coef                 ? 
_refine.ls_weighting_details                     ? 
_refine.ls_weighting_scheme                      ? 
_refine.ls_wR_factor_all                         ? 
_refine.ls_wR_factor_obs                         ? 
_refine.ls_wR_factor_R_free                      ? 
_refine.ls_wR_factor_R_work                      ? 
_refine.occupancy_max                            ? 
_refine.occupancy_min                            ? 
_refine.solvent_model_details                    'FLAT BULK SOLVENT MODEL' 
_refine.solvent_model_param_bsol                 ? 
_refine.solvent_model_param_ksol                 ? 
_refine.pdbx_R_complete                          ? 
_refine.ls_R_factor_gt                           ? 
_refine.ls_goodness_of_fit_gt                    ? 
_refine.ls_goodness_of_fit_ref                   ? 
_refine.ls_shift_over_su_max                     ? 
_refine.ls_shift_over_su_max_lt                  ? 
_refine.ls_shift_over_su_mean                    ? 
_refine.ls_shift_over_su_mean_lt                 ? 
_refine.pdbx_ls_sigma_I                          ? 
_refine.pdbx_ls_sigma_F                          1.34 
_refine.pdbx_ls_sigma_Fsqd                       ? 
_refine.pdbx_data_cutoff_high_absF               ? 
_refine.pdbx_data_cutoff_high_rms_absF           ? 
_refine.pdbx_data_cutoff_low_absF                ? 
_refine.pdbx_isotropic_thermal_model             ? 
_refine.pdbx_ls_cross_valid_method               'FREE R-VALUE' 
_refine.pdbx_method_to_determine_struct          'MOLECULAR REPLACEMENT' 
_refine.pdbx_starting_model                      6NRP 
_refine.pdbx_stereochemistry_target_values       'CDL v1.2' 
_refine.pdbx_R_Free_selection_details            ? 
_refine.pdbx_stereochem_target_val_spec_case     ? 
_refine.pdbx_overall_ESU_R                       ? 
_refine.pdbx_overall_ESU_R_Free                  ? 
_refine.pdbx_solvent_vdw_probe_radii             1.1100 
_refine.pdbx_solvent_ion_probe_radii             ? 
_refine.pdbx_solvent_shrinkage_radii             0.9000 
_refine.pdbx_real_space_R                        ? 
_refine.pdbx_density_correlation                 ? 
_refine.pdbx_pd_number_of_powder_patterns        ? 
_refine.pdbx_pd_number_of_points                 ? 
_refine.pdbx_pd_meas_number_of_points            ? 
_refine.pdbx_pd_proc_ls_prof_R_factor            ? 
_refine.pdbx_pd_proc_ls_prof_wR_factor           ? 
_refine.pdbx_pd_Marquardt_correlation_coeff      ? 
_refine.pdbx_pd_Fsqrd_R_factor                   ? 
_refine.pdbx_pd_ls_matrix_band_width             ? 
_refine.pdbx_overall_phase_error                 35.1524 
_refine.pdbx_overall_SU_R_free_Cruickshank_DPI   ? 
_refine.pdbx_overall_SU_R_free_Blow_DPI          ? 
_refine.pdbx_overall_SU_R_Blow_DPI               ? 
_refine.pdbx_TLS_residual_ADP_flag               ? 
_refine.pdbx_diffrn_id                           1 
_refine.overall_SU_B                             ? 
_refine.overall_SU_ML                            0.4227 
_refine.overall_SU_R_Cruickshank_DPI             ? 
_refine.overall_SU_R_free                        ? 
_refine.overall_FOM_free_R_set                   ? 
_refine.overall_FOM_work_R_set                   ? 
_refine.pdbx_average_fsc_overall                 ? 
_refine.pdbx_average_fsc_work                    ? 
_refine.pdbx_average_fsc_free                    ? 
# 
_refine_hist.pdbx_refine_id                   'X-RAY DIFFRACTION' 
_refine_hist.cycle_id                         LAST 
_refine_hist.details                          ? 
_refine_hist.d_res_high                       2.50 
_refine_hist.d_res_low                        29.64 
_refine_hist.number_atoms_solvent             3 
_refine_hist.number_atoms_total               1541 
_refine_hist.number_reflns_all                ? 
_refine_hist.number_reflns_obs                ? 
_refine_hist.number_reflns_R_free             ? 
_refine_hist.number_reflns_R_work             ? 
_refine_hist.R_factor_all                     ? 
_refine_hist.R_factor_obs                     ? 
_refine_hist.R_factor_R_free                  ? 
_refine_hist.R_factor_R_work                  ? 
_refine_hist.pdbx_number_residues_total       ? 
_refine_hist.pdbx_B_iso_mean_ligand           ? 
_refine_hist.pdbx_B_iso_mean_solvent          ? 
_refine_hist.pdbx_number_atoms_protein        1538 
_refine_hist.pdbx_number_atoms_nucleic_acid   0 
_refine_hist.pdbx_number_atoms_ligand         0 
_refine_hist.pdbx_number_atoms_lipid          ? 
_refine_hist.pdbx_number_atoms_carb           ? 
_refine_hist.pdbx_pseudo_atom_details         ? 
# 
loop_
_refine_ls_restr.pdbx_refine_id 
_refine_ls_restr.criterion 
_refine_ls_restr.dev_ideal 
_refine_ls_restr.dev_ideal_target 
_refine_ls_restr.number 
_refine_ls_restr.rejects 
_refine_ls_restr.type 
_refine_ls_restr.weight 
_refine_ls_restr.pdbx_restraint_function 
'X-RAY DIFFRACTION' ? 0.0021 ? 1560 ? f_bond_d           ? ? 
'X-RAY DIFFRACTION' ? 0.5084 ? 2123 ? f_angle_d          ? ? 
'X-RAY DIFFRACTION' ? 0.0451 ? 256  ? f_chiral_restr     ? ? 
'X-RAY DIFFRACTION' ? 0.0041 ? 277  ? f_plane_restr      ? ? 
'X-RAY DIFFRACTION' ? 2.6957 ? 921  ? f_dihedral_angle_d ? ? 
# 
loop_
_refine_ls_shell.pdbx_refine_id 
_refine_ls_shell.d_res_high 
_refine_ls_shell.d_res_low 
_refine_ls_shell.number_reflns_all 
_refine_ls_shell.number_reflns_obs 
_refine_ls_shell.number_reflns_R_free 
_refine_ls_shell.number_reflns_R_work 
_refine_ls_shell.percent_reflns_obs 
_refine_ls_shell.percent_reflns_R_free 
_refine_ls_shell.R_factor_all 
_refine_ls_shell.R_factor_obs 
_refine_ls_shell.R_factor_R_free_error 
_refine_ls_shell.R_factor_R_work 
_refine_ls_shell.redundancy_reflns_all 
_refine_ls_shell.redundancy_reflns_obs 
_refine_ls_shell.wR_factor_all 
_refine_ls_shell.wR_factor_obs 
_refine_ls_shell.wR_factor_R_free 
_refine_ls_shell.wR_factor_R_work 
_refine_ls_shell.pdbx_R_complete 
_refine_ls_shell.pdbx_total_number_of_bins_used 
_refine_ls_shell.pdbx_phase_error 
_refine_ls_shell.pdbx_fsc_work 
_refine_ls_shell.pdbx_fsc_free 
_refine_ls_shell.R_factor_R_free 
'X-RAY DIFFRACTION' 2.50 2.66  . . 130 2751 99.04 . . . . 0.4386 . . . . . . . . . . . 0.4999 
'X-RAY DIFFRACTION' 2.66 2.86  . . 131 2742 99.07 . . . . 0.3641 . . . . . . . . . . . 0.3830 
'X-RAY DIFFRACTION' 2.86 3.15  . . 168 2740 98.95 . . . . 0.3174 . . . . . . . . . . . 0.3103 
'X-RAY DIFFRACTION' 3.15 3.60  . . 141 2797 99.09 . . . . 0.2627 . . . . . . . . . . . 0.2786 
'X-RAY DIFFRACTION' 3.60 4.54  . . 151 2831 99.40 . . . . 0.2142 . . . . . . . . . . . 0.2462 
'X-RAY DIFFRACTION' 4.54 29.64 . . 153 3020 99.00 . . . . 0.2058 . . . . . . . . . . . 0.2149 
# 
_struct.entry_id                     8G9M 
_struct.title                        'Acinetobacter_baumannii short-chain dehydrogenase' 
_struct.pdbx_model_details           ? 
_struct.pdbx_formula_weight          ? 
_struct.pdbx_formula_weight_method   ? 
_struct.pdbx_model_type_details      ? 
_struct.pdbx_CASP_flag               N 
# 
_struct_keywords.entry_id        8G9M 
_struct_keywords.text            'short-chain dehydrogenase, OXIDOREDUCTASE' 
_struct_keywords.pdbx_keywords   OXIDOREDUCTASE 
# 
loop_
_struct_asym.id 
_struct_asym.pdbx_blank_PDB_chainid_flag 
_struct_asym.pdbx_modified 
_struct_asym.entity_id 
_struct_asym.details 
A N N 1 ? 
B N N 2 ? 
# 
_struct_ref.id                         1 
_struct_ref.db_name                    UNP 
_struct_ref.db_code                    A0A0D5YHJ0_ACIBA 
_struct_ref.pdbx_db_accession          A0A0D5YHJ0 
_struct_ref.pdbx_db_isoform            ? 
_struct_ref.entity_id                  1 
_struct_ref.pdbx_seq_one_letter_code   
;MKLDLQNKIAVVSGSTSGIGLGIAKGLASAGATVVVVGRKQAGVDEAIAHIRQSVPEASLRGVDADLTTEQGAAALFAAE
PKADILVNNLGIFNDEDFFSVPDEEWMRFYQVNVLSGVRLARHYAPSMVEQGWGRIIFISSESGVAIPGDMINYGVTKSA
NLAVSHGLAKRLAGTGVTVNAVLPGPTFTDGLENMLADAAAKAGRSTRDQADEFVKVLRPSSIIQRAAEVDEVANMVVYI
ASPLSSATSGAALRVDGGVVDTLV
;
_struct_ref.pdbx_align_begin           1 
# 
_struct_ref_seq.align_id                      1 
_struct_ref_seq.ref_id                        1 
_struct_ref_seq.pdbx_PDB_id_code              8G9M 
_struct_ref_seq.pdbx_strand_id                A 
_struct_ref_seq.seq_align_beg                 4 
_struct_ref_seq.pdbx_seq_align_beg_ins_code   ? 
_struct_ref_seq.seq_align_end                 267 
_struct_ref_seq.pdbx_seq_align_end_ins_code   ? 
_struct_ref_seq.pdbx_db_accession             A0A0D5YHJ0 
_struct_ref_seq.db_align_beg                  1 
_struct_ref_seq.pdbx_db_align_beg_ins_code    ? 
_struct_ref_seq.db_align_end                  264 
_struct_ref_seq.pdbx_db_align_end_ins_code    ? 
_struct_ref_seq.pdbx_auth_seq_align_beg       1 
_struct_ref_seq.pdbx_auth_seq_align_end       264 
# 
loop_
_struct_ref_seq_dif.align_id 
_struct_ref_seq_dif.pdbx_pdb_id_code 
_struct_ref_seq_dif.mon_id 
_struct_ref_seq_dif.pdbx_pdb_strand_id 
_struct_ref_seq_dif.seq_num 
_struct_ref_seq_dif.pdbx_pdb_ins_code 
_struct_ref_seq_dif.pdbx_seq_db_name 
_struct_ref_seq_dif.pdbx_seq_db_accession_code 
_struct_ref_seq_dif.db_mon_id 
_struct_ref_seq_dif.pdbx_seq_db_seq_num 
_struct_ref_seq_dif.details 
_struct_ref_seq_dif.pdbx_auth_seq_num 
_struct_ref_seq_dif.pdbx_ordinal 
1 8G9M SER A 1 ? UNP A0A0D5YHJ0 ? ? 'expression tag' -2 1 
1 8G9M ASN A 2 ? UNP A0A0D5YHJ0 ? ? 'expression tag' -1 2 
1 8G9M ILE A 3 ? UNP A0A0D5YHJ0 ? ? 'expression tag' 0  3 
# 
_pdbx_struct_assembly.id                   1 
_pdbx_struct_assembly.details              author_and_software_defined_assembly 
_pdbx_struct_assembly.method_details       PISA 
_pdbx_struct_assembly.oligomeric_details   tetrameric 
_pdbx_struct_assembly.oligomeric_count     4 
# 
loop_
_pdbx_struct_assembly_prop.biol_id 
_pdbx_struct_assembly_prop.type 
_pdbx_struct_assembly_prop.value 
_pdbx_struct_assembly_prop.details 
1 'ABSA (A^2)' 11290 ? 
1 MORE         -68   ? 
1 'SSA (A^2)'  28930 ? 
# 
_pdbx_struct_assembly_gen.assembly_id       1 
_pdbx_struct_assembly_gen.oper_expression   1,2,3,4 
_pdbx_struct_assembly_gen.asym_id_list      A,B 
# 
_pdbx_struct_assembly_auth_evidence.id                     1 
_pdbx_struct_assembly_auth_evidence.assembly_id            1 
_pdbx_struct_assembly_auth_evidence.experimental_support   'gel filtration' 
_pdbx_struct_assembly_auth_evidence.details                ? 
# 
loop_
_pdbx_struct_oper_list.id 
_pdbx_struct_oper_list.type 
_pdbx_struct_oper_list.name 
_pdbx_struct_oper_list.symmetry_operation 
_pdbx_struct_oper_list.matrix[1][1] 
_pdbx_struct_oper_list.matrix[1][2] 
_pdbx_struct_oper_list.matrix[1][3] 
_pdbx_struct_oper_list.vector[1] 
_pdbx_struct_oper_list.matrix[2][1] 
_pdbx_struct_oper_list.matrix[2][2] 
_pdbx_struct_oper_list.matrix[2][3] 
_pdbx_struct_oper_list.vector[2] 
_pdbx_struct_oper_list.matrix[3][1] 
_pdbx_struct_oper_list.matrix[3][2] 
_pdbx_struct_oper_list.matrix[3][3] 
_pdbx_struct_oper_list.vector[3] 
1 'identity operation'         1_555  x,y,z         1.0000000000  0.0000000000  0.0000000000  0.0000000000  0.0000000000  1.0000000000  0.0000000000  0.0000000000   0.0000000000  0.0000000000  1.0000000000  0.0000000000   
2 'crystal symmetry operation' 4_655  -x+1,-y,z     -0.3622158377 0.5387480022  -0.7606249254 12.1003908676 0.5387480022  -0.5449096623 -0.6425138521 -27.9095079120 -0.7606249254 -0.6425138521 -0.0928745001 -9.6220275344  
3 'crystal symmetry operation' 8_556  x-y,-y,-z+1   0.1796019979  -0.0076049593 0.9837099608  28.8903171729 -0.0076049593 -0.9999509704 -0.0063420325 -11.5900631072 0.9837099608  -0.0063420325 -0.1796510275 -34.7330200764 
4 'crystal symmetry operation' 11_656 -x+y+1,y,-z+1 -0.8173861603 -0.5311430428 -0.2230850354 21.8105378927 -0.5311430428 0.5448606327  0.6488558846  16.2870766442  -0.2230850354 0.6488558846  -0.7274744724 -20.9241349102 
# 
loop_
_struct_conf.conf_type_id 
_struct_conf.id 
_struct_conf.pdbx_PDB_helix_id 
_struct_conf.beg_label_comp_id 
_struct_conf.beg_label_asym_id 
_struct_conf.beg_label_seq_id 
_struct_conf.pdbx_beg_PDB_ins_code 
_struct_conf.end_label_comp_id 
_struct_conf.end_label_asym_id 
_struct_conf.end_label_seq_id 
_struct_conf.pdbx_end_PDB_ins_code 
_struct_conf.beg_auth_comp_id 
_struct_conf.beg_auth_asym_id 
_struct_conf.beg_auth_seq_id 
_struct_conf.end_auth_comp_id 
_struct_conf.end_auth_asym_id 
_struct_conf.end_auth_seq_id 
_struct_conf.pdbx_PDB_helix_class 
_struct_conf.details 
_struct_conf.pdbx_PDB_helix_length 
HELX_P HELX_P1 AA1 SER A 20  ? ALA A 33  ? SER A 17  ALA A 30  1 ? 14 
HELX_P HELX_P2 AA2 LYS A 43  ? VAL A 58  ? LYS A 40  VAL A 55  1 ? 16 
HELX_P HELX_P3 AA3 THR A 72  ? GLU A 83  ? THR A 69  GLU A 80  1 ? 12 
HELX_P HELX_P4 AA4 PRO A 105 ? VAL A 117 ? PRO A 102 VAL A 114 1 ? 13 
HELX_P HELX_P5 AA5 VAL A 117 ? GLY A 135 ? VAL A 114 GLY A 132 1 ? 19 
HELX_P HELX_P6 AA6 SER A 144 ? VAL A 148 ? SER A 141 VAL A 145 5 ? 5  
HELX_P HELX_P7 AA7 MET A 154 ? ALA A 176 ? MET A 151 ALA A 173 1 ? 23 
HELX_P HELX_P8 AA8 VAL A 233 ? SER A 245 ? VAL A 230 SER A 242 1 ? 13 
HELX_P HELX_P9 AA9 PRO A 246 ? THR A 251 ? PRO A 243 THR A 248 5 ? 6  
# 
_struct_conf_type.id          HELX_P 
_struct_conf_type.criteria    ? 
_struct_conf_type.reference   ? 
# 
_struct_sheet.id               AA1 
_struct_sheet.type             ? 
_struct_sheet.number_strands   7 
_struct_sheet.details          ? 
# 
loop_
_struct_sheet_order.sheet_id 
_struct_sheet_order.range_id_1 
_struct_sheet_order.range_id_2 
_struct_sheet_order.offset 
_struct_sheet_order.sense 
AA1 1 2 ? parallel 
AA1 2 3 ? parallel 
AA1 3 4 ? parallel 
AA1 4 5 ? parallel 
AA1 5 6 ? parallel 
AA1 6 7 ? parallel 
# 
loop_
_struct_sheet_range.sheet_id 
_struct_sheet_range.id 
_struct_sheet_range.beg_label_comp_id 
_struct_sheet_range.beg_label_asym_id 
_struct_sheet_range.beg_label_seq_id 
_struct_sheet_range.pdbx_beg_PDB_ins_code 
_struct_sheet_range.end_label_comp_id 
_struct_sheet_range.end_label_asym_id 
_struct_sheet_range.end_label_seq_id 
_struct_sheet_range.pdbx_end_PDB_ins_code 
_struct_sheet_range.beg_auth_comp_id 
_struct_sheet_range.beg_auth_asym_id 
_struct_sheet_range.beg_auth_seq_id 
_struct_sheet_range.end_auth_comp_id 
_struct_sheet_range.end_auth_asym_id 
_struct_sheet_range.end_auth_seq_id 
AA1 1 SER A 62  ? ASP A 67  ? SER A 59  ASP A 64  
AA1 2 THR A 36  ? GLY A 41  ? THR A 33  GLY A 38  
AA1 3 ILE A 12  ? SER A 16  ? ILE A 9   SER A 13  
AA1 4 ILE A 88  ? ASN A 91  ? ILE A 85  ASN A 88  
AA1 5 GLY A 137 ? ILE A 142 ? GLY A 134 ILE A 139 
AA1 6 VAL A 180 ? PRO A 187 ? VAL A 177 PRO A 184 
AA1 7 ALA A 255 ? VAL A 258 ? ALA A 252 VAL A 255 
# 
loop_
_pdbx_struct_sheet_hbond.sheet_id 
_pdbx_struct_sheet_hbond.range_id_1 
_pdbx_struct_sheet_hbond.range_id_2 
_pdbx_struct_sheet_hbond.range_1_label_atom_id 
_pdbx_struct_sheet_hbond.range_1_label_comp_id 
_pdbx_struct_sheet_hbond.range_1_label_asym_id 
_pdbx_struct_sheet_hbond.range_1_label_seq_id 
_pdbx_struct_sheet_hbond.range_1_PDB_ins_code 
_pdbx_struct_sheet_hbond.range_1_auth_atom_id 
_pdbx_struct_sheet_hbond.range_1_auth_comp_id 
_pdbx_struct_sheet_hbond.range_1_auth_asym_id 
_pdbx_struct_sheet_hbond.range_1_auth_seq_id 
_pdbx_struct_sheet_hbond.range_2_label_atom_id 
_pdbx_struct_sheet_hbond.range_2_label_comp_id 
_pdbx_struct_sheet_hbond.range_2_label_asym_id 
_pdbx_struct_sheet_hbond.range_2_label_seq_id 
_pdbx_struct_sheet_hbond.range_2_PDB_ins_code 
_pdbx_struct_sheet_hbond.range_2_auth_atom_id 
_pdbx_struct_sheet_hbond.range_2_auth_comp_id 
_pdbx_struct_sheet_hbond.range_2_auth_asym_id 
_pdbx_struct_sheet_hbond.range_2_auth_seq_id 
AA1 1 2 O ARG A 64  ? O ARG A 61  N VAL A 39  ? N VAL A 36  
AA1 2 3 O THR A 36  ? O THR A 33  N ALA A 13  ? N ALA A 10  
AA1 3 4 N VAL A 14  ? N VAL A 11  O ILE A 88  ? O ILE A 85  
AA1 4 5 N ASN A 91  ? N ASN A 88  O ILE A 142 ? O ILE A 139 
AA1 5 6 N PHE A 141 ? N PHE A 138 O VAL A 185 ? O VAL A 182 
AA1 6 7 N LEU A 186 ? N LEU A 183 O LEU A 256 ? O LEU A 253 
# 
_pdbx_validate_symm_contact.id                1 
_pdbx_validate_symm_contact.PDB_model_num     1 
_pdbx_validate_symm_contact.auth_atom_id_1    OE1 
_pdbx_validate_symm_contact.auth_asym_id_1    A 
_pdbx_validate_symm_contact.auth_comp_id_1    GLU 
_pdbx_validate_symm_contact.auth_seq_id_1     232 
_pdbx_validate_symm_contact.PDB_ins_code_1    ? 
_pdbx_validate_symm_contact.label_alt_id_1    ? 
_pdbx_validate_symm_contact.site_symmetry_1   1_555 
_pdbx_validate_symm_contact.auth_atom_id_2    OG 
_pdbx_validate_symm_contact.auth_asym_id_2    A 
_pdbx_validate_symm_contact.auth_comp_id_2    SER 
_pdbx_validate_symm_contact.auth_seq_id_2     246 
_pdbx_validate_symm_contact.PDB_ins_code_2    ? 
_pdbx_validate_symm_contact.label_alt_id_2    ? 
_pdbx_validate_symm_contact.site_symmetry_2   4_655 
_pdbx_validate_symm_contact.dist              2.17 
# 
_pdbx_validate_torsion.id              1 
_pdbx_validate_torsion.PDB_model_num   1 
_pdbx_validate_torsion.auth_comp_id    SER 
_pdbx_validate_torsion.auth_asym_id    A 
_pdbx_validate_torsion.auth_seq_id     245 
_pdbx_validate_torsion.PDB_ins_code    ? 
_pdbx_validate_torsion.label_alt_id    ? 
_pdbx_validate_torsion.phi             -74.03 
_pdbx_validate_torsion.psi             25.71 
# 
loop_
_space_group_symop.id 
_space_group_symop.operation_xyz 
1  x,y,z          
2  x-y,x,z+2/3    
3  y,-x+y,z+1/3   
4  -y,x-y,z+1/3   
5  -x+y,-x,z+2/3  
6  x-y,-y,-z      
7  -x,-x+y,-z+2/3 
8  -x,-y,z        
9  y,x,-z+1/3     
10 -y,-x,-z+1/3   
11 -x+y,y,-z      
12 x,x-y,-z+2/3   
# 
loop_
_pdbx_unobs_or_zero_occ_residues.id 
_pdbx_unobs_or_zero_occ_residues.PDB_model_num 
_pdbx_unobs_or_zero_occ_residues.polymer_flag 
_pdbx_unobs_or_zero_occ_residues.occupancy_flag 
_pdbx_unobs_or_zero_occ_residues.auth_asym_id 
_pdbx_unobs_or_zero_occ_residues.auth_comp_id 
_pdbx_unobs_or_zero_occ_residues.auth_seq_id 
_pdbx_unobs_or_zero_occ_residues.PDB_ins_code 
_pdbx_unobs_or_zero_occ_residues.label_asym_id 
_pdbx_unobs_or_zero_occ_residues.label_comp_id 
_pdbx_unobs_or_zero_occ_residues.label_seq_id 
1  1 Y 1 A SER -2  ? A SER 1   
2  1 Y 1 A ASN -1  ? A ASN 2   
3  1 Y 1 A PRO 186 ? A PRO 189 
4  1 Y 1 A THR 187 ? A THR 190 
5  1 Y 1 A PHE 188 ? A PHE 191 
6  1 Y 1 A THR 189 ? A THR 192 
7  1 Y 1 A ASP 190 ? A ASP 193 
8  1 Y 1 A GLY 191 ? A GLY 194 
9  1 Y 1 A LEU 192 ? A LEU 195 
10 1 Y 1 A GLU 193 ? A GLU 196 
11 1 Y 1 A ASN 194 ? A ASN 197 
12 1 Y 1 A MET 195 ? A MET 198 
13 1 Y 1 A LEU 196 ? A LEU 199 
14 1 Y 1 A ALA 197 ? A ALA 200 
15 1 Y 1 A ASP 198 ? A ASP 201 
16 1 Y 1 A ALA 199 ? A ALA 202 
17 1 Y 1 A ALA 200 ? A ALA 203 
18 1 Y 1 A ALA 201 ? A ALA 204 
19 1 Y 1 A LYS 202 ? A LYS 205 
20 1 Y 1 A ALA 203 ? A ALA 206 
21 1 Y 1 A GLY 204 ? A GLY 207 
22 1 Y 1 A ARG 205 ? A ARG 208 
23 1 Y 1 A SER 206 ? A SER 209 
24 1 Y 1 A THR 207 ? A THR 210 
25 1 Y 1 A ARG 208 ? A ARG 211 
26 1 Y 1 A ASP 209 ? A ASP 212 
27 1 Y 1 A GLN 210 ? A GLN 213 
28 1 Y 1 A ALA 211 ? A ALA 214 
29 1 Y 1 A ASP 212 ? A ASP 215 
30 1 Y 1 A GLU 213 ? A GLU 216 
31 1 Y 1 A PHE 214 ? A PHE 217 
32 1 Y 1 A VAL 215 ? A VAL 218 
33 1 Y 1 A LYS 216 ? A LYS 219 
34 1 Y 1 A VAL 217 ? A VAL 220 
35 1 Y 1 A LEU 218 ? A LEU 221 
36 1 Y 1 A ARG 219 ? A ARG 222 
37 1 Y 1 A PRO 220 ? A PRO 223 
38 1 Y 1 A SER 221 ? A SER 224 
39 1 Y 1 A SER 222 ? A SER 225 
40 1 Y 1 A ILE 223 ? A ILE 226 
41 1 Y 1 A ILE 224 ? A ILE 227 
42 1 Y 1 A GLN 225 ? A GLN 228 
43 1 Y 1 A ARG 226 ? A ARG 229 
44 1 Y 1 A ALA 227 ? A ALA 230 
45 1 Y 1 A ALA 228 ? A ALA 231 
46 1 Y 1 A GLY 258 ? A GLY 261 
47 1 Y 1 A VAL 259 ? A VAL 262 
48 1 Y 1 A VAL 260 ? A VAL 263 
49 1 Y 1 A ASP 261 ? A ASP 264 
50 1 Y 1 A THR 262 ? A THR 265 
51 1 Y 1 A LEU 263 ? A LEU 266 
52 1 Y 1 A VAL 264 ? A VAL 267 
# 
loop_
_chem_comp_atom.comp_id 
_chem_comp_atom.atom_id 
_chem_comp_atom.type_symbol 
_chem_comp_atom.pdbx_aromatic_flag 
_chem_comp_atom.pdbx_stereo_config 
_chem_comp_atom.pdbx_ordinal 
ALA N    N N N 1   
ALA CA   C N S 2   
ALA C    C N N 3   
ALA O    O N N 4   
ALA CB   C N N 5   
ALA OXT  O N N 6   
ALA H    H N N 7   
ALA H2   H N N 8   
ALA HA   H N N 9   
ALA HB1  H N N 10  
ALA HB2  H N N 11  
ALA HB3  H N N 12  
ALA HXT  H N N 13  
ARG N    N N N 14  
ARG CA   C N S 15  
ARG C    C N N 16  
ARG O    O N N 17  
ARG CB   C N N 18  
ARG CG   C N N 19  
ARG CD   C N N 20  
ARG NE   N N N 21  
ARG CZ   C N N 22  
ARG NH1  N N N 23  
ARG NH2  N N N 24  
ARG OXT  O N N 25  
ARG H    H N N 26  
ARG H2   H N N 27  
ARG HA   H N N 28  
ARG HB2  H N N 29  
ARG HB3  H N N 30  
ARG HG2  H N N 31  
ARG HG3  H N N 32  
ARG HD2  H N N 33  
ARG HD3  H N N 34  
ARG HE   H N N 35  
ARG HH11 H N N 36  
ARG HH12 H N N 37  
ARG HH21 H N N 38  
ARG HH22 H N N 39  
ARG HXT  H N N 40  
ASN N    N N N 41  
ASN CA   C N S 42  
ASN C    C N N 43  
ASN O    O N N 44  
ASN CB   C N N 45  
ASN CG   C N N 46  
ASN OD1  O N N 47  
ASN ND2  N N N 48  
ASN OXT  O N N 49  
ASN H    H N N 50  
ASN H2   H N N 51  
ASN HA   H N N 52  
ASN HB2  H N N 53  
ASN HB3  H N N 54  
ASN HD21 H N N 55  
ASN HD22 H N N 56  
ASN HXT  H N N 57  
ASP N    N N N 58  
ASP CA   C N S 59  
ASP C    C N N 60  
ASP O    O N N 61  
ASP CB   C N N 62  
ASP CG   C N N 63  
ASP OD1  O N N 64  
ASP OD2  O N N 65  
ASP OXT  O N N 66  
ASP H    H N N 67  
ASP H2   H N N 68  
ASP HA   H N N 69  
ASP HB2  H N N 70  
ASP HB3  H N N 71  
ASP HD2  H N N 72  
ASP HXT  H N N 73  
GLN N    N N N 74  
GLN CA   C N S 75  
GLN C    C N N 76  
GLN O    O N N 77  
GLN CB   C N N 78  
GLN CG   C N N 79  
GLN CD   C N N 80  
GLN OE1  O N N 81  
GLN NE2  N N N 82  
GLN OXT  O N N 83  
GLN H    H N N 84  
GLN H2   H N N 85  
GLN HA   H N N 86  
GLN HB2  H N N 87  
GLN HB3  H N N 88  
GLN HG2  H N N 89  
GLN HG3  H N N 90  
GLN HE21 H N N 91  
GLN HE22 H N N 92  
GLN HXT  H N N 93  
GLU N    N N N 94  
GLU CA   C N S 95  
GLU C    C N N 96  
GLU O    O N N 97  
GLU CB   C N N 98  
GLU CG   C N N 99  
GLU CD   C N N 100 
GLU OE1  O N N 101 
GLU OE2  O N N 102 
GLU OXT  O N N 103 
GLU H    H N N 104 
GLU H2   H N N 105 
GLU HA   H N N 106 
GLU HB2  H N N 107 
GLU HB3  H N N 108 
GLU HG2  H N N 109 
GLU HG3  H N N 110 
GLU HE2  H N N 111 
GLU HXT  H N N 112 
GLY N    N N N 113 
GLY CA   C N N 114 
GLY C    C N N 115 
GLY O    O N N 116 
GLY OXT  O N N 117 
GLY H    H N N 118 
GLY H2   H N N 119 
GLY HA2  H N N 120 
GLY HA3  H N N 121 
GLY HXT  H N N 122 
HIS N    N N N 123 
HIS CA   C N S 124 
HIS C    C N N 125 
HIS O    O N N 126 
HIS CB   C N N 127 
HIS CG   C Y N 128 
HIS ND1  N Y N 129 
HIS CD2  C Y N 130 
HIS CE1  C Y N 131 
HIS NE2  N Y N 132 
HIS OXT  O N N 133 
HIS H    H N N 134 
HIS H2   H N N 135 
HIS HA   H N N 136 
HIS HB2  H N N 137 
HIS HB3  H N N 138 
HIS HD1  H N N 139 
HIS HD2  H N N 140 
HIS HE1  H N N 141 
HIS HE2  H N N 142 
HIS HXT  H N N 143 
HOH O    O N N 144 
HOH H1   H N N 145 
HOH H2   H N N 146 
ILE N    N N N 147 
ILE CA   C N S 148 
ILE C    C N N 149 
ILE O    O N N 150 
ILE CB   C N S 151 
ILE CG1  C N N 152 
ILE CG2  C N N 153 
ILE CD1  C N N 154 
ILE OXT  O N N 155 
ILE H    H N N 156 
ILE H2   H N N 157 
ILE HA   H N N 158 
ILE HB   H N N 159 
ILE HG12 H N N 160 
ILE HG13 H N N 161 
ILE HG21 H N N 162 
ILE HG22 H N N 163 
ILE HG23 H N N 164 
ILE HD11 H N N 165 
ILE HD12 H N N 166 
ILE HD13 H N N 167 
ILE HXT  H N N 168 
LEU N    N N N 169 
LEU CA   C N S 170 
LEU C    C N N 171 
LEU O    O N N 172 
LEU CB   C N N 173 
LEU CG   C N N 174 
LEU CD1  C N N 175 
LEU CD2  C N N 176 
LEU OXT  O N N 177 
LEU H    H N N 178 
LEU H2   H N N 179 
LEU HA   H N N 180 
LEU HB2  H N N 181 
LEU HB3  H N N 182 
LEU HG   H N N 183 
LEU HD11 H N N 184 
LEU HD12 H N N 185 
LEU HD13 H N N 186 
LEU HD21 H N N 187 
LEU HD22 H N N 188 
LEU HD23 H N N 189 
LEU HXT  H N N 190 
LYS N    N N N 191 
LYS CA   C N S 192 
LYS C    C N N 193 
LYS O    O N N 194 
LYS CB   C N N 195 
LYS CG   C N N 196 
LYS CD   C N N 197 
LYS CE   C N N 198 
LYS NZ   N N N 199 
LYS OXT  O N N 200 
LYS H    H N N 201 
LYS H2   H N N 202 
LYS HA   H N N 203 
LYS HB2  H N N 204 
LYS HB3  H N N 205 
LYS HG2  H N N 206 
LYS HG3  H N N 207 
LYS HD2  H N N 208 
LYS HD3  H N N 209 
LYS HE2  H N N 210 
LYS HE3  H N N 211 
LYS HZ1  H N N 212 
LYS HZ2  H N N 213 
LYS HZ3  H N N 214 
LYS HXT  H N N 215 
MET N    N N N 216 
MET CA   C N S 217 
MET C    C N N 218 
MET O    O N N 219 
MET CB   C N N 220 
MET CG   C N N 221 
MET SD   S N N 222 
MET CE   C N N 223 
MET OXT  O N N 224 
MET H    H N N 225 
MET H2   H N N 226 
MET HA   H N N 227 
MET HB2  H N N 228 
MET HB3  H N N 229 
MET HG2  H N N 230 
MET HG3  H N N 231 
MET HE1  H N N 232 
MET HE2  H N N 233 
MET HE3  H N N 234 
MET HXT  H N N 235 
PHE N    N N N 236 
PHE CA   C N S 237 
PHE C    C N N 238 
PHE O    O N N 239 
PHE CB   C N N 240 
PHE CG   C Y N 241 
PHE CD1  C Y N 242 
PHE CD2  C Y N 243 
PHE CE1  C Y N 244 
PHE CE2  C Y N 245 
PHE CZ   C Y N 246 
PHE OXT  O N N 247 
PHE H    H N N 248 
PHE H2   H N N 249 
PHE HA   H N N 250 
PHE HB2  H N N 251 
PHE HB3  H N N 252 
PHE HD1  H N N 253 
PHE HD2  H N N 254 
PHE HE1  H N N 255 
PHE HE2  H N N 256 
PHE HZ   H N N 257 
PHE HXT  H N N 258 
PRO N    N N N 259 
PRO CA   C N S 260 
PRO C    C N N 261 
PRO O    O N N 262 
PRO CB   C N N 263 
PRO CG   C N N 264 
PRO CD   C N N 265 
PRO OXT  O N N 266 
PRO H    H N N 267 
PRO HA   H N N 268 
PRO HB2  H N N 269 
PRO HB3  H N N 270 
PRO HG2  H N N 271 
PRO HG3  H N N 272 
PRO HD2  H N N 273 
PRO HD3  H N N 274 
PRO HXT  H N N 275 
SER N    N N N 276 
SER CA   C N S 277 
SER C    C N N 278 
SER O    O N N 279 
SER CB   C N N 280 
SER OG   O N N 281 
SER OXT  O N N 282 
SER H    H N N 283 
SER H2   H N N 284 
SER HA   H N N 285 
SER HB2  H N N 286 
SER HB3  H N N 287 
SER HG   H N N 288 
SER HXT  H N N 289 
THR N    N N N 290 
THR CA   C N S 291 
THR C    C N N 292 
THR O    O N N 293 
THR CB   C N R 294 
THR OG1  O N N 295 
THR CG2  C N N 296 
THR OXT  O N N 297 
THR H    H N N 298 
THR H2   H N N 299 
THR HA   H N N 300 
THR HB   H N N 301 
THR HG1  H N N 302 
THR HG21 H N N 303 
THR HG22 H N N 304 
THR HG23 H N N 305 
THR HXT  H N N 306 
TRP N    N N N 307 
TRP CA   C N S 308 
TRP C    C N N 309 
TRP O    O N N 310 
TRP CB   C N N 311 
TRP CG   C Y N 312 
TRP CD1  C Y N 313 
TRP CD2  C Y N 314 
TRP NE1  N Y N 315 
TRP CE2  C Y N 316 
TRP CE3  C Y N 317 
TRP CZ2  C Y N 318 
TRP CZ3  C Y N 319 
TRP CH2  C Y N 320 
TRP OXT  O N N 321 
TRP H    H N N 322 
TRP H2   H N N 323 
TRP HA   H N N 324 
TRP HB2  H N N 325 
TRP HB3  H N N 326 
TRP HD1  H N N 327 
TRP HE1  H N N 328 
TRP HE3  H N N 329 
TRP HZ2  H N N 330 
TRP HZ3  H N N 331 
TRP HH2  H N N 332 
TRP HXT  H N N 333 
TYR N    N N N 334 
TYR CA   C N S 335 
TYR C    C N N 336 
TYR O    O N N 337 
TYR CB   C N N 338 
TYR CG   C Y N 339 
TYR CD1  C Y N 340 
TYR CD2  C Y N 341 
TYR CE1  C Y N 342 
TYR CE2  C Y N 343 
TYR CZ   C Y N 344 
TYR OH   O N N 345 
TYR OXT  O N N 346 
TYR H    H N N 347 
TYR H2   H N N 348 
TYR HA   H N N 349 
TYR HB2  H N N 350 
TYR HB3  H N N 351 
TYR HD1  H N N 352 
TYR HD2  H N N 353 
TYR HE1  H N N 354 
TYR HE2  H N N 355 
TYR HH   H N N 356 
TYR HXT  H N N 357 
VAL N    N N N 358 
VAL CA   C N S 359 
VAL C    C N N 360 
VAL O    O N N 361 
VAL CB   C N N 362 
VAL CG1  C N N 363 
VAL CG2  C N N 364 
VAL OXT  O N N 365 
VAL H    H N N 366 
VAL H2   H N N 367 
VAL HA   H N N 368 
VAL HB   H N N 369 
VAL HG11 H N N 370 
VAL HG12 H N N 371 
VAL HG13 H N N 372 
VAL HG21 H N N 373 
VAL HG22 H N N 374 
VAL HG23 H N N 375 
VAL HXT  H N N 376 
# 
loop_
_chem_comp_bond.comp_id 
_chem_comp_bond.atom_id_1 
_chem_comp_bond.atom_id_2 
_chem_comp_bond.value_order 
_chem_comp_bond.pdbx_aromatic_flag 
_chem_comp_bond.pdbx_stereo_config 
_chem_comp_bond.pdbx_ordinal 
ALA N   CA   sing N N 1   
ALA N   H    sing N N 2   
ALA N   H2   sing N N 3   
ALA CA  C    sing N N 4   
ALA CA  CB   sing N N 5   
ALA CA  HA   sing N N 6   
ALA C   O    doub N N 7   
ALA C   OXT  sing N N 8   
ALA CB  HB1  sing N N 9   
ALA CB  HB2  sing N N 10  
ALA CB  HB3  sing N N 11  
ALA OXT HXT  sing N N 12  
ARG N   CA   sing N N 13  
ARG N   H    sing N N 14  
ARG N   H2   sing N N 15  
ARG CA  C    sing N N 16  
ARG CA  CB   sing N N 17  
ARG CA  HA   sing N N 18  
ARG C   O    doub N N 19  
ARG C   OXT  sing N N 20  
ARG CB  CG   sing N N 21  
ARG CB  HB2  sing N N 22  
ARG CB  HB3  sing N N 23  
ARG CG  CD   sing N N 24  
ARG CG  HG2  sing N N 25  
ARG CG  HG3  sing N N 26  
ARG CD  NE   sing N N 27  
ARG CD  HD2  sing N N 28  
ARG CD  HD3  sing N N 29  
ARG NE  CZ   sing N N 30  
ARG NE  HE   sing N N 31  
ARG CZ  NH1  sing N N 32  
ARG CZ  NH2  doub N N 33  
ARG NH1 HH11 sing N N 34  
ARG NH1 HH12 sing N N 35  
ARG NH2 HH21 sing N N 36  
ARG NH2 HH22 sing N N 37  
ARG OXT HXT  sing N N 38  
ASN N   CA   sing N N 39  
ASN N   H    sing N N 40  
ASN N   H2   sing N N 41  
ASN CA  C    sing N N 42  
ASN CA  CB   sing N N 43  
ASN CA  HA   sing N N 44  
ASN C   O    doub N N 45  
ASN C   OXT  sing N N 46  
ASN CB  CG   sing N N 47  
ASN CB  HB2  sing N N 48  
ASN CB  HB3  sing N N 49  
ASN CG  OD1  doub N N 50  
ASN CG  ND2  sing N N 51  
ASN ND2 HD21 sing N N 52  
ASN ND2 HD22 sing N N 53  
ASN OXT HXT  sing N N 54  
ASP N   CA   sing N N 55  
ASP N   H    sing N N 56  
ASP N   H2   sing N N 57  
ASP CA  C    sing N N 58  
ASP CA  CB   sing N N 59  
ASP CA  HA   sing N N 60  
ASP C   O    doub N N 61  
ASP C   OXT  sing N N 62  
ASP CB  CG   sing N N 63  
ASP CB  HB2  sing N N 64  
ASP CB  HB3  sing N N 65  
ASP CG  OD1  doub N N 66  
ASP CG  OD2  sing N N 67  
ASP OD2 HD2  sing N N 68  
ASP OXT HXT  sing N N 69  
GLN N   CA   sing N N 70  
GLN N   H    sing N N 71  
GLN N   H2   sing N N 72  
GLN CA  C    sing N N 73  
GLN CA  CB   sing N N 74  
GLN CA  HA   sing N N 75  
GLN C   O    doub N N 76  
GLN C   OXT  sing N N 77  
GLN CB  CG   sing N N 78  
GLN CB  HB2  sing N N 79  
GLN CB  HB3  sing N N 80  
GLN CG  CD   sing N N 81  
GLN CG  HG2  sing N N 82  
GLN CG  HG3  sing N N 83  
GLN CD  OE1  doub N N 84  
GLN CD  NE2  sing N N 85  
GLN NE2 HE21 sing N N 86  
GLN NE2 HE22 sing N N 87  
GLN OXT HXT  sing N N 88  
GLU N   CA   sing N N 89  
GLU N   H    sing N N 90  
GLU N   H2   sing N N 91  
GLU CA  C    sing N N 92  
GLU CA  CB   sing N N 93  
GLU CA  HA   sing N N 94  
GLU C   O    doub N N 95  
GLU C   OXT  sing N N 96  
GLU CB  CG   sing N N 97  
GLU CB  HB2  sing N N 98  
GLU CB  HB3  sing N N 99  
GLU CG  CD   sing N N 100 
GLU CG  HG2  sing N N 101 
GLU CG  HG3  sing N N 102 
GLU CD  OE1  doub N N 103 
GLU CD  OE2  sing N N 104 
GLU OE2 HE2  sing N N 105 
GLU OXT HXT  sing N N 106 
GLY N   CA   sing N N 107 
GLY N   H    sing N N 108 
GLY N   H2   sing N N 109 
GLY CA  C    sing N N 110 
GLY CA  HA2  sing N N 111 
GLY CA  HA3  sing N N 112 
GLY C   O    doub N N 113 
GLY C   OXT  sing N N 114 
GLY OXT HXT  sing N N 115 
HIS N   CA   sing N N 116 
HIS N   H    sing N N 117 
HIS N   H2   sing N N 118 
HIS CA  C    sing N N 119 
HIS CA  CB   sing N N 120 
HIS CA  HA   sing N N 121 
HIS C   O    doub N N 122 
HIS C   OXT  sing N N 123 
HIS CB  CG   sing N N 124 
HIS CB  HB2  sing N N 125 
HIS CB  HB3  sing N N 126 
HIS CG  ND1  sing Y N 127 
HIS CG  CD2  doub Y N 128 
HIS ND1 CE1  doub Y N 129 
HIS ND1 HD1  sing N N 130 
HIS CD2 NE2  sing Y N 131 
HIS CD2 HD2  sing N N 132 
HIS CE1 NE2  sing Y N 133 
HIS CE1 HE1  sing N N 134 
HIS NE2 HE2  sing N N 135 
HIS OXT HXT  sing N N 136 
HOH O   H1   sing N N 137 
HOH O   H2   sing N N 138 
ILE N   CA   sing N N 139 
ILE N   H    sing N N 140 
ILE N   H2   sing N N 141 
ILE CA  C    sing N N 142 
ILE CA  CB   sing N N 143 
ILE CA  HA   sing N N 144 
ILE C   O    doub N N 145 
ILE C   OXT  sing N N 146 
ILE CB  CG1  sing N N 147 
ILE CB  CG2  sing N N 148 
ILE CB  HB   sing N N 149 
ILE CG1 CD1  sing N N 150 
ILE CG1 HG12 sing N N 151 
ILE CG1 HG13 sing N N 152 
ILE CG2 HG21 sing N N 153 
ILE CG2 HG22 sing N N 154 
ILE CG2 HG23 sing N N 155 
ILE CD1 HD11 sing N N 156 
ILE CD1 HD12 sing N N 157 
ILE CD1 HD13 sing N N 158 
ILE OXT HXT  sing N N 159 
LEU N   CA   sing N N 160 
LEU N   H    sing N N 161 
LEU N   H2   sing N N 162 
LEU CA  C    sing N N 163 
LEU CA  CB   sing N N 164 
LEU CA  HA   sing N N 165 
LEU C   O    doub N N 166 
LEU C   OXT  sing N N 167 
LEU CB  CG   sing N N 168 
LEU CB  HB2  sing N N 169 
LEU CB  HB3  sing N N 170 
LEU CG  CD1  sing N N 171 
LEU CG  CD2  sing N N 172 
LEU CG  HG   sing N N 173 
LEU CD1 HD11 sing N N 174 
LEU CD1 HD12 sing N N 175 
LEU CD1 HD13 sing N N 176 
LEU CD2 HD21 sing N N 177 
LEU CD2 HD22 sing N N 178 
LEU CD2 HD23 sing N N 179 
LEU OXT HXT  sing N N 180 
LYS N   CA   sing N N 181 
LYS N   H    sing N N 182 
LYS N   H2   sing N N 183 
LYS CA  C    sing N N 184 
LYS CA  CB   sing N N 185 
LYS CA  HA   sing N N 186 
LYS C   O    doub N N 187 
LYS C   OXT  sing N N 188 
LYS CB  CG   sing N N 189 
LYS CB  HB2  sing N N 190 
LYS CB  HB3  sing N N 191 
LYS CG  CD   sing N N 192 
LYS CG  HG2  sing N N 193 
LYS CG  HG3  sing N N 194 
LYS CD  CE   sing N N 195 
LYS CD  HD2  sing N N 196 
LYS CD  HD3  sing N N 197 
LYS CE  NZ   sing N N 198 
LYS CE  HE2  sing N N 199 
LYS CE  HE3  sing N N 200 
LYS NZ  HZ1  sing N N 201 
LYS NZ  HZ2  sing N N 202 
LYS NZ  HZ3  sing N N 203 
LYS OXT HXT  sing N N 204 
MET N   CA   sing N N 205 
MET N   H    sing N N 206 
MET N   H2   sing N N 207 
MET CA  C    sing N N 208 
MET CA  CB   sing N N 209 
MET CA  HA   sing N N 210 
MET C   O    doub N N 211 
MET C   OXT  sing N N 212 
MET CB  CG   sing N N 213 
MET CB  HB2  sing N N 214 
MET CB  HB3  sing N N 215 
MET CG  SD   sing N N 216 
MET CG  HG2  sing N N 217 
MET CG  HG3  sing N N 218 
MET SD  CE   sing N N 219 
MET CE  HE1  sing N N 220 
MET CE  HE2  sing N N 221 
MET CE  HE3  sing N N 222 
MET OXT HXT  sing N N 223 
PHE N   CA   sing N N 224 
PHE N   H    sing N N 225 
PHE N   H2   sing N N 226 
PHE CA  C    sing N N 227 
PHE CA  CB   sing N N 228 
PHE CA  HA   sing N N 229 
PHE C   O    doub N N 230 
PHE C   OXT  sing N N 231 
PHE CB  CG   sing N N 232 
PHE CB  HB2  sing N N 233 
PHE CB  HB3  sing N N 234 
PHE CG  CD1  doub Y N 235 
PHE CG  CD2  sing Y N 236 
PHE CD1 CE1  sing Y N 237 
PHE CD1 HD1  sing N N 238 
PHE CD2 CE2  doub Y N 239 
PHE CD2 HD2  sing N N 240 
PHE CE1 CZ   doub Y N 241 
PHE CE1 HE1  sing N N 242 
PHE CE2 CZ   sing Y N 243 
PHE CE2 HE2  sing N N 244 
PHE CZ  HZ   sing N N 245 
PHE OXT HXT  sing N N 246 
PRO N   CA   sing N N 247 
PRO N   CD   sing N N 248 
PRO N   H    sing N N 249 
PRO CA  C    sing N N 250 
PRO CA  CB   sing N N 251 
PRO CA  HA   sing N N 252 
PRO C   O    doub N N 253 
PRO C   OXT  sing N N 254 
PRO CB  CG   sing N N 255 
PRO CB  HB2  sing N N 256 
PRO CB  HB3  sing N N 257 
PRO CG  CD   sing N N 258 
PRO CG  HG2  sing N N 259 
PRO CG  HG3  sing N N 260 
PRO CD  HD2  sing N N 261 
PRO CD  HD3  sing N N 262 
PRO OXT HXT  sing N N 263 
SER N   CA   sing N N 264 
SER N   H    sing N N 265 
SER N   H2   sing N N 266 
SER CA  C    sing N N 267 
SER CA  CB   sing N N 268 
SER CA  HA   sing N N 269 
SER C   O    doub N N 270 
SER C   OXT  sing N N 271 
SER CB  OG   sing N N 272 
SER CB  HB2  sing N N 273 
SER CB  HB3  sing N N 274 
SER OG  HG   sing N N 275 
SER OXT HXT  sing N N 276 
THR N   CA   sing N N 277 
THR N   H    sing N N 278 
THR N   H2   sing N N 279 
THR CA  C    sing N N 280 
THR CA  CB   sing N N 281 
THR CA  HA   sing N N 282 
THR C   O    doub N N 283 
THR C   OXT  sing N N 284 
THR CB  OG1  sing N N 285 
THR CB  CG2  sing N N 286 
THR CB  HB   sing N N 287 
THR OG1 HG1  sing N N 288 
THR CG2 HG21 sing N N 289 
THR CG2 HG22 sing N N 290 
THR CG2 HG23 sing N N 291 
THR OXT HXT  sing N N 292 
TRP N   CA   sing N N 293 
TRP N   H    sing N N 294 
TRP N   H2   sing N N 295 
TRP CA  C    sing N N 296 
TRP CA  CB   sing N N 297 
TRP CA  HA   sing N N 298 
TRP C   O    doub N N 299 
TRP C   OXT  sing N N 300 
TRP CB  CG   sing N N 301 
TRP CB  HB2  sing N N 302 
TRP CB  HB3  sing N N 303 
TRP CG  CD1  doub Y N 304 
TRP CG  CD2  sing Y N 305 
TRP CD1 NE1  sing Y N 306 
TRP CD1 HD1  sing N N 307 
TRP CD2 CE2  doub Y N 308 
TRP CD2 CE3  sing Y N 309 
TRP NE1 CE2  sing Y N 310 
TRP NE1 HE1  sing N N 311 
TRP CE2 CZ2  sing Y N 312 
TRP CE3 CZ3  doub Y N 313 
TRP CE3 HE3  sing N N 314 
TRP CZ2 CH2  doub Y N 315 
TRP CZ2 HZ2  sing N N 316 
TRP CZ3 CH2  sing Y N 317 
TRP CZ3 HZ3  sing N N 318 
TRP CH2 HH2  sing N N 319 
TRP OXT HXT  sing N N 320 
TYR N   CA   sing N N 321 
TYR N   H    sing N N 322 
TYR N   H2   sing N N 323 
TYR CA  C    sing N N 324 
TYR CA  CB   sing N N 325 
TYR CA  HA   sing N N 326 
TYR C   O    doub N N 327 
TYR C   OXT  sing N N 328 
TYR CB  CG   sing N N 329 
TYR CB  HB2  sing N N 330 
TYR CB  HB3  sing N N 331 
TYR CG  CD1  doub Y N 332 
TYR CG  CD2  sing Y N 333 
TYR CD1 CE1  sing Y N 334 
TYR CD1 HD1  sing N N 335 
TYR CD2 CE2  doub Y N 336 
TYR CD2 HD2  sing N N 337 
TYR CE1 CZ   doub Y N 338 
TYR CE1 HE1  sing N N 339 
TYR CE2 CZ   sing Y N 340 
TYR CE2 HE2  sing N N 341 
TYR CZ  OH   sing N N 342 
TYR OH  HH   sing N N 343 
TYR OXT HXT  sing N N 344 
VAL N   CA   sing N N 345 
VAL N   H    sing N N 346 
VAL N   H2   sing N N 347 
VAL CA  C    sing N N 348 
VAL CA  CB   sing N N 349 
VAL CA  HA   sing N N 350 
VAL C   O    doub N N 351 
VAL C   OXT  sing N N 352 
VAL CB  CG1  sing N N 353 
VAL CB  CG2  sing N N 354 
VAL CB  HB   sing N N 355 
VAL CG1 HG11 sing N N 356 
VAL CG1 HG12 sing N N 357 
VAL CG1 HG13 sing N N 358 
VAL CG2 HG21 sing N N 359 
VAL CG2 HG22 sing N N 360 
VAL CG2 HG23 sing N N 361 
VAL OXT HXT  sing N N 362 
# 
_pdbx_audit_support.funding_organization   'Not funded' 
_pdbx_audit_support.country                ? 
_pdbx_audit_support.grant_number           ? 
_pdbx_audit_support.ordinal                1 
# 
_pdbx_initial_refinement_model.id               1 
_pdbx_initial_refinement_model.entity_id_list   ? 
_pdbx_initial_refinement_model.type             'experimental model' 
_pdbx_initial_refinement_model.source_name      PDB 
_pdbx_initial_refinement_model.accession_code   6NRP 
_pdbx_initial_refinement_model.details          ? 
# 
_space_group.name_H-M_alt     'P 64 2 2' 
_space_group.name_Hall        'P 64 2 (x,y,z+1/6)' 
_space_group.IT_number        181 
_space_group.crystal_system   hexagonal 
_space_group.id               1 
# 
_atom_sites.entry_id                    8G9M 
_atom_sites.Cartn_transf_matrix[1][1]   ? 
_atom_sites.Cartn_transf_matrix[1][2]   ? 
_atom_sites.Cartn_transf_matrix[1][3]   ? 
_atom_sites.Cartn_transf_matrix[2][1]   ? 
_atom_sites.Cartn_transf_matrix[2][2]   ? 
_atom_sites.Cartn_transf_matrix[2][3]   ? 
_atom_sites.Cartn_transf_matrix[3][1]   ? 
_atom_sites.Cartn_transf_matrix[3][2]   ? 
_atom_sites.Cartn_transf_matrix[3][3]   ? 
_atom_sites.Cartn_transf_vector[1]      ? 
_atom_sites.Cartn_transf_vector[2]      ? 
_atom_sites.Cartn_transf_vector[3]      ? 
_atom_sites.fract_transf_matrix[1][1]   0.00632933 
_atom_sites.fract_transf_matrix[1][2]   0.00535847 
_atom_sites.fract_transf_matrix[1][3]   0.00910253 
_atom_sites.fract_transf_matrix[2][1]   -0.00372093 
_atom_sites.fract_transf_matrix[2][2]   0.01082253 
_atom_sites.fract_transf_matrix[2][3]   0.00454556 
_atom_sites.fract_transf_matrix[3][1]   -0.00295680 
_atom_sites.fract_transf_matrix[3][2]   -0.00249766 
_atom_sites.fract_transf_matrix[3][3]   0.00352629 
_atom_sites.fract_transf_vector[1]      0.580283 
_atom_sites.fract_transf_vector[2]      0.195407 
_atom_sites.fract_transf_vector[3]      0.589481 
_atom_sites.solution_primary            ? 
_atom_sites.solution_secondary          ? 
_atom_sites.solution_hydrogens          ? 
_atom_sites.special_details             ? 
# 
loop_
_atom_type.symbol 
_atom_type.scat_dispersion_real 
_atom_type.scat_dispersion_imag 
_atom_type.scat_Cromer_Mann_a1 
_atom_type.scat_Cromer_Mann_a2 
_atom_type.scat_Cromer_Mann_a3 
_atom_type.scat_Cromer_Mann_a4 
_atom_type.scat_Cromer_Mann_b1 
_atom_type.scat_Cromer_Mann_b2 
_atom_type.scat_Cromer_Mann_b3 
_atom_type.scat_Cromer_Mann_b4 
_atom_type.scat_Cromer_Mann_c 
_atom_type.scat_source 
_atom_type.scat_dispersion_source 
C ? ? 3.54356 2.42580 ? ? 25.62398 1.50364  ? ? 0.0 
;2-Gaussian fit: Grosse-Kunstleve RW, Sauter NK, Adams PD: Newsletter of the IUCr Commission on Crystallographic Computing 2004, 3, 22-31.
;
? 
N ? ? 4.01032 2.96436 ? ? 19.97189 1.75589  ? ? 0.0 
;2-Gaussian fit: Grosse-Kunstleve RW, Sauter NK, Adams PD: Newsletter of the IUCr Commission on Crystallographic Computing 2004, 3, 22-31.
;
? 
O ? ? 4.49882 3.47563 ? ? 15.80542 1.70748  ? ? 0.0 
;2-Gaussian fit: Grosse-Kunstleve RW, Sauter NK, Adams PD: Newsletter of the IUCr Commission on Crystallographic Computing 2004, 3, 22-31.
;
? 
S ? ? 9.55732 6.39887 ? ? 1.23737  29.19336 ? ? 0.0 
;2-Gaussian fit: Grosse-Kunstleve RW, Sauter NK, Adams PD: Newsletter of the IUCr Commission on Crystallographic Computing 2004, 3, 22-31.
;
? 
# 
loop_
_atom_site.group_PDB 
_atom_site.id 
_atom_site.type_symbol 
_atom_site.label_atom_id 
_atom_site.label_alt_id 
_atom_site.label_comp_id 
_atom_site.label_asym_id 
_atom_site.label_entity_id 
_atom_site.label_seq_id 
_atom_site.pdbx_PDB_ins_code 
_atom_site.Cartn_x 
_atom_site.Cartn_y 
_atom_site.Cartn_z 
_atom_site.occupancy 
_atom_site.B_iso_or_equiv 
_atom_site.pdbx_formal_charge 
_atom_site.auth_seq_id 
_atom_site.auth_comp_id 
_atom_site.auth_asym_id 
_atom_site.auth_atom_id 
_atom_site.pdbx_PDB_model_num 
ATOM   1    N N   . ILE A 1 3   ? -2.23922  -31.69349 7.58029   1.000 61.06825  ? 0   ILE A N   1 
ATOM   2    C CA  . ILE A 1 3   ? -0.99928  -31.00048 7.25016   1.000 79.84715  ? 0   ILE A CA  1 
ATOM   3    C C   . ILE A 1 3   ? -1.24629  -29.88010 6.23754   1.000 75.98200  ? 0   ILE A C   1 
ATOM   4    O O   . ILE A 1 3   ? -1.54426  -30.13147 5.06882   1.000 67.06860  ? 0   ILE A O   1 
ATOM   5    C CB  . ILE A 1 3   ? 0.03470   -31.98565 6.71913   1.000 58.20575  ? 0   ILE A CB  1 
ATOM   6    N N   . MET A 1 4   ? -1.12688  -28.63922 6.70424   1.000 75.22069  ? 1   MET A N   1 
ATOM   7    C CA  . MET A 1 4   ? -1.28935  -27.47031 5.85215   1.000 74.68087  ? 1   MET A CA  1 
ATOM   8    C C   . MET A 1 4   ? -0.37740  -26.36186 6.36525   1.000 76.26376  ? 1   MET A C   1 
ATOM   9    O O   . MET A 1 4   ? 0.26716   -26.49221 7.40873   1.000 81.65231  ? 1   MET A O   1 
ATOM   10   C CB  . MET A 1 4   ? -2.75189  -27.01247 5.80504   1.000 55.65474  ? 1   MET A CB  1 
ATOM   11   N N   . LYS A 1 5   ? -0.31482  -25.26572 5.61122   1.000 71.44429  ? 2   LYS A N   1 
ATOM   12   C CA  . LYS A 1 5   ? 0.47366   -24.10467 6.00019   1.000 62.73956  ? 2   LYS A CA  1 
ATOM   13   C C   . LYS A 1 5   ? -0.39350  -22.85662 5.93343   1.000 64.49778  ? 2   LYS A C   1 
ATOM   14   O O   . LYS A 1 5   ? -1.28316  -22.74334 5.08506   1.000 71.02409  ? 2   LYS A O   1 
ATOM   15   C CB  . LYS A 1 5   ? 1.72614   -23.94449 5.12834   1.000 69.89786  ? 2   LYS A CB  1 
ATOM   16   C CG  . LYS A 1 5   ? 2.74139   -25.05916 5.35002   1.000 74.94518  ? 2   LYS A CG  1 
ATOM   17   C CD  . LYS A 1 5   ? 3.92444   -24.96448 4.40776   1.000 69.28334  ? 2   LYS A CD  1 
ATOM   18   C CE  . LYS A 1 5   ? 4.58165   -23.61017 4.47673   1.000 61.63103  ? 2   LYS A CE  1 
ATOM   19   N NZ  . LYS A 1 5   ? 6.04899   -23.80595 4.58672   1.000 89.35016  ? 2   LYS A NZ  1 
ATOM   20   N N   . LEU A 1 6   ? -0.10878  -21.91069 6.82845   1.000 67.97891  ? 3   LEU A N   1 
ATOM   21   C CA  . LEU A 1 6   ? -1.04569  -20.85523 7.18279   1.000 73.04308  ? 3   LEU A CA  1 
ATOM   22   C C   . LEU A 1 6   ? -0.51569  -19.46777 6.83844   1.000 71.11006  ? 3   LEU A C   1 
ATOM   23   O O   . LEU A 1 6   ? 0.69132   -19.20761 6.89011   1.000 66.54470  ? 3   LEU A O   1 
ATOM   24   C CB  . LEU A 1 6   ? -1.35509  -20.89556 8.68739   1.000 74.45587  ? 3   LEU A CB  1 
ATOM   25   C CG  . LEU A 1 6   ? -2.19296  -22.05192 9.23337   1.000 87.63283  ? 3   LEU A CG  1 
ATOM   26   C CD1 . LEU A 1 6   ? -1.38849  -22.84358 10.25369  1.000 89.78748  ? 3   LEU A CD1 1 
ATOM   27   C CD2 . LEU A 1 6   ? -3.47912  -21.52796 9.85502   1.000 88.01811  ? 3   LEU A CD2 1 
ATOM   28   N N   . ASP A 1 7   ? -1.44730  -18.57493 6.49757   1.000 72.61489  ? 4   ASP A N   1 
ATOM   29   C CA  . ASP A 1 7   ? -1.22386  -17.13189 6.47610   1.000 67.25088  ? 4   ASP A CA  1 
ATOM   30   C C   . ASP A 1 7   ? -2.02868  -16.54265 7.63018   1.000 56.57217  ? 4   ASP A C   1 
ATOM   31   C CB  . ASP A 1 7   ? -1.64571  -16.51689 5.14195   1.000 72.47639  ? 4   ASP A CB  1 
ATOM   32   C CG  . ASP A 1 7   ? -0.76333  -16.95190 3.98798   1.000 73.15322  ? 4   ASP A CG  1 
ATOM   33   O OD1 . ASP A 1 7   ? 0.33228   -17.49667 4.24225   1.000 79.39001  ? 4   ASP A OD1 1 
ATOM   34   O OD2 . ASP A 1 7   ? -1.16488  -16.74417 2.82412   1.000 70.81584  ? 4   ASP A OD2 1 
ATOM   35   N N   . LEU A 1 8   ? -1.34494  -16.18879 8.71680   1.000 59.67839  ? 5   LEU A N   1 
ATOM   36   C CA  . LEU A 1 8   ? -2.00601  -15.82812 9.96269   1.000 79.37560  ? 5   LEU A CA  1 
ATOM   37   C C   . LEU A 1 8   ? -1.38110  -14.56717 10.54314  1.000 77.15203  ? 5   LEU A C   1 
ATOM   38   O O   . LEU A 1 8   ? -0.18202  -14.32253 10.38840  1.000 60.52237  ? 5   LEU A O   1 
ATOM   39   C CB  . LEU A 1 8   ? -1.92197  -16.98168 10.97467  1.000 74.37505  ? 5   LEU A CB  1 
ATOM   40   C CG  . LEU A 1 8   ? -2.27321  -16.69564 12.43539  1.000 70.51668  ? 5   LEU A CG  1 
ATOM   41   C CD1 . LEU A 1 8   ? -3.73844  -16.30266 12.57313  1.000 76.87753  ? 5   LEU A CD1 1 
ATOM   42   C CD2 . LEU A 1 8   ? -1.94006  -17.89329 13.31513  1.000 86.28824  ? 5   LEU A CD2 1 
ATOM   43   N N   . GLN A 1 9   ? -2.20963  -13.76573 11.21679  1.000 87.96243  ? 6   GLN A N   1 
ATOM   44   C CA  . GLN A 1 9   ? -1.76273  -12.50878 11.79892  1.000 78.41143  ? 6   GLN A CA  1 
ATOM   45   C C   . GLN A 1 9   ? -2.40035  -12.26225 13.15950  1.000 84.47356  ? 6   GLN A C   1 
ATOM   46   O O   . GLN A 1 9   ? -3.56380  -12.60390 13.38948  1.000 85.91192  ? 6   GLN A O   1 
ATOM   47   C CB  . GLN A 1 9   ? -2.09003  -11.31741 10.89174  1.000 68.82253  ? 6   GLN A CB  1 
ATOM   48   C CG  . GLN A 1 9   ? -1.15578  -11.12916 9.71063   1.000 88.78426  ? 6   GLN A CG  1 
ATOM   49   C CD  . GLN A 1 9   ? -1.59319  -11.90687 8.48892   1.000 88.24948  ? 6   GLN A CD  1 
ATOM   50   O OE1 . GLN A 1 9   ? -2.49092  -12.74174 8.56220   1.000 90.11167  ? 6   GLN A OE1 1 
ATOM   51   N NE2 . GLN A 1 9   ? -0.96721  -11.62541 7.35103   1.000 62.16086  ? 6   GLN A NE2 1 
ATOM   52   N N   . ASN A 1 10  ? -1.61139  -11.67571 14.05897  1.000 75.69256  ? 7   ASN A N   1 
ATOM   53   C CA  . ASN A 1 10  ? -2.09660  -10.88228 15.18177  1.000 55.97474  ? 7   ASN A CA  1 
ATOM   54   C C   . ASN A 1 10  ? -1.60016  -9.44729  15.02929  1.000 86.08328  ? 7   ASN A C   1 
ATOM   55   O O   . ASN A 1 10  ? -1.37867  -8.73775  16.01282  1.000 82.28723  ? 7   ASN A O   1 
ATOM   56   C CB  . ASN A 1 10  ? -1.64841  -11.48259 16.51415  1.000 77.25876  ? 7   ASN A CB  1 
ATOM   57   C CG  . ASN A 1 10  ? -2.39225  -10.89653 17.70570  1.000 88.32670  ? 7   ASN A CG  1 
ATOM   58   O OD1 . ASN A 1 10  ? -3.26143  -11.54382 18.29186  1.000 65.23650  ? 7   ASN A OD1 1 
ATOM   59   N ND2 . ASN A 1 10  ? -2.04433  -9.66818  18.07447  1.000 75.13502  ? 7   ASN A ND2 1 
ATOM   60   N N   . LYS A 1 11  ? -1.41284  -9.02199  13.78321  1.000 85.34852  ? 8   LYS A N   1 
ATOM   61   C CA  . LYS A 1 11  ? -0.69827  -7.80373  13.44304  1.000 69.95244  ? 8   LYS A CA  1 
ATOM   62   C C   . LYS A 1 11  ? -1.65299  -6.74596  12.90487  1.000 67.11433  ? 8   LYS A C   1 
ATOM   63   O O   . LYS A 1 11  ? -2.78240  -7.03667  12.50153  1.000 70.50314  ? 8   LYS A O   1 
ATOM   64   C CB  . LYS A 1 11  ? 0.39715   -8.09667  12.41060  1.000 61.13596  ? 8   LYS A CB  1 
ATOM   65   C CG  . LYS A 1 11  ? 1.52565   -8.97756  12.93148  1.000 65.30181  ? 8   LYS A CG  1 
ATOM   66   C CD  . LYS A 1 11  ? 1.75447   -10.18158 12.03064  1.000 53.31277  ? 8   LYS A CD  1 
ATOM   67   C CE  . LYS A 1 11  ? 3.11332   -10.82145 12.28453  1.000 62.03170  ? 8   LYS A CE  1 
ATOM   68   N NZ  . LYS A 1 11  ? 3.46432   -10.86061 13.73169  1.000 62.64383  ? 8   LYS A NZ  1 
ATOM   69   N N   . ILE A 1 12  ? -1.17638  -5.50421  12.90538  1.000 58.38388  ? 9   ILE A N   1 
ATOM   70   C CA  . ILE A 1 12  ? -1.94139  -4.35718  12.43106  1.000 68.32175  ? 9   ILE A CA  1 
ATOM   71   C C   . ILE A 1 12  ? -1.44070  -3.98702  11.04302  1.000 64.09245  ? 9   ILE A C   1 
ATOM   72   O O   . ILE A 1 12  ? -0.22945  -3.86428  10.82449  1.000 58.00498  ? 9   ILE A O   1 
ATOM   73   C CB  . ILE A 1 12  ? -1.82114  -3.16915  13.40066  1.000 64.79252  ? 9   ILE A CB  1 
ATOM   74   C CG1 . ILE A 1 12  ? -2.50563  -3.50128  14.72976  1.000 58.61397  ? 9   ILE A CG1 1 
ATOM   75   C CG2 . ILE A 1 12  ? -2.40413  -1.90826  12.77881  1.000 44.70508  ? 9   ILE A CG2 1 
ATOM   76   C CD1 . ILE A 1 12  ? -2.77477  -2.29582  15.59836  1.000 54.40585  ? 9   ILE A CD1 1 
ATOM   77   N N   . ALA A 1 13  ? -2.36801  -3.81572  10.10300  1.000 59.81876  ? 10  ALA A N   1 
ATOM   78   C CA  . ALA A 1 13  ? -2.03615  -3.55403  8.70782   1.000 56.45174  ? 10  ALA A CA  1 
ATOM   79   C C   . ALA A 1 13  ? -2.85201  -2.36941  8.21940   1.000 64.71704  ? 10  ALA A C   1 
ATOM   80   O O   . ALA A 1 13  ? -4.08542  -2.43025  8.19600   1.000 72.41725  ? 10  ALA A O   1 
ATOM   81   C CB  . ALA A 1 13  ? -2.30640  -4.78262  7.83523   1.000 55.07856  ? 10  ALA A CB  1 
ATOM   82   N N   . VAL A 1 14  ? -2.16826  -1.30148  7.82355   1.000 57.62790  ? 11  VAL A N   1 
ATOM   83   C CA  . VAL A 1 14  ? -2.81714  -0.11253  7.28513   1.000 69.18173  ? 11  VAL A CA  1 
ATOM   84   C C   . VAL A 1 14  ? -2.62678  -0.10362  5.77354   1.000 65.71436  ? 11  VAL A C   1 
ATOM   85   O O   . VAL A 1 14  ? -1.54668  -0.43464  5.26771   1.000 56.81399  ? 11  VAL A O   1 
ATOM   86   C CB  . VAL A 1 14  ? -2.29122  1.18054   7.94591   1.000 72.65362  ? 11  VAL A CB  1 
ATOM   87   C CG1 . VAL A 1 14  ? -2.29069  1.03497   9.45986   1.000 57.80721  ? 11  VAL A CG1 1 
ATOM   88   C CG2 . VAL A 1 14  ? -0.90293  1.52978   7.46473   1.000 66.30780  ? 11  VAL A CG2 1 
ATOM   89   N N   . VAL A 1 15  ? -3.69759  0.23132   5.05489   1.000 63.49386  ? 12  VAL A N   1 
ATOM   90   C CA  . VAL A 1 15  ? -3.75246  0.14338   3.59965   1.000 59.19126  ? 12  VAL A CA  1 
ATOM   91   C C   . VAL A 1 15  ? -4.33071  1.44806   3.07040   1.000 67.58482  ? 12  VAL A C   1 
ATOM   92   O O   . VAL A 1 15  ? -5.49475  1.76716   3.33969   1.000 66.07198  ? 12  VAL A O   1 
ATOM   93   C CB  . VAL A 1 15  ? -4.60021  -1.05170  3.12730   1.000 64.88602  ? 12  VAL A CB  1 
ATOM   94   C CG1 . VAL A 1 15  ? -4.53390  -1.19135  1.61453   1.000 70.50824  ? 12  VAL A CG1 1 
ATOM   95   C CG2 . VAL A 1 15  ? -4.14794  -2.33869  3.80784   1.000 62.14044  ? 12  VAL A CG2 1 
ATOM   96   N N   . SER A 1 16  ? -3.52713  2.19528   2.31751   1.000 73.76417  ? 13  SER A N   1 
ATOM   97   C CA  . SER A 1 16  ? -3.96928  3.47187   1.77657   1.000 68.16110  ? 13  SER A CA  1 
ATOM   98   C C   . SER A 1 16  ? -4.85756  3.25941   0.55754   1.000 68.56256  ? 13  SER A C   1 
ATOM   99   O O   . SER A 1 16  ? -4.70023  2.29016   -0.19032  1.000 62.28292  ? 13  SER A O   1 
ATOM   100  C CB  . SER A 1 16  ? -2.77134  4.34408   1.40144   1.000 70.18995  ? 13  SER A CB  1 
ATOM   101  O OG  . SER A 1 16  ? -1.83676  3.62170   0.61878   1.000 78.36161  ? 13  SER A OG  1 
ATOM   102  N N   . GLY A 1 17  ? -5.79313  4.18302   0.36166   1.000 71.12937  ? 14  GLY A N   1 
ATOM   103  C CA  . GLY A 1 17  ? -6.74007  4.04822   -0.74026  1.000 70.10848  ? 14  GLY A CA  1 
ATOM   104  C C   . GLY A 1 17  ? -7.45276  2.71600   -0.75172  1.000 71.99558  ? 14  GLY A C   1 
ATOM   105  O O   . GLY A 1 17  ? -7.62105  2.10572   -1.81479  1.000 76.66439  ? 14  GLY A O   1 
ATOM   106  N N   . SER A 1 18  ? -7.86949  2.24054   0.42136   1.000 76.75419  ? 15  SER A N   1 
ATOM   107  C CA  . SER A 1 18  ? -8.44492  0.91206   0.57516   1.000 77.39727  ? 15  SER A CA  1 
ATOM   108  C C   . SER A 1 18  ? -9.96822  0.92428   0.54831   1.000 75.97564  ? 15  SER A C   1 
ATOM   109  O O   . SER A 1 18  ? -10.59638 -0.05545  0.96401   1.000 78.40745  ? 15  SER A O   1 
ATOM   110  C CB  . SER A 1 18  ? -7.94947  0.27306   1.87279   1.000 67.99132  ? 15  SER A CB  1 
ATOM   111  O OG  . SER A 1 18  ? -7.90731  1.22623   2.92044   1.000 72.52427  ? 15  SER A OG  1 
ATOM   112  N N   . THR A 1 19  ? -10.57432 2.00629   0.06978   1.000 74.29858  ? 16  THR A N   1 
ATOM   113  C CA  . THR A 1 19  ? -12.02525 2.11171   0.01838   1.000 73.06728  ? 16  THR A CA  1 
ATOM   114  C C   . THR A 1 19  ? -12.61140 1.63967   -1.30571  1.000 72.13409  ? 16  THR A C   1 
ATOM   115  O O   . THR A 1 19  ? -13.83795 1.63751   -1.45370  1.000 77.74264  ? 16  THR A O   1 
ATOM   116  C CB  . THR A 1 19  ? -12.46405 3.55674   0.28549   1.000 74.46988  ? 16  THR A CB  1 
ATOM   117  O OG1 . THR A 1 19  ? -11.75230 4.44548   -0.58425  1.000 79.51609  ? 16  THR A OG1 1 
ATOM   118  C CG2 . THR A 1 19  ? -12.18713 3.94097   1.73482   1.000 70.09854  ? 16  THR A CG2 1 
ATOM   119  N N   . SER A 1 20  ? -11.77833 1.23639   -2.26359  1.000 73.54301  ? 17  SER A N   1 
ATOM   120  C CA  . SER A 1 20  ? -12.28405 0.79396   -3.55545  1.000 73.66098  ? 17  SER A CA  1 
ATOM   121  C C   . SER A 1 20  ? -11.21188 0.00021   -4.28665  1.000 71.62054  ? 17  SER A C   1 
ATOM   122  O O   . SER A 1 20  ? -10.01343 0.21490   -4.08802  1.000 78.17780  ? 17  SER A O   1 
ATOM   123  C CB  . SER A 1 20  ? -12.73659 1.97829   -4.41903  1.000 69.58065  ? 17  SER A CB  1 
ATOM   124  O OG  . SER A 1 20  ? -11.62706 2.63072   -5.01195  1.000 76.15943  ? 17  SER A OG  1 
ATOM   125  N N   . GLY A 1 21  ? -11.66736 -0.92626  -5.12596  1.000 69.40041  ? 18  GLY A N   1 
ATOM   126  C CA  . GLY A 1 21  ? -10.79093 -1.59531  -6.07161  1.000 65.00182  ? 18  GLY A CA  1 
ATOM   127  C C   . GLY A 1 21  ? -9.71546  -2.43831  -5.41769  1.000 67.42135  ? 18  GLY A C   1 
ATOM   128  O O   . GLY A 1 21  ? -9.95504  -3.17172  -4.45016  1.000 81.19381  ? 18  GLY A O   1 
ATOM   129  N N   . ILE A 1 22  ? -8.50493  -2.33433  -5.97318  1.000 79.43768  ? 19  ILE A N   1 
ATOM   130  C CA  . ILE A 1 22  ? -7.39183  -3.18424  -5.55870  1.000 78.73652  ? 19  ILE A CA  1 
ATOM   131  C C   . ILE A 1 22  ? -7.09336  -2.99595  -4.07824  1.000 73.68556  ? 19  ILE A C   1 
ATOM   132  O O   . ILE A 1 22  ? -6.78121  -3.95834  -3.36655  1.000 68.95971  ? 19  ILE A O   1 
ATOM   133  C CB  . ILE A 1 22  ? -6.14950  -2.89784  -6.42637  1.000 70.55964  ? 19  ILE A CB  1 
ATOM   134  C CG1 . ILE A 1 22  ? -6.54080  -2.67095  -7.89060  1.000 77.77087  ? 19  ILE A CG1 1 
ATOM   135  C CG2 . ILE A 1 22  ? -5.13660  -4.02553  -6.30778  1.000 61.09672  ? 19  ILE A CG2 1 
ATOM   136  C CD1 . ILE A 1 22  ? -6.65579  -1.20477  -8.28536  1.000 82.35463  ? 19  ILE A CD1 1 
ATOM   137  N N   . GLY A 1 23  ? -7.17985  -1.75646  -3.59155  1.000 76.52751  ? 20  GLY A N   1 
ATOM   138  C CA  . GLY A 1 23  ? -6.94822  -1.51448  -2.17719  1.000 77.10497  ? 20  GLY A CA  1 
ATOM   139  C C   . GLY A 1 23  ? -7.97618  -2.19727  -1.29607  1.000 75.81566  ? 20  GLY A C   1 
ATOM   140  O O   . GLY A 1 23  ? -7.63639  -2.77606  -0.26027  1.000 69.46941  ? 20  GLY A O   1 
ATOM   141  N N   . LEU A 1 24  ? -9.24758  -2.14869  -1.70118  1.000 77.32327  ? 21  LEU A N   1 
ATOM   142  C CA  . LEU A 1 24  ? -10.29202 -2.82574  -0.94016  1.000 64.35523  ? 21  LEU A CA  1 
ATOM   143  C C   . LEU A 1 24  ? -10.09308 -4.33551  -0.95701  1.000 71.02804  ? 21  LEU A C   1 
ATOM   144  O O   . LEU A 1 24  ? -10.30984 -5.00892  0.05711   1.000 78.47404  ? 21  LEU A O   1 
ATOM   145  C CB  . LEU A 1 24  ? -11.66839 -2.45842  -1.49437  1.000 70.09943  ? 21  LEU A CB  1 
ATOM   146  C CG  . LEU A 1 24  ? -12.87751 -3.04983  -0.76603  1.000 70.06738  ? 21  LEU A CG  1 
ATOM   147  C CD1 . LEU A 1 24  ? -12.75793 -2.84740  0.73722   1.000 75.15265  ? 21  LEU A CD1 1 
ATOM   148  C CD2 . LEU A 1 24  ? -14.17071 -2.44610  -1.29142  1.000 73.80506  ? 21  LEU A CD2 1 
ATOM   149  N N   . GLY A 1 25  ? -9.67873  -4.88570  -2.09944  1.000 64.27405  ? 22  GLY A N   1 
ATOM   150  C CA  . GLY A 1 25  ? -9.39913  -6.31175  -2.15792  1.000 57.36707  ? 22  GLY A CA  1 
ATOM   151  C C   . GLY A 1 25  ? -8.23355  -6.71049  -1.27267  1.000 57.87540  ? 22  GLY A C   1 
ATOM   152  O O   . GLY A 1 25  ? -8.27140  -7.75128  -0.60974  1.000 69.96317  ? 22  GLY A O   1 
ATOM   153  N N   . ILE A 1 26  ? -7.18396  -5.88668  -1.24762  1.000 61.78354  ? 23  ILE A N   1 
ATOM   154  C CA  . ILE A 1 26  ? -6.04601  -6.14099  -0.36831  1.000 67.99487  ? 23  ILE A CA  1 
ATOM   155  C C   . ILE A 1 26  ? -6.48444  -6.10175  1.08907   1.000 66.84204  ? 23  ILE A C   1 
ATOM   156  O O   . ILE A 1 26  ? -6.08769  -6.95046  1.89946   1.000 61.54023  ? 23  ILE A O   1 
ATOM   157  C CB  . ILE A 1 26  ? -4.92601  -5.12251  -0.65107  1.000 60.99875  ? 23  ILE A CB  1 
ATOM   158  C CG1 . ILE A 1 26  ? -4.29056  -5.39338  -2.01456  1.000 66.00498  ? 23  ILE A CG1 1 
ATOM   159  C CG2 . ILE A 1 26  ? -3.87629  -5.14793  0.44987   1.000 55.68182  ? 23  ILE A CG2 1 
ATOM   160  C CD1 . ILE A 1 26  ? -3.14228  -4.46862  -2.33726  1.000 71.49494  ? 23  ILE A CD1 1 
ATOM   161  N N   . ALA A 1 27  ? -7.30919  -5.11382  1.44323   1.000 66.14360  ? 24  ALA A N   1 
ATOM   162  C CA  . ALA A 1 27  ? -7.81457  -5.01342  2.80779   1.000 64.26367  ? 24  ALA A CA  1 
ATOM   163  C C   . ALA A 1 27  ? -8.63500  -6.24215  3.17912   1.000 68.57988  ? 24  ALA A C   1 
ATOM   164  O O   . ALA A 1 27  ? -8.47902  -6.80190  4.27036   1.000 69.24687  ? 24  ALA A O   1 
ATOM   165  C CB  . ALA A 1 27  ? -8.64525  -3.73996  2.96177   1.000 59.15040  ? 24  ALA A CB  1 
ATOM   166  N N   . LYS A 1 28  ? -9.50903  -6.68385  2.27174   1.000 66.87516  ? 25  LYS A N   1 
ATOM   167  C CA  . LYS A 1 28  ? -10.34148 -7.85048  2.54717   1.000 64.26999  ? 25  LYS A CA  1 
ATOM   168  C C   . LYS A 1 28  ? -9.49854  -9.11035  2.69894   1.000 65.57198  ? 25  LYS A C   1 
ATOM   169  O O   . LYS A 1 28  ? -9.76671  -9.94304  3.57229   1.000 73.05686  ? 25  LYS A O   1 
ATOM   170  C CB  . LYS A 1 28  ? -11.37810 -8.02732  1.43810   1.000 63.49862  ? 25  LYS A CB  1 
ATOM   171  C CG  . LYS A 1 28  ? -12.02078 -9.40356  1.40037   1.000 47.71411  ? 25  LYS A CG  1 
ATOM   172  C CD  . LYS A 1 28  ? -13.46558 -9.32566  0.93586   1.000 73.53750  ? 25  LYS A CD  1 
ATOM   173  C CE  . LYS A 1 28  ? -13.56274 -8.92823  -0.52914  1.000 74.19150  ? 25  LYS A CE  1 
ATOM   174  N NZ  . LYS A 1 28  ? -14.76437 -9.51730  -1.18716  1.000 76.46964  ? 25  LYS A NZ  1 
ATOM   175  N N   . GLY A 1 29  ? -8.47030  -9.26594  1.86369   1.000 64.51918  ? 26  GLY A N   1 
ATOM   176  C CA  . GLY A 1 29  ? -7.61164  -10.43349 1.97934   1.000 60.97433  ? 26  GLY A CA  1 
ATOM   177  C C   . GLY A 1 29  ? -6.80871  -10.44244 3.26580   1.000 61.59269  ? 26  GLY A C   1 
ATOM   178  O O   . GLY A 1 29  ? -6.68153  -11.48143 3.92264   1.000 69.42675  ? 26  GLY A O   1 
ATOM   179  N N   . LEU A 1 30  ? -6.25434  -9.28700  3.64495   1.000 65.91521  ? 27  LEU A N   1 
ATOM   180  C CA  . LEU A 1 30  ? -5.52274  -9.20172  4.90487   1.000 68.06046  ? 27  LEU A CA  1 
ATOM   181  C C   . LEU A 1 30  ? -6.44656  -9.44592  6.09224   1.000 74.75205  ? 27  LEU A C   1 
ATOM   182  O O   . LEU A 1 30  ? -6.03654  -10.04541 7.09346   1.000 64.20575  ? 27  LEU A O   1 
ATOM   183  C CB  . LEU A 1 30  ? -4.83998  -7.83966  5.02809   1.000 62.37670  ? 27  LEU A CB  1 
ATOM   184  C CG  . LEU A 1 30  ? -3.71947  -7.51462  4.03741   1.000 63.92120  ? 27  LEU A CG  1 
ATOM   185  C CD1 . LEU A 1 30  ? -3.48510  -6.01528  3.98644   1.000 57.56724  ? 27  LEU A CD1 1 
ATOM   186  C CD2 . LEU A 1 30  ? -2.43881  -8.24311  4.40354   1.000 59.58882  ? 27  LEU A CD2 1 
ATOM   187  N N   . ALA A 1 31  ? -7.69936  -8.99220  5.99707   1.000 70.69640  ? 28  ALA A N   1 
ATOM   188  C CA  . ALA A 1 31  ? -8.66228  -9.24845  7.06109   1.000 64.59416  ? 28  ALA A CA  1 
ATOM   189  C C   . ALA A 1 31  ? -8.99056  -10.73173 7.15684   1.000 76.32816  ? 28  ALA A C   1 
ATOM   190  O O   . ALA A 1 31  ? -9.04177  -11.29420 8.25761   1.000 72.32560  ? 28  ALA A O   1 
ATOM   191  C CB  . ALA A 1 31  ? -9.93068  -8.42903  6.82481   1.000 62.48067  ? 28  ALA A CB  1 
ATOM   192  N N   . SER A 1 32  ? -9.21333  -11.38066 6.01174   1.000 72.36695  ? 29  SER A N   1 
ATOM   193  C CA  . SER A 1 32  ? -9.46985  -12.81555 6.00755   1.000 75.94547  ? 29  SER A CA  1 
ATOM   194  C C   . SER A 1 32  ? -8.27171  -13.59747 6.52700   1.000 71.45688  ? 29  SER A C   1 
ATOM   195  O O   . SER A 1 32  ? -8.43708  -14.68748 7.08626   1.000 78.91324  ? 29  SER A O   1 
ATOM   196  C CB  . SER A 1 32  ? -9.84574  -13.27189 4.59792   1.000 71.83962  ? 29  SER A CB  1 
ATOM   197  O OG  . SER A 1 32  ? -8.69803  -13.39951 3.78040   1.000 75.73522  ? 29  SER A OG  1 
ATOM   198  N N   . ALA A 1 33  ? -7.06465  -13.06106 6.36098   1.000 69.83406  ? 30  ALA A N   1 
ATOM   199  C CA  . ALA A 1 33  ? -5.88260  -13.68810 6.93577   1.000 70.58317  ? 30  ALA A CA  1 
ATOM   200  C C   . ALA A 1 33  ? -5.75758  -13.45496 8.43769   1.000 69.04456  ? 30  ALA A C   1 
ATOM   201  O O   . ALA A 1 33  ? -4.81847  -13.97341 9.05033   1.000 65.10646  ? 30  ALA A O   1 
ATOM   202  C CB  . ALA A 1 33  ? -4.62361  -13.18986 6.22319   1.000 67.57110  ? 30  ALA A CB  1 
ATOM   203  N N   . GLY A 1 34  ? -6.66638  -12.69259 9.04210   1.000 68.83071  ? 31  GLY A N   1 
ATOM   204  C CA  . GLY A 1 34  ? -6.69559  -12.53256 10.48128  1.000 69.79419  ? 31  GLY A CA  1 
ATOM   205  C C   . GLY A 1 34  ? -6.00116  -11.30651 11.02679  1.000 70.30500  ? 31  GLY A C   1 
ATOM   206  O O   . GLY A 1 34  ? -5.81315  -11.21542 12.24630  1.000 72.35073  ? 31  GLY A O   1 
ATOM   207  N N   . ALA A 1 35  ? -5.61512  -10.36284 10.17479  1.000 77.55495  ? 32  ALA A N   1 
ATOM   208  C CA  . ALA A 1 35  ? -4.96237  -9.15348  10.64362  1.000 65.91549  ? 32  ALA A CA  1 
ATOM   209  C C   . ALA A 1 35  ? -5.99721  -8.11245  11.06222  1.000 63.68817  ? 32  ALA A C   1 
ATOM   210  O O   . ALA A 1 35  ? -7.19548  -8.23812  10.79560  1.000 64.93597  ? 32  ALA A O   1 
ATOM   211  C CB  . ALA A 1 35  ? -4.04806  -8.58354  9.56002   1.000 67.25489  ? 32  ALA A CB  1 
ATOM   212  N N   . THR A 1 36  ? -5.51640  -7.07228  11.73740  1.000 64.83447  ? 33  THR A N   1 
ATOM   213  C CA  . THR A 1 36  ? -6.31615  -5.89175  12.04037  1.000 64.67586  ? 33  THR A CA  1 
ATOM   214  C C   . THR A 1 36  ? -6.04906  -4.87540  10.93642  1.000 69.34388  ? 33  THR A C   1 
ATOM   215  O O   . THR A 1 36  ? -4.97498  -4.26728  10.88938  1.000 66.23135  ? 33  THR A O   1 
ATOM   216  C CB  . THR A 1 36  ? -5.97417  -5.32062  13.41537  1.000 68.29692  ? 33  THR A CB  1 
ATOM   217  O OG1 . THR A 1 36  ? -6.23827  -6.30244  14.42785  1.000 68.33047  ? 33  THR A OG1 1 
ATOM   218  C CG2 . THR A 1 36  ? -6.81263  -4.08241  13.69354  1.000 59.93069  ? 33  THR A CG2 1 
ATOM   219  N N   . VAL A 1 37  ? -7.01977  -4.70374  10.04490  1.000 64.84183  ? 34  VAL A N   1 
ATOM   220  C CA  . VAL A 1 37  ? -6.85619  -3.90137  8.83932   1.000 67.31675  ? 34  VAL A CA  1 
ATOM   221  C C   . VAL A 1 37  ? -7.45596  -2.52382  9.07797   1.000 73.87048  ? 34  VAL A C   1 
ATOM   222  O O   . VAL A 1 37  ? -8.57945  -2.40516  9.58254   1.000 60.03857  ? 34  VAL A O   1 
ATOM   223  C CB  . VAL A 1 37  ? -7.51111  -4.58677  7.62797   1.000 70.30235  ? 34  VAL A CB  1 
ATOM   224  C CG1 . VAL A 1 37  ? -7.38814  -3.71653  6.38806   1.000 65.11940  ? 34  VAL A CG1 1 
ATOM   225  C CG2 . VAL A 1 37  ? -6.88735  -5.95470  7.39747   1.000 65.70288  ? 34  VAL A CG2 1 
ATOM   226  N N   . VAL A 1 38  ? -6.71147  -1.48411  8.71435   1.000 71.49654  ? 35  VAL A N   1 
ATOM   227  C CA  . VAL A 1 38  ? -7.16025  -0.10313  8.83740   1.000 64.05576  ? 35  VAL A CA  1 
ATOM   228  C C   . VAL A 1 38  ? -7.50161  0.39664   7.44053   1.000 66.33514  ? 35  VAL A C   1 
ATOM   229  O O   . VAL A 1 38  ? -6.62186  0.51576   6.57912   1.000 68.41933  ? 35  VAL A O   1 
ATOM   230  C CB  . VAL A 1 38  ? -6.10286  0.78326   9.50675   1.000 65.09815  ? 35  VAL A CB  1 
ATOM   231  C CG1 . VAL A 1 38  ? -6.61956  2.20520   9.64396   1.000 58.19756  ? 35  VAL A CG1 1 
ATOM   232  C CG2 . VAL A 1 38  ? -5.71906  0.21361   10.86733  1.000 62.52372  ? 35  VAL A CG2 1 
ATOM   233  N N   . VAL A 1 39  ? -8.77915  0.68325   7.21451   1.000 64.82391  ? 36  VAL A N   1 
ATOM   234  C CA  . VAL A 1 39  ? -9.25883  1.19263   5.93439   1.000 65.22268  ? 36  VAL A CA  1 
ATOM   235  C C   . VAL A 1 39  ? -9.21044  2.71397   5.98185   1.000 74.98544  ? 36  VAL A C   1 
ATOM   236  O O   . VAL A 1 39  ? -9.80709  3.33207   6.86940   1.000 73.68757  ? 36  VAL A O   1 
ATOM   237  C CB  . VAL A 1 39  ? -10.68102 0.69358   5.63871   1.000 57.09495  ? 36  VAL A CB  1 
ATOM   238  C CG1 . VAL A 1 39  ? -11.16105 1.21522   4.29674   1.000 69.52277  ? 36  VAL A CG1 1 
ATOM   239  C CG2 . VAL A 1 39  ? -10.72652 -0.82569  5.67970   1.000 60.32037  ? 36  VAL A CG2 1 
ATOM   240  N N   . VAL A 1 40  ? -8.50156  3.32236   5.03327   1.000 69.91709  ? 37  VAL A N   1 
ATOM   241  C CA  . VAL A 1 40  ? -8.26892  4.76276   5.03520   1.000 62.85277  ? 37  VAL A CA  1 
ATOM   242  C C   . VAL A 1 40  ? -8.76589  5.34487   3.71908   1.000 71.93307  ? 37  VAL A C   1 
ATOM   243  O O   . VAL A 1 40  ? -8.33154  4.92204   2.63977   1.000 84.35441  ? 37  VAL A O   1 
ATOM   244  C CB  . VAL A 1 40  ? -6.78755  5.10406   5.25693   1.000 68.97671  ? 37  VAL A CB  1 
ATOM   245  C CG1 . VAL A 1 40  ? -6.64969  6.53452   5.75294   1.000 73.11763  ? 37  VAL A CG1 1 
ATOM   246  C CG2 . VAL A 1 40  ? -6.15358  4.13121   6.23924   1.000 64.41731  ? 37  VAL A CG2 1 
ATOM   247  N N   . GLY A 1 41  ? -9.66987  6.31642   3.81425   1.000 72.35677  ? 38  GLY A N   1 
ATOM   248  C CA  . GLY A 1 41  ? -10.14739 7.04483   2.65411   1.000 71.18880  ? 38  GLY A CA  1 
ATOM   249  C C   . GLY A 1 41  ? -10.45508 8.47449   3.04364   1.000 78.40864  ? 38  GLY A C   1 
ATOM   250  O O   . GLY A 1 41  ? -10.54272 8.81124   4.22839   1.000 86.04389  ? 38  GLY A O   1 
ATOM   251  N N   . ARG A 1 42  ? -10.62027 9.32118   2.02454   1.000 84.69857  ? 39  ARG A N   1 
ATOM   252  C CA  . ARG A 1 42  ? -10.85561 10.73963  2.27833   1.000 81.71630  ? 39  ARG A CA  1 
ATOM   253  C C   . ARG A 1 42  ? -12.22991 10.99095  2.88806   1.000 87.94852  ? 39  ARG A C   1 
ATOM   254  O O   . ARG A 1 42  ? -12.38620 11.91169  3.69881   1.000 87.01662  ? 39  ARG A O   1 
ATOM   255  C CB  . ARG A 1 42  ? -10.69723 11.53704  0.98403   1.000 74.67792  ? 39  ARG A CB  1 
ATOM   256  N N   . LYS A 1 43  ? -13.22824 10.19407  2.51773   1.000 81.20155  ? 40  LYS A N   1 
ATOM   257  C CA  . LYS A 1 43  ? -14.60011 10.37692  2.97185   1.000 79.97407  ? 40  LYS A CA  1 
ATOM   258  C C   . LYS A 1 43  ? -14.98927 9.23382   3.89947   1.000 89.56451  ? 40  LYS A C   1 
ATOM   259  O O   . LYS A 1 43  ? -14.83298 8.06012   3.54508   1.000 87.37887  ? 40  LYS A O   1 
ATOM   260  C CB  . LYS A 1 43  ? -15.56250 10.44936  1.78414   1.000 72.46775  ? 40  LYS A CB  1 
ATOM   261  N N   . GLN A 1 44  ? -15.50339 9.58351   5.08275   1.000 89.96823  ? 41  GLN A N   1 
ATOM   262  C CA  . GLN A 1 44  ? -15.86403 8.57212   6.07207   1.000 81.37122  ? 41  GLN A CA  1 
ATOM   263  C C   . GLN A 1 44  ? -16.96150 7.64655   5.56048   1.000 81.92457  ? 41  GLN A C   1 
ATOM   264  O O   . GLN A 1 44  ? -17.01829 6.47372   5.95231   1.000 75.51805  ? 41  GLN A O   1 
ATOM   265  C CB  . GLN A 1 44  ? -16.29481 9.25302   7.37337   1.000 86.94947  ? 41  GLN A CB  1 
ATOM   266  C CG  . GLN A 1 44  ? -16.77867 8.30276   8.45980   1.000 77.22003  ? 41  GLN A CG  1 
ATOM   267  C CD  . GLN A 1 44  ? -15.64893 7.52311   9.10241   1.000 73.59261  ? 41  GLN A CD  1 
ATOM   268  O OE1 . GLN A 1 44  ? -14.67931 8.10116   9.59394   1.000 80.36285  ? 41  GLN A OE1 1 
ATOM   269  N NE2 . GLN A 1 44  ? -15.76759 6.20097   9.09865   1.000 67.87641  ? 41  GLN A NE2 1 
ATOM   270  N N   . ALA A 1 45  ? -17.83780 8.14943   4.68804   1.000 77.08654  ? 42  ALA A N   1 
ATOM   271  C CA  . ALA A 1 45  ? -18.87391 7.30122   4.10785   1.000 74.05651  ? 42  ALA A CA  1 
ATOM   272  C C   . ALA A 1 45  ? -18.25859 6.14574   3.32872   1.000 82.82954  ? 42  ALA A C   1 
ATOM   273  O O   . ALA A 1 45  ? -18.66644 4.98714   3.48377   1.000 84.70529  ? 42  ALA A O   1 
ATOM   274  C CB  . ALA A 1 45  ? -19.78987 8.13280   3.20993   1.000 66.09647  ? 42  ALA A CB  1 
ATOM   275  N N   . GLY A 1 46  ? -17.27068 6.44631   2.48255   1.000 84.62989  ? 43  GLY A N   1 
ATOM   276  C CA  . GLY A 1 46  ? -16.60029 5.39230   1.74098   1.000 75.53669  ? 43  GLY A CA  1 
ATOM   277  C C   . GLY A 1 46  ? -15.89071 4.40730   2.64818   1.000 76.64779  ? 43  GLY A C   1 
ATOM   278  O O   . GLY A 1 46  ? -15.88955 3.20123   2.38924   1.000 82.29229  ? 43  GLY A O   1 
ATOM   279  N N   . VAL A 1 47  ? -15.28728 4.90666   3.73024   1.000 68.94607  ? 44  VAL A N   1 
ATOM   280  C CA  . VAL A 1 47  ? -14.63088 4.02723   4.69498   1.000 73.25593  ? 44  VAL A CA  1 
ATOM   281  C C   . VAL A 1 47  ? -15.63963 3.05829   5.29960   1.000 76.96187  ? 44  VAL A C   1 
ATOM   282  O O   . VAL A 1 47  ? -15.39015 1.84933   5.39322   1.000 75.29830  ? 44  VAL A O   1 
ATOM   283  C CB  . VAL A 1 47  ? -13.92721 4.85718   5.78367   1.000 74.99389  ? 44  VAL A CB  1 
ATOM   284  C CG1 . VAL A 1 47  ? -13.19090 3.94668   6.75521   1.000 72.69700  ? 44  VAL A CG1 1 
ATOM   285  C CG2 . VAL A 1 47  ? -12.97472 5.86293   5.15645   1.000 72.16939  ? 44  VAL A CG2 1 
ATOM   286  N N   . ASP A 1 48  ? -16.79754 3.57859   5.71761   1.000 77.95251  ? 45  ASP A N   1 
ATOM   287  C CA  . ASP A 1 48  ? -17.81546 2.72974   6.32937   1.000 77.46519  ? 45  ASP A CA  1 
ATOM   288  C C   . ASP A 1 48  ? -18.33349 1.69012   5.34374   1.000 79.11352  ? 45  ASP A C   1 
ATOM   289  O O   . ASP A 1 48  ? -18.49150 0.51247   5.69445   1.000 71.78440  ? 45  ASP A O   1 
ATOM   290  C CB  . ASP A 1 48  ? -18.96632 3.58727   6.85796   1.000 74.19932  ? 45  ASP A CB  1 
ATOM   291  C CG  . ASP A 1 48  ? -18.52337 4.55836   7.93470   1.000 77.40485  ? 45  ASP A CG  1 
ATOM   292  O OD1 . ASP A 1 48  ? -19.08347 5.67365   8.00507   1.000 81.65995  ? 45  ASP A OD1 1 
ATOM   293  O OD2 . ASP A 1 48  ? -17.60967 4.20659   8.70873   1.000 75.62760  ? 45  ASP A OD2 1 
ATOM   294  N N   . GLU A 1 49  ? -18.60008 2.10450   4.10206   1.000 77.89019  ? 46  GLU A N   1 
ATOM   295  C CA  . GLU A 1 49  ? -19.09982 1.15459   3.11248   1.000 80.41551  ? 46  GLU A CA  1 
ATOM   296  C C   . GLU A 1 49  ? -18.05662 0.09483   2.77279   1.000 80.80620  ? 46  GLU A C   1 
ATOM   297  O O   . GLU A 1 49  ? -18.40868 -1.07160  2.55517   1.000 81.54078  ? 46  GLU A O   1 
ATOM   298  C CB  . GLU A 1 49  ? -19.56341 1.89830   1.85909   1.000 80.23974  ? 46  GLU A CB  1 
ATOM   299  C CG  . GLU A 1 49  ? -20.55927 3.01402   2.15976   1.000 95.91865  ? 46  GLU A CG  1 
ATOM   300  C CD  . GLU A 1 49  ? -21.17597 3.62314   0.91655   1.000 111.55100 ? 46  GLU A CD  1 
ATOM   301  O OE1 . GLU A 1 49  ? -22.37859 3.38865   0.67225   1.000 121.21372 ? 46  GLU A OE1 1 
ATOM   302  O OE2 . GLU A 1 49  ? -20.46038 4.34109   0.18668   1.000 98.98883  ? 46  GLU A OE2 1 
ATOM   303  N N   . ALA A 1 50  ? -16.77287 0.46462   2.75804   1.000 76.62859  ? 47  ALA A N   1 
ATOM   304  C CA  . ALA A 1 50  ? -15.72472 -0.52422  2.52707   1.000 75.74476  ? 47  ALA A CA  1 
ATOM   305  C C   . ALA A 1 50  ? -15.63744 -1.51793  3.67966   1.000 75.70941  ? 47  ALA A C   1 
ATOM   306  O O   . ALA A 1 50  ? -15.49135 -2.72680  3.45501   1.000 75.88667  ? 47  ALA A O   1 
ATOM   307  C CB  . ALA A 1 50  ? -14.38182 0.17427   2.31627   1.000 80.02818  ? 47  ALA A CB  1 
ATOM   308  N N   . ILE A 1 51  ? -15.71758 -1.02735  4.92035   1.000 79.25081  ? 48  ILE A N   1 
ATOM   309  C CA  . ILE A 1 51  ? -15.71080 -1.92451  6.07467   1.000 71.29400  ? 48  ILE A CA  1 
ATOM   310  C C   . ILE A 1 51  ? -16.88941 -2.88903  6.00322   1.000 75.80250  ? 48  ILE A C   1 
ATOM   311  O O   . ILE A 1 51  ? -16.75495 -4.08431  6.29862   1.000 74.78043  ? 48  ILE A O   1 
ATOM   312  C CB  . ILE A 1 51  ? -15.72104 -1.11434  7.38522   1.000 63.97421  ? 48  ILE A CB  1 
ATOM   313  C CG1 . ILE A 1 51  ? -14.46792 -0.23778  7.49563   1.000 58.47846  ? 48  ILE A CG1 1 
ATOM   314  C CG2 . ILE A 1 51  ? -15.85595 -2.04077  8.58778   1.000 81.26225  ? 48  ILE A CG2 1 
ATOM   315  C CD1 . ILE A 1 51  ? -13.33501 -0.84721  8.29165   1.000 72.12354  ? 48  ILE A CD1 1 
ATOM   316  N N   . ALA A 1 52  ? -18.05948 -2.38827  5.59700   1.000 74.61929  ? 49  ALA A N   1 
ATOM   317  C CA  . ALA A 1 52  ? -19.23541 -3.24708  5.47487   1.000 80.67140  ? 49  ALA A CA  1 
ATOM   318  C C   . ALA A 1 52  ? -19.03385 -4.31196  4.40116   1.000 84.71966  ? 49  ALA A C   1 
ATOM   319  O O   . ALA A 1 52  ? -19.37131 -5.48739  4.60088   1.000 85.42944  ? 49  ALA A O   1 
ATOM   320  C CB  . ALA A 1 52  ? -20.47041 -2.40044  5.16963   1.000 81.94423  ? 49  ALA A CB  1 
ATOM   321  N N   . HIS A 1 53  ? -18.49554 -3.91240  3.24446   1.000 87.05485  ? 50  HIS A N   1 
ATOM   322  C CA  . HIS A 1 53  ? -18.19740 -4.88124  2.19365   1.000 85.10698  ? 50  HIS A CA  1 
ATOM   323  C C   . HIS A 1 53  ? -17.25255 -5.96312  2.69751   1.000 84.88319  ? 50  HIS A C   1 
ATOM   324  O O   . HIS A 1 53  ? -17.44719 -7.15104  2.41201   1.000 80.01549  ? 50  HIS A O   1 
ATOM   325  C CB  . HIS A 1 53  ? -17.59683 -4.17484  0.97698   1.000 89.90742  ? 50  HIS A CB  1 
ATOM   326  C CG  . HIS A 1 53  ? -17.01961 -5.10932  -0.04242  1.000 93.62899  ? 50  HIS A CG  1 
ATOM   327  N ND1 . HIS A 1 53  ? -17.68958 -5.45612  -1.19588  1.000 96.82519  ? 50  HIS A ND1 1 
ATOM   328  C CD2 . HIS A 1 53  ? -15.83404 -5.76384  -0.08535  1.000 87.28233  ? 50  HIS A CD2 1 
ATOM   329  C CE1 . HIS A 1 53  ? -16.94448 -6.28750  -1.90234  1.000 96.32164  ? 50  HIS A CE1 1 
ATOM   330  N NE2 . HIS A 1 53  ? -15.81405 -6.49142  -1.25017  1.000 87.24416  ? 50  HIS A NE2 1 
ATOM   331  N N   . ILE A 1 54  ? -16.21715 -5.56962  3.44227   1.000 83.52116  ? 51  ILE A N   1 
ATOM   332  C CA  . ILE A 1 54  ? -15.27277 -6.55061  3.97238   1.000 79.35408  ? 51  ILE A CA  1 
ATOM   333  C C   . ILE A 1 54  ? -15.98136 -7.50817  4.92309   1.000 83.36984  ? 51  ILE A C   1 
ATOM   334  O O   . ILE A 1 54  ? -15.81266 -8.73055  4.84118   1.000 83.05008  ? 51  ILE A O   1 
ATOM   335  C CB  . ILE A 1 54  ? -14.08807 -5.84528  4.65549   1.000 77.04964  ? 51  ILE A CB  1 
ATOM   336  C CG1 . ILE A 1 54  ? -13.33203 -4.97827  3.64953   1.000 68.44302  ? 51  ILE A CG1 1 
ATOM   337  C CG2 . ILE A 1 54  ? -13.14973 -6.86266  5.27831   1.000 70.16281  ? 51  ILE A CG2 1 
ATOM   338  C CD1 . ILE A 1 54  ? -11.99267 -4.50106  4.15179   1.000 60.79218  ? 51  ILE A CD1 1 
ATOM   339  N N   . ARG A 1 55  ? -16.80021 -6.96629  5.82977   1.000 87.16574  ? 52  ARG A N   1 
ATOM   340  C CA  . ARG A 1 55  ? -17.51856 -7.81602  6.77657   1.000 86.25769  ? 52  ARG A CA  1 
ATOM   341  C C   . ARG A 1 55  ? -18.44740 -8.79279  6.06680   1.000 82.49680  ? 52  ARG A C   1 
ATOM   342  O O   . ARG A 1 55  ? -18.67019 -9.90363  6.56237   1.000 79.28097  ? 52  ARG A O   1 
ATOM   343  C CB  . ARG A 1 55  ? -18.30748 -6.95810  7.76621   1.000 75.16091  ? 52  ARG A CB  1 
ATOM   344  C CG  . ARG A 1 55  ? -17.43035 -6.16802  8.72133   1.000 81.07071  ? 52  ARG A CG  1 
ATOM   345  C CD  . ARG A 1 55  ? -18.11640 -5.93044  10.05382  1.000 64.91037  ? 52  ARG A CD  1 
ATOM   346  N NE  . ARG A 1 55  ? -17.88516 -4.57554  10.54652  1.000 64.38419  ? 52  ARG A NE  1 
ATOM   347  C CZ  . ARG A 1 55  ? -16.90652 -4.24197  11.38222  1.000 67.43058  ? 52  ARG A CZ  1 
ATOM   348  N NH1 . ARG A 1 55  ? -16.05991 -5.16598  11.81989  1.000 56.58362  ? 52  ARG A NH1 1 
ATOM   349  N NH2 . ARG A 1 55  ? -16.77214 -2.98352  11.78000  1.000 61.10055  ? 52  ARG A NH2 1 
ATOM   350  N N   . GLN A 1 56  ? -18.99526 -8.39777  4.91245   1.000 86.04868  ? 53  GLN A N   1 
ATOM   351  C CA  . GLN A 1 56  ? -19.85040 -9.30073  4.14244   1.000 74.79380  ? 53  GLN A CA  1 
ATOM   352  C C   . GLN A 1 56  ? -19.17142 -10.63934 3.87650   1.000 79.50779  ? 53  GLN A C   1 
ATOM   353  O O   . GLN A 1 56  ? -19.81087 -11.69523 3.95457   1.000 82.98248  ? 53  GLN A O   1 
ATOM   354  C CB  . GLN A 1 56  ? -20.24337 -8.65551  2.81364   1.000 91.23904  ? 53  GLN A CB  1 
ATOM   355  C CG  . GLN A 1 56  ? -21.46559 -7.76501  2.86118   1.000 97.22691  ? 53  GLN A CG  1 
ATOM   356  C CD  . GLN A 1 56  ? -21.77860 -7.15821  1.50737   1.000 110.58507 ? 53  GLN A CD  1 
ATOM   357  O OE1 . GLN A 1 56  ? -21.74844 -7.84373  0.48481   1.000 122.92933 ? 53  GLN A OE1 1 
ATOM   358  N NE2 . GLN A 1 56  ? -22.07296 -5.86406  1.49280   1.000 106.89988 ? 53  GLN A NE2 1 
ATOM   359  N N   . SER A 1 57  ? -17.87755 -10.61443 3.55298   1.000 81.00884  ? 54  SER A N   1 
ATOM   360  C CA  . SER A 1 57  ? -17.15092 -11.81610 3.15598   1.000 83.02610  ? 54  SER A CA  1 
ATOM   361  C C   . SER A 1 57  ? -16.43299 -12.48133 4.32711   1.000 77.37825  ? 54  SER A C   1 
ATOM   362  O O   . SER A 1 57  ? -16.54144 -13.69781 4.51005   1.000 77.58183  ? 54  SER A O   1 
ATOM   363  C CB  . SER A 1 57  ? -16.15574 -11.48166 2.03845   1.000 81.03883  ? 54  SER A CB  1 
ATOM   364  O OG  . SER A 1 57  ? -16.78740 -10.77450 0.98445   1.000 77.62773  ? 54  SER A OG  1 
ATOM   365  N N   . VAL A 1 58  ? -15.69112 -11.71284 5.12264   1.000 81.45764  ? 55  VAL A N   1 
ATOM   366  C CA  . VAL A 1 58  ? -15.05952 -12.22467 6.33289   1.000 83.71116  ? 55  VAL A CA  1 
ATOM   367  C C   . VAL A 1 58  ? -15.92405 -11.80121 7.51930   1.000 78.57825  ? 55  VAL A C   1 
ATOM   368  O O   . VAL A 1 58  ? -16.02792 -10.59481 7.79955   1.000 79.53427  ? 55  VAL A O   1 
ATOM   369  C CB  . VAL A 1 58  ? -13.60651 -11.74389 6.47601   1.000 79.97192  ? 55  VAL A CB  1 
ATOM   370  C CG1 . VAL A 1 58  ? -13.48120 -10.25644 6.21274   1.000 78.20801  ? 55  VAL A CG1 1 
ATOM   371  C CG2 . VAL A 1 58  ? -13.05362 -12.10198 7.84696   1.000 76.81435  ? 55  VAL A CG2 1 
ATOM   372  N N   . PRO A 1 59  ? -16.57025 -12.73316 8.22012   1.000 92.05263  ? 56  PRO A N   1 
ATOM   373  C CA  . PRO A 1 59  ? -17.56103 -12.34916 9.23626   1.000 86.94019  ? 56  PRO A CA  1 
ATOM   374  C C   . PRO A 1 59  ? -16.94380 -11.75514 10.49383  1.000 87.54808  ? 56  PRO A C   1 
ATOM   375  O O   . PRO A 1 59  ? -17.32269 -10.65788 10.91602  1.000 82.30190  ? 56  PRO A O   1 
ATOM   376  C CB  . PRO A 1 59  ? -18.27819 -13.67081 9.53720   1.000 87.83052  ? 56  PRO A CB  1 
ATOM   377  C CG  . PRO A 1 59  ? -17.27131 -14.72885 9.20652   1.000 93.89733  ? 56  PRO A CG  1 
ATOM   378  C CD  . PRO A 1 59  ? -16.45831 -14.19434 8.06472   1.000 91.66713  ? 56  PRO A CD  1 
ATOM   379  N N   . GLU A 1 60  ? -16.00452 -12.47052 11.10540  1.000 81.66619  ? 57  GLU A N   1 
ATOM   380  C CA  . GLU A 1 60  ? -15.33595 -12.00195 12.31825  1.000 79.09283  ? 57  GLU A CA  1 
ATOM   381  C C   . GLU A 1 60  ? -14.08663 -11.19293 11.98387  1.000 85.64136  ? 57  GLU A C   1 
ATOM   382  O O   . GLU A 1 60  ? -12.98607 -11.47634 12.45258  1.000 77.51533  ? 57  GLU A O   1 
ATOM   383  C CB  . GLU A 1 60  ? -15.00391 -13.18857 13.21434  1.000 86.42455  ? 57  GLU A CB  1 
ATOM   384  C CG  . GLU A 1 60  ? -16.22185 -14.00167 13.62553  1.000 99.77472  ? 57  GLU A CG  1 
ATOM   385  C CD  . GLU A 1 60  ? -17.30100 -13.14053 14.24927  1.000 107.54343 ? 57  GLU A CD  1 
ATOM   386  O OE1 . GLU A 1 60  ? -18.42179 -13.09436 13.69885  1.000 107.10590 ? 57  GLU A OE1 1 
ATOM   387  O OE2 . GLU A 1 60  ? -17.02546 -12.50518 15.28876  1.000 107.44351 ? 57  GLU A OE2 1 
ATOM   388  N N   . ALA A 1 61  ? -14.25677 -10.17047 11.15283  1.000 74.42470  ? 58  ALA A N   1 
ATOM   389  C CA  . ALA A 1 61  ? -13.13203 -9.37611  10.68641  1.000 77.57372  ? 58  ALA A CA  1 
ATOM   390  C C   . ALA A 1 61  ? -12.70678 -8.37331  11.74909  1.000 72.99557  ? 58  ALA A C   1 
ATOM   391  O O   . ALA A 1 61  ? -13.54079 -7.82549  12.47743  1.000 76.67405  ? 58  ALA A O   1 
ATOM   392  C CB  . ALA A 1 61  ? -13.50420 -8.64845  9.39470   1.000 77.56214  ? 58  ALA A CB  1 
ATOM   393  N N   . SER A 1 62  ? -11.40107 -8.13916  11.83890  1.000 66.03718  ? 59  SER A N   1 
ATOM   394  C CA  . SER A 1 62  ? -10.84551 -7.14469  12.75317  1.000 61.29584  ? 59  SER A CA  1 
ATOM   395  C C   . SER A 1 62  ? -10.54191 -5.89002  11.93835  1.000 68.18344  ? 59  SER A C   1 
ATOM   396  O O   . SER A 1 62  ? -9.57301  -5.85771  11.17330  1.000 65.94500  ? 59  SER A O   1 
ATOM   397  C CB  . SER A 1 62  ? -9.60791  -7.69524  13.45433  1.000 47.03269  ? 59  SER A CB  1 
ATOM   398  O OG  . SER A 1 62  ? -8.89775  -6.65034  14.10138  1.000 67.40483  ? 59  SER A OG  1 
ATOM   399  N N   . LEU A 1 63  ? -11.38167 -4.86061  12.09740  1.000 66.68187  ? 60  LEU A N   1 
ATOM   400  C CA  . LEU A 1 63  ? -11.38510 -3.71815  11.19169  1.000 64.37438  ? 60  LEU A CA  1 
ATOM   401  C C   . LEU A 1 63  ? -11.53795 -2.41222  11.95241  1.000 65.26923  ? 60  LEU A C   1 
ATOM   402  O O   . LEU A 1 63  ? -12.42385 -2.28641  12.80110  1.000 77.89025  ? 60  LEU A O   1 
ATOM   403  C CB  . LEU A 1 63  ? -12.51164 -3.84451  10.15996  1.000 65.80591  ? 60  LEU A CB  1 
ATOM   404  C CG  . LEU A 1 63  ? -12.58445 -5.10721  9.30416   1.000 69.10681  ? 60  LEU A CG  1 
ATOM   405  C CD1 . LEU A 1 63  ? -13.87572 -5.13806  8.50523   1.000 68.24622  ? 60  LEU A CD1 1 
ATOM   406  C CD2 . LEU A 1 63  ? -11.37197 -5.21164  8.39044   1.000 71.12660  ? 60  LEU A CD2 1 
ATOM   407  N N   . ARG A 1 64  ? -10.68126 -1.44808  11.62729  1.000 73.52693  ? 61  ARG A N   1 
ATOM   408  C CA  . ARG A 1 64  ? -10.80788 -0.05712  12.03427  1.000 68.79460  ? 61  ARG A CA  1 
ATOM   409  C C   . ARG A 1 64  ? -10.79666 0.82232   10.79068  1.000 69.95272  ? 61  ARG A C   1 
ATOM   410  O O   . ARG A 1 64  ? -10.49081 0.36934   9.68500   1.000 68.38375  ? 61  ARG A O   1 
ATOM   411  C CB  . ARG A 1 64  ? -9.67707  0.37026   12.98039  1.000 69.68827  ? 61  ARG A CB  1 
ATOM   412  C CG  . ARG A 1 64  ? -9.49738  -0.49786  14.20635  1.000 64.34645  ? 61  ARG A CG  1 
ATOM   413  C CD  . ARG A 1 64  ? -8.25348  -0.08566  14.97147  1.000 53.49264  ? 61  ARG A CD  1 
ATOM   414  N NE  . ARG A 1 64  ? -7.69031  -1.17990  15.75481  1.000 71.72975  ? 61  ARG A NE  1 
ATOM   415  C CZ  . ARG A 1 64  ? -6.42376  -1.23184  16.15249  1.000 70.55402  ? 61  ARG A CZ  1 
ATOM   416  N NH1 . ARG A 1 64  ? -5.59032  -0.25324  15.83346  1.000 54.07312  ? 61  ARG A NH1 1 
ATOM   417  N NH2 . ARG A 1 64  ? -5.98902  -2.26203  16.86585  1.000 71.67055  ? 61  ARG A NH2 1 
ATOM   418  N N   . GLY A 1 65  ? -11.12932 2.09168   10.97742  1.000 76.45991  ? 62  GLY A N   1 
ATOM   419  C CA  . GLY A 1 65  ? -11.17360 3.03006   9.87085   1.000 60.76356  ? 62  GLY A CA  1 
ATOM   420  C C   . GLY A 1 65  ? -10.64451 4.38754   10.27950  1.000 70.80615  ? 62  GLY A C   1 
ATOM   421  O O   . GLY A 1 65  ? -10.73139 4.78909   11.44224  1.000 63.94302  ? 62  GLY A O   1 
ATOM   422  N N   . VAL A 1 66  ? -10.06617 5.08715   9.30187   1.000 65.47086  ? 63  VAL A N   1 
ATOM   423  C CA  . VAL A 1 66  ? -9.59049  6.45864   9.46648   1.000 62.81329  ? 63  VAL A CA  1 
ATOM   424  C C   . VAL A 1 66  ? -10.00703 7.24306   8.23041   1.000 71.21724  ? 63  VAL A C   1 
ATOM   425  O O   . VAL A 1 66  ? -9.64420  6.87106   7.10928   1.000 81.23532  ? 63  VAL A O   1 
ATOM   426  C CB  . VAL A 1 66  ? -8.06357  6.54073   9.64993   1.000 56.45900  ? 63  VAL A CB  1 
ATOM   427  C CG1 . VAL A 1 66  ? -7.65894  7.94795   10.05192  1.000 62.98943  ? 63  VAL A CG1 1 
ATOM   428  C CG2 . VAL A 1 66  ? -7.57602  5.52765   10.67911  1.000 56.78550  ? 63  VAL A CG2 1 
ATOM   429  N N   . ASP A 1 67  ? -10.76392 8.32190   8.42373   1.000 69.24535  ? 64  ASP A N   1 
ATOM   430  C CA  . ASP A 1 67  ? -11.15874 9.18471   7.31104   1.000 78.70193  ? 64  ASP A CA  1 
ATOM   431  C C   . ASP A 1 67  ? -10.12657 10.30361  7.19642   1.000 83.28931  ? 64  ASP A C   1 
ATOM   432  O O   . ASP A 1 67  ? -10.12301 11.25496  7.98122   1.000 85.66808  ? 64  ASP A O   1 
ATOM   433  C CB  . ASP A 1 67  ? -12.58366 9.70716   7.49092   1.000 82.94674  ? 64  ASP A CB  1 
ATOM   434  C CG  . ASP A 1 67  ? -12.74163 10.61952  8.69396   1.000 91.17813  ? 64  ASP A CG  1 
ATOM   435  O OD1 . ASP A 1 67  ? -12.17434 10.31229  9.76296   1.000 94.36029  ? 64  ASP A OD1 1 
ATOM   436  O OD2 . ASP A 1 67  ? -13.43580 11.65068  8.56374   1.000 96.14598  ? 64  ASP A OD2 1 
ATOM   437  N N   . ALA A 1 68  ? -9.22828  10.17741  6.22223   1.000 82.80823  ? 65  ALA A N   1 
ATOM   438  C CA  . ALA A 1 68  ? -8.14926  11.13811  6.05514   1.000 82.71446  ? 65  ALA A CA  1 
ATOM   439  C C   . ALA A 1 68  ? -7.74343  11.19043  4.59090   1.000 83.39402  ? 65  ALA A C   1 
ATOM   440  O O   . ALA A 1 68  ? -8.01102  10.26797  3.81670   1.000 82.41430  ? 65  ALA A O   1 
ATOM   441  C CB  . ALA A 1 68  ? -6.94065  10.78677  6.93153   1.000 78.54036  ? 65  ALA A CB  1 
ATOM   442  N N   . ASP A 1 69  ? -7.09255  12.28998  4.22179   1.000 84.20786  ? 66  ASP A N   1 
ATOM   443  C CA  . ASP A 1 69  ? -6.54657  12.49084  2.88153   1.000 79.91892  ? 66  ASP A CA  1 
ATOM   444  C C   . ASP A 1 69  ? -5.03172  12.34890  2.98906   1.000 79.14169  ? 66  ASP A C   1 
ATOM   445  O O   . ASP A 1 69  ? -4.33114  13.30832  3.32345   1.000 77.85354  ? 66  ASP A O   1 
ATOM   446  C CB  . ASP A 1 69  ? -6.94919  13.85478  2.32760   1.000 88.26998  ? 66  ASP A CB  1 
ATOM   447  C CG  . ASP A 1 69  ? -6.56496  14.03445  0.87031   1.000 93.47491  ? 66  ASP A CG  1 
ATOM   448  O OD1 . ASP A 1 69  ? -5.96876  13.10563  0.28395   1.000 90.05399  ? 66  ASP A OD1 1 
ATOM   449  O OD2 . ASP A 1 69  ? -6.86250  15.10929  0.30901   1.000 92.00340  ? 66  ASP A OD2 1 
ATOM   450  N N   . LEU A 1 70  ? -4.52800  11.14881  2.69680   1.000 74.41295  ? 67  LEU A N   1 
ATOM   451  C CA  . LEU A 1 70  ? -3.11354  10.85365  2.89451   1.000 76.30909  ? 67  LEU A CA  1 
ATOM   452  C C   . LEU A 1 70  ? -2.20840  11.56603  1.89934   1.000 82.75482  ? 67  LEU A C   1 
ATOM   453  O O   . LEU A 1 70  ? -0.98621  11.54548  2.08039   1.000 77.25003  ? 67  LEU A O   1 
ATOM   454  C CB  . LEU A 1 70  ? -2.87835  9.34732   2.81703   1.000 81.24570  ? 67  LEU A CB  1 
ATOM   455  C CG  . LEU A 1 70  ? -3.71749  8.51292   3.78587   1.000 69.76320  ? 67  LEU A CG  1 
ATOM   456  C CD1 . LEU A 1 70  ? -4.86477  7.85983   3.03317   1.000 72.16864  ? 67  LEU A CD1 1 
ATOM   457  C CD2 . LEU A 1 70  ? -2.87400  7.47017   4.50519   1.000 63.10965  ? 67  LEU A CD2 1 
ATOM   458  N N   . THR A 1 71  ? -2.76702  12.18869  0.85929   1.000 82.80630  ? 68  THR A N   1 
ATOM   459  C CA  . THR A 1 71  ? -1.93796  12.95160  -0.06674  1.000 77.37907  ? 68  THR A CA  1 
ATOM   460  C C   . THR A 1 71  ? -1.35723  14.19190  0.59886   1.000 77.07293  ? 68  THR A C   1 
ATOM   461  O O   . THR A 1 71  ? -0.30363  14.68336  0.17963   1.000 91.96950  ? 68  THR A O   1 
ATOM   462  C CB  . THR A 1 71  ? -2.74820  13.34144  -1.30387  1.000 78.84141  ? 68  THR A CB  1 
ATOM   463  O OG1 . THR A 1 71  ? -3.77188  14.27327  -0.93271  1.000 93.63650  ? 68  THR A OG1 1 
ATOM   464  C CG2 . THR A 1 71  ? -3.39282  12.11222  -1.92398  1.000 72.67496  ? 68  THR A CG2 1 
ATOM   465  N N   . THR A 1 72  ? -2.01681  14.70069  1.63298   1.000 76.02587  ? 69  THR A N   1 
ATOM   466  C CA  . THR A 1 72  ? -1.56444  15.87467  2.36163   1.000 79.51239  ? 69  THR A CA  1 
ATOM   467  C C   . THR A 1 72  ? -0.91448  15.47064  3.67982   1.000 77.20776  ? 69  THR A C   1 
ATOM   468  O O   . THR A 1 72  ? -1.11901  14.36713  4.19179   1.000 88.68454  ? 69  THR A O   1 
ATOM   469  C CB  . THR A 1 72  ? -2.73038  16.82935  2.63146   1.000 75.81626  ? 69  THR A CB  1 
ATOM   470  O OG1 . THR A 1 72  ? -3.36041  16.47732  3.86935   1.000 88.38310  ? 69  THR A OG1 1 
ATOM   471  C CG2 . THR A 1 72  ? -3.75353  16.74712  1.50913   1.000 73.31358  ? 69  THR A CG2 1 
ATOM   472  N N   . GLU A 1 73  ? -0.11697  16.39145  4.22640   1.000 78.48949  ? 70  GLU A N   1 
ATOM   473  C CA  . GLU A 1 73  ? 0.50250   16.15331  5.52493   1.000 80.33140  ? 70  GLU A CA  1 
ATOM   474  C C   . GLU A 1 73  ? -0.53395  16.14437  6.64161   1.000 85.15478  ? 70  GLU A C   1 
ATOM   475  O O   . GLU A 1 73  ? -0.37026  15.42253  7.63164   1.000 79.33066  ? 70  GLU A O   1 
ATOM   476  C CB  . GLU A 1 73  ? 1.57992   17.20783  5.79020   1.000 76.99440  ? 70  GLU A CB  1 
ATOM   477  C CG  . GLU A 1 73  ? 1.95383   17.38854  7.25416   1.000 95.46572  ? 70  GLU A CG  1 
ATOM   478  C CD  . GLU A 1 73  ? 3.43017   17.67017  7.44834   1.000 114.16312 ? 70  GLU A CD  1 
ATOM   479  O OE1 . GLU A 1 73  ? 4.04981   17.02283  8.31839   1.000 119.13874 ? 70  GLU A OE1 1 
ATOM   480  O OE2 . GLU A 1 73  ? 3.97117   18.53858  6.73204   1.000 129.65110 ? 70  GLU A OE2 1 
ATOM   481  N N   . GLN A 1 74  ? -1.61005  16.92085  6.49346   1.000 86.68155  ? 71  GLN A N   1 
ATOM   482  C CA  . GLN A 1 74  ? -2.65618  16.94630  7.51151   1.000 74.80205  ? 71  GLN A CA  1 
ATOM   483  C C   . GLN A 1 74  ? -3.32497  15.58295  7.64738   1.000 82.74582  ? 71  GLN A C   1 
ATOM   484  O O   . GLN A 1 74  ? -3.52513  15.08327  8.76168   1.000 89.25965  ? 71  GLN A O   1 
ATOM   485  C CB  . GLN A 1 74  ? -3.68837  18.02308  7.17366   1.000 72.22002  ? 71  GLN A CB  1 
ATOM   486  N N   . GLY A 1 75  ? -3.68043  14.96456  6.51925   1.000 82.91317  ? 72  GLY A N   1 
ATOM   487  C CA  . GLY A 1 75  ? -4.29749  13.64872  6.57582   1.000 77.41853  ? 72  GLY A CA  1 
ATOM   488  C C   . GLY A 1 75  ? -3.35875  12.58914  7.11982   1.000 79.95508  ? 72  GLY A C   1 
ATOM   489  O O   . GLY A 1 75  ? -3.77355  11.70250  7.87254   1.000 78.13363  ? 72  GLY A O   1 
ATOM   490  N N   . ALA A 1 76  ? -2.07805  12.66856  6.75069   1.000 72.73303  ? 73  ALA A N   1 
ATOM   491  C CA  . ALA A 1 76  ? -1.09965  11.72847  7.28510   1.000 75.15962  ? 73  ALA A CA  1 
ATOM   492  C C   . ALA A 1 76  ? -0.95618  11.88498  8.79299   1.000 76.12496  ? 73  ALA A C   1 
ATOM   493  O O   . ALA A 1 76  ? -0.86702  10.89070  9.52141   1.000 62.66023  ? 73  ALA A O   1 
ATOM   494  C CB  . ALA A 1 76  ? 0.24863   11.92118  6.59317   1.000 66.09606  ? 73  ALA A CB  1 
ATOM   495  N N   . ALA A 1 77  ? -0.93799  13.12816  9.28021   1.000 74.49165  ? 74  ALA A N   1 
ATOM   496  C CA  . ALA A 1 77  ? -0.85639  13.36080  10.71799  1.000 67.61843  ? 74  ALA A CA  1 
ATOM   497  C C   . ALA A 1 77  ? -2.10429  12.85325  11.42836  1.000 77.00738  ? 74  ALA A C   1 
ATOM   498  O O   . ALA A 1 77  ? -2.01608  12.30212  12.53142  1.000 61.31273  ? 74  ALA A O   1 
ATOM   499  C CB  . ALA A 1 77  ? -0.64377  14.84789  10.99984  1.000 56.71030  ? 74  ALA A CB  1 
ATOM   500  N N   . ALA A 1 78  ? -3.27521  13.02306  10.81013  1.000 72.80480  ? 75  ALA A N   1 
ATOM   501  C CA  . ALA A 1 78  ? -4.49973  12.48075  11.39160  1.000 60.30486  ? 75  ALA A CA  1 
ATOM   502  C C   . ALA A 1 78  ? -4.42302  10.96211  11.50319  1.000 69.60467  ? 75  ALA A C   1 
ATOM   503  O O   . ALA A 1 78  ? -4.76122  10.38228  12.54474  1.000 72.65028  ? 75  ALA A O   1 
ATOM   504  C CB  . ALA A 1 78  ? -5.70938  12.90301  10.55747  1.000 65.76274  ? 75  ALA A CB  1 
ATOM   505  N N   . LEU A 1 79  ? -3.97487  10.30051  10.43257  1.000 66.20038  ? 76  LEU A N   1 
ATOM   506  C CA  . LEU A 1 79  ? -3.82040  8.84922   10.47081  1.000 68.71369  ? 76  LEU A CA  1 
ATOM   507  C C   . LEU A 1 79  ? -2.83431  8.42756   11.55311  1.000 70.19484  ? 76  LEU A C   1 
ATOM   508  O O   . LEU A 1 79  ? -3.08183  7.46425   12.28863  1.000 70.98275  ? 76  LEU A O   1 
ATOM   509  C CB  . LEU A 1 79  ? -3.36662  8.32680   9.10757   1.000 65.34399  ? 76  LEU A CB  1 
ATOM   510  C CG  . LEU A 1 79  ? -2.88360  6.87305   9.10808   1.000 61.26188  ? 76  LEU A CG  1 
ATOM   511  C CD1 . LEU A 1 79  ? -4.06678  5.91727   9.17506   1.000 72.19639  ? 76  LEU A CD1 1 
ATOM   512  C CD2 . LEU A 1 79  ? -2.00837  6.57095   7.89962   1.000 66.85968  ? 76  LEU A CD2 1 
ATOM   513  N N   . PHE A 1 80  ? -1.71098  9.14055   11.66870  1.000 61.19999  ? 77  PHE A N   1 
ATOM   514  C CA  . PHE A 1 80  ? -0.71935  8.79687   12.68339  1.000 66.40248  ? 77  PHE A CA  1 
ATOM   515  C C   . PHE A 1 80  ? -1.25671  9.03507   14.08776  1.000 66.02311  ? 77  PHE A C   1 
ATOM   516  O O   . PHE A 1 80  ? -0.81816  8.37910   15.03947  1.000 66.98004  ? 77  PHE A O   1 
ATOM   517  C CB  . PHE A 1 80  ? 0.56778   9.59875   12.47230  1.000 71.31730  ? 77  PHE A CB  1 
ATOM   518  C CG  . PHE A 1 80  ? 1.17016   9.44731   11.09974  1.000 75.10417  ? 77  PHE A CG  1 
ATOM   519  C CD1 . PHE A 1 80  ? 2.03160   10.41083  10.60241  1.000 73.49775  ? 77  PHE A CD1 1 
ATOM   520  C CD2 . PHE A 1 80  ? 0.87846   8.34723   10.30854  1.000 71.86481  ? 77  PHE A CD2 1 
ATOM   521  C CE1 . PHE A 1 80  ? 2.58721   10.28213  9.34480   1.000 64.23161  ? 77  PHE A CE1 1 
ATOM   522  C CE2 . PHE A 1 80  ? 1.43123   8.21414   9.05076   1.000 72.02700  ? 77  PHE A CE2 1 
ATOM   523  C CZ  . PHE A 1 80  ? 2.28563   9.18380   8.56759   1.000 64.91816  ? 77  PHE A CZ  1 
ATOM   524  N N   . ALA A 1 81  ? -2.19257  9.97326   14.23744  1.000 64.47338  ? 78  ALA A N   1 
ATOM   525  C CA  . ALA A 1 81  ? -2.81744  10.19857  15.53457  1.000 64.16690  ? 78  ALA A CA  1 
ATOM   526  C C   . ALA A 1 81  ? -3.79399  9.08195   15.88079  1.000 68.40343  ? 78  ALA A C   1 
ATOM   527  O O   . ALA A 1 81  ? -3.83273  8.62034   17.02643  1.000 62.38917  ? 78  ALA A O   1 
ATOM   528  C CB  . ALA A 1 81  ? -3.52644  11.55359  15.54948  1.000 48.65797  ? 78  ALA A CB  1 
ATOM   529  N N   . ALA A 1 82  ? -4.58479  8.63194   14.90576  1.000 69.66486  ? 79  ALA A N   1 
ATOM   530  C CA  . ALA A 1 82  ? -5.54014  7.56383   15.17581  1.000 55.03867  ? 79  ALA A CA  1 
ATOM   531  C C   . ALA A 1 82  ? -4.87971  6.18975   15.21404  1.000 67.00463  ? 79  ALA A C   1 
ATOM   532  O O   . ALA A 1 82  ? -5.35462  5.29999   15.92978  1.000 74.64020  ? 79  ALA A O   1 
ATOM   533  C CB  . ALA A 1 82  ? -6.65635  7.57969   14.13135  1.000 56.57201  ? 79  ALA A CB  1 
ATOM   534  N N   . GLU A 1 83  ? -3.79752  5.99438   14.46223  1.000 67.54898  ? 80  GLU A N   1 
ATOM   535  C CA  . GLU A 1 83  ? -3.14267  4.69004   14.33935  1.000 69.67322  ? 80  GLU A CA  1 
ATOM   536  C C   . GLU A 1 83  ? -1.63438  4.87295   14.41146  1.000 70.01694  ? 80  GLU A C   1 
ATOM   537  O O   . GLU A 1 83  ? -0.93922  4.87248   13.38820  1.000 72.61012  ? 80  GLU A O   1 
ATOM   538  C CB  . GLU A 1 83  ? -3.54476  3.99511   13.03553  1.000 64.47925  ? 80  GLU A CB  1 
ATOM   539  C CG  . GLU A 1 83  ? -5.04158  3.80026   12.86330  1.000 59.80533  ? 80  GLU A CG  1 
ATOM   540  C CD  . GLU A 1 83  ? -5.57159  2.63532   13.67549  1.000 73.93522  ? 80  GLU A CD  1 
ATOM   541  O OE1 . GLU A 1 83  ? -4.75172  1.89078   14.25530  1.000 58.85287  ? 80  GLU A OE1 1 
ATOM   542  O OE2 . GLU A 1 83  ? -6.80819  2.46491   13.73322  1.000 62.34937  ? 80  GLU A OE2 1 
ATOM   543  N N   . PRO A 1 84  ? -1.08538  5.01800   15.62029  1.000 60.79445  ? 81  PRO A N   1 
ATOM   544  C CA  . PRO A 1 84  ? 0.35327   5.30521   15.74240  1.000 64.83938  ? 81  PRO A CA  1 
ATOM   545  C C   . PRO A 1 84  ? 1.26165   4.15281   15.34237  1.000 60.51193  ? 81  PRO A C   1 
ATOM   546  O O   . PRO A 1 84  ? 2.43398   4.40018   15.03377  1.000 66.06765  ? 81  PRO A O   1 
ATOM   547  C CB  . PRO A 1 84  ? 0.51879   5.64647   17.23017  1.000 51.87619  ? 81  PRO A CB  1 
ATOM   548  C CG  . PRO A 1 84  ? -0.64282  5.01187   17.89659  1.000 67.49083  ? 81  PRO A CG  1 
ATOM   549  C CD  . PRO A 1 84  ? -1.77317  5.07115   16.91903  1.000 59.68394  ? 81  PRO A CD  1 
ATOM   550  N N   . LYS A 1 85  ? 0.77705   2.91329   15.33187  1.000 65.00643  ? 82  LYS A N   1 
ATOM   551  C CA  . LYS A 1 85  ? 1.63006   1.75727   15.09173  1.000 70.69863  ? 82  LYS A CA  1 
ATOM   552  C C   . LYS A 1 85  ? 1.05382   0.88757   13.98497  1.000 67.28807  ? 82  LYS A C   1 
ATOM   553  O O   . LYS A 1 85  ? -0.15907  0.66737   13.92153  1.000 68.91840  ? 82  LYS A O   1 
ATOM   554  C CB  . LYS A 1 85  ? 1.80435   0.91978   16.36630  1.000 77.98166  ? 82  LYS A CB  1 
ATOM   555  C CG  . LYS A 1 85  ? 2.63255   -0.34033  16.16968  1.000 78.87025  ? 82  LYS A CG  1 
ATOM   556  C CD  . LYS A 1 85  ? 3.74614   -0.43941  17.19736  1.000 96.38255  ? 82  LYS A CD  1 
ATOM   557  C CE  . LYS A 1 85  ? 4.63434   -1.64134  16.92897  1.000 89.89274  ? 82  LYS A CE  1 
ATOM   558  N NZ  . LYS A 1 85  ? 3.85957   -2.91259  16.95452  1.000 78.59547  ? 82  LYS A NZ  1 
ATOM   559  N N   . ALA A 1 86  ? 1.93563   0.39094   13.11833  1.000 74.16474  ? 83  ALA A N   1 
ATOM   560  C CA  . ALA A 1 86  ? 1.56478   -0.54973  12.07057  1.000 64.20653  ? 83  ALA A CA  1 
ATOM   561  C C   . ALA A 1 86  ? 2.65590   -1.59891  11.93391  1.000 58.89389  ? 83  ALA A C   1 
ATOM   562  O O   . ALA A 1 86  ? 3.84099   -1.25981  11.87170  1.000 64.91665  ? 83  ALA A O   1 
ATOM   563  C CB  . ALA A 1 86  ? 1.34673   0.16122   10.72985  1.000 61.61817  ? 83  ALA A CB  1 
ATOM   564  N N   . ASP A 1 87  ? 2.25449   -2.86941  11.90754  1.000 58.90301  ? 84  ASP A N   1 
ATOM   565  C CA  . ASP A 1 87  ? 3.16941   -3.95327  11.57905  1.000 62.98674  ? 84  ASP A CA  1 
ATOM   566  C C   . ASP A 1 87  ? 3.26635   -4.19140  10.08121  1.000 58.32105  ? 84  ASP A C   1 
ATOM   567  O O   . ASP A 1 87  ? 4.28009   -4.71945  9.61056   1.000 53.97090  ? 84  ASP A O   1 
ATOM   568  C CB  . ASP A 1 87  ? 2.72746   -5.25129  12.26319  1.000 60.55340  ? 84  ASP A CB  1 
ATOM   569  C CG  . ASP A 1 87  ? 2.47453   -5.07437  13.74540  1.000 73.87385  ? 84  ASP A CG  1 
ATOM   570  O OD1 . ASP A 1 87  ? 1.30281   -4.86476  14.12723  1.000 69.05102  ? 84  ASP A OD1 1 
ATOM   571  O OD2 . ASP A 1 87  ? 3.44512   -5.15303  14.52836  1.000 69.94126  ? 84  ASP A OD2 1 
ATOM   572  N N   . ILE A 1 88  ? 2.23536   -3.81164  9.33289   1.000 54.55521  ? 85  ILE A N   1 
ATOM   573  C CA  . ILE A 1 88  ? 2.16995   -3.99747  7.89014   1.000 51.86929  ? 85  ILE A CA  1 
ATOM   574  C C   . ILE A 1 88  ? 1.63687   -2.70969  7.28046   1.000 64.99826  ? 85  ILE A C   1 
ATOM   575  O O   . ILE A 1 88  ? 0.58829   -2.20496  7.69837   1.000 51.64915  ? 85  ILE A O   1 
ATOM   576  C CB  . ILE A 1 88  ? 1.27642   -5.19290  7.50387   1.000 60.49113  ? 85  ILE A CB  1 
ATOM   577  C CG1 . ILE A 1 88  ? 1.90669   -6.50825  7.96965   1.000 61.61479  ? 85  ILE A CG1 1 
ATOM   578  C CG2 . ILE A 1 88  ? 1.01816   -5.20958  6.00190   1.000 51.30152  ? 85  ILE A CG2 1 
ATOM   579  C CD1 . ILE A 1 88  ? 0.91817   -7.64648  8.09486   1.000 53.48972  ? 85  ILE A CD1 1 
ATOM   580  N N   . LEU A 1 89  ? 2.36954   -2.16613  6.31326   1.000 57.91054  ? 86  LEU A N   1 
ATOM   581  C CA  . LEU A 1 89  ? 1.97896   -0.95479  5.60722   1.000 55.95390  ? 86  LEU A CA  1 
ATOM   582  C C   . LEU A 1 89  ? 1.85251   -1.28166  4.12806   1.000 59.40306  ? 86  LEU A C   1 
ATOM   583  O O   . LEU A 1 89  ? 2.74970   -1.90354  3.54928   1.000 61.27777  ? 86  LEU A O   1 
ATOM   584  C CB  . LEU A 1 89  ? 2.99753   0.16564   5.83109   1.000 60.54466  ? 86  LEU A CB  1 
ATOM   585  C CG  . LEU A 1 89  ? 2.92126   1.40538   4.93584   1.000 54.77516  ? 86  LEU A CG  1 
ATOM   586  C CD1 . LEU A 1 89  ? 1.54179   2.03774   4.97186   1.000 53.03840  ? 86  LEU A CD1 1 
ATOM   587  C CD2 . LEU A 1 89  ? 3.97472   2.41332   5.35276   1.000 53.87463  ? 86  LEU A CD2 1 
ATOM   588  N N   . VAL A 1 90  ? 0.73675   -0.87934  3.52637   1.000 59.34007  ? 87  VAL A N   1 
ATOM   589  C CA  . VAL A 1 90  ? 0.44880   -1.14978  2.12450   1.000 60.70207  ? 87  VAL A CA  1 
ATOM   590  C C   . VAL A 1 90  ? 0.17060   0.18918   1.45427   1.000 64.52830  ? 87  VAL A C   1 
ATOM   591  O O   . VAL A 1 90  ? -0.89198  0.78997   1.66466   1.000 63.19004  ? 87  VAL A O   1 
ATOM   592  C CB  . VAL A 1 90  ? -0.73232  -2.11585  1.95883   1.000 56.89499  ? 87  VAL A CB  1 
ATOM   593  C CG1 . VAL A 1 90  ? -1.13101  -2.23190  0.49829   1.000 61.75223  ? 87  VAL A CG1 1 
ATOM   594  C CG2 . VAL A 1 90  ? -0.37904  -3.48359  2.52927   1.000 60.34110  ? 87  VAL A CG2 1 
ATOM   595  N N   . ASN A 1 91  ? 1.12876   0.66277   0.65971   1.000 64.16637  ? 88  ASN A N   1 
ATOM   596  C CA  . ASN A 1 91  ? 1.01808   1.93078   -0.05202  1.000 57.16617  ? 88  ASN A CA  1 
ATOM   597  C C   . ASN A 1 91  ? 0.30581   1.69134   -1.37796  1.000 58.01842  ? 88  ASN A C   1 
ATOM   598  O O   . ASN A 1 91  ? 0.86286   1.07199   -2.29391  1.000 59.47340  ? 88  ASN A O   1 
ATOM   599  C CB  . ASN A 1 91  ? 2.39792   2.54291   -0.26924  1.000 55.38186  ? 88  ASN A CB  1 
ATOM   600  C CG  . ASN A 1 91  ? 2.91584   3.25645   0.96032   1.000 59.89585  ? 88  ASN A CG  1 
ATOM   601  O OD1 . ASN A 1 91  ? 2.17622   3.98030   1.62751   1.000 59.67427  ? 88  ASN A OD1 1 
ATOM   602  N ND2 . ASN A 1 91  ? 4.19059   3.05276   1.27130   1.000 53.16048  ? 88  ASN A ND2 1 
ATOM   603  N N   . ASN A 1 92  ? -0.92104  2.20063   -1.48047  1.000 62.38802  ? 89  ASN A N   1 
ATOM   604  C CA  . ASN A 1 92  ? -1.75989  2.00364   -2.65440  1.000 55.18194  ? 89  ASN A CA  1 
ATOM   605  C C   . ASN A 1 92  ? -2.42333  3.28110   -3.15092  1.000 69.10724  ? 89  ASN A C   1 
ATOM   606  O O   . ASN A 1 92  ? -2.95275  3.27746   -4.26607  1.000 81.63783  ? 89  ASN A O   1 
ATOM   607  C CB  . ASN A 1 92  ? -2.83861  0.94955   -2.35004  1.000 66.42835  ? 89  ASN A CB  1 
ATOM   608  C CG  . ASN A 1 92  ? -3.66695  0.58192   -3.56358  1.000 66.80437  ? 89  ASN A CG  1 
ATOM   609  O OD1 . ASN A 1 92  ? -3.16248  0.00347   -4.52191  1.000 63.61045  ? 89  ASN A OD1 1 
ATOM   610  N ND2 . ASN A 1 92  ? -4.95200  0.91600   -3.52462  1.000 66.22846  ? 89  ASN A ND2 1 
ATOM   611  N N   . LEU A 1 93  ? -2.40448  4.37055   -2.38508  1.000 74.04126  ? 90  LEU A N   1 
ATOM   612  C CA  . LEU A 1 93  ? -3.02995  5.61224   -2.82407  1.000 75.85234  ? 90  LEU A CA  1 
ATOM   613  C C   . LEU A 1 93  ? -2.26447  6.21023   -3.99829  1.000 72.47781  ? 90  LEU A C   1 
ATOM   614  O O   . LEU A 1 93  ? -1.04330  6.37907   -3.93440  1.000 76.02972  ? 90  LEU A O   1 
ATOM   615  C CB  . LEU A 1 93  ? -3.08590  6.61664   -1.67283  1.000 71.02639  ? 90  LEU A CB  1 
ATOM   616  C CG  . LEU A 1 93  ? -3.94124  7.87206   -1.87977  1.000 69.17598  ? 90  LEU A CG  1 
ATOM   617  C CD1 . LEU A 1 93  ? -5.17937  7.56561   -2.71289  1.000 81.92225  ? 90  LEU A CD1 1 
ATOM   618  C CD2 . LEU A 1 93  ? -4.32876  8.49005   -0.54500  1.000 84.59806  ? 90  LEU A CD2 1 
ATOM   619  N N   . GLY A 1 94  ? -2.98804  6.53938   -5.06752  1.000 72.71334  ? 91  GLY A N   1 
ATOM   620  C CA  . GLY A 1 94  ? -2.38844  7.14442   -6.24132  1.000 72.07356  ? 91  GLY A CA  1 
ATOM   621  C C   . GLY A 1 94  ? -3.40668  7.61646   -7.26023  1.000 80.78996  ? 91  GLY A C   1 
ATOM   622  O O   . GLY A 1 94  ? -4.45626  6.98886   -7.42983  1.000 81.57264  ? 91  GLY A O   1 
ATOM   623  N N   . ILE A 1 95  ? -3.11239  8.72317   -7.94408  1.000 80.92534  ? 92  ILE A N   1 
ATOM   624  C CA  . ILE A 1 95  ? -4.00547  9.26197   -8.96595  1.000 80.36235  ? 92  ILE A CA  1 
ATOM   625  C C   . ILE A 1 95  ? -3.43758  8.94942   -10.34347 1.000 81.48502  ? 92  ILE A C   1 
ATOM   626  O O   . ILE A 1 95  ? -2.34186  8.38867   -10.45959 1.000 80.25357  ? 92  ILE A O   1 
ATOM   627  C CB  . ILE A 1 95  ? -4.21419  10.77623  -8.79044  1.000 76.24342  ? 92  ILE A CB  1 
ATOM   628  C CG1 . ILE A 1 95  ? -2.90178  11.52217  -9.03932  1.000 77.73360  ? 92  ILE A CG1 1 
ATOM   629  C CG2 . ILE A 1 95  ? -4.76242  11.08086  -7.40714  1.000 71.09688  ? 92  ILE A CG2 1 
ATOM   630  C CD1 . ILE A 1 95  ? -3.03072  13.02819  -8.98425  1.000 69.73501  ? 92  ILE A CD1 1 
ATOM   631  N N   . PHE A 1 96  ? -4.16960  9.32373   -11.39556 1.000 82.27618  ? 93  PHE A N   1 
ATOM   632  C CA  . PHE A 1 96  ? -3.76604  8.98781   -12.75639 1.000 82.50140  ? 93  PHE A CA  1 
ATOM   633  C C   . PHE A 1 96  ? -4.57545  9.74983   -13.80113 1.000 82.58213  ? 93  PHE A C   1 
ATOM   634  O O   . PHE A 1 96  ? -5.80755  9.79958   -13.72552 1.000 80.54008  ? 93  PHE A O   1 
ATOM   635  C CB  . PHE A 1 96  ? -3.90044  7.47588   -12.97950 1.000 85.07958  ? 93  PHE A CB  1 
ATOM   636  C CG  . PHE A 1 96  ? -4.41025  7.09881   -14.34290 1.000 92.78161  ? 93  PHE A CG  1 
ATOM   637  C CD1 . PHE A 1 96  ? -5.74905  6.79317   -14.53958 1.000 89.79580  ? 93  PHE A CD1 1 
ATOM   638  C CD2 . PHE A 1 96  ? -3.54817  7.03573   -15.42634 1.000 99.49823  ? 93  PHE A CD2 1 
ATOM   639  C CE1 . PHE A 1 96  ? -6.21864  6.44449   -15.79390 1.000 106.23409 ? 93  PHE A CE1 1 
ATOM   640  C CE2 . PHE A 1 96  ? -4.01249  6.68700   -16.68194 1.000 94.66029  ? 93  PHE A CE2 1 
ATOM   641  C CZ  . PHE A 1 96  ? -5.34773  6.38995   -16.86646 1.000 98.64330  ? 93  PHE A CZ  1 
ATOM   642  N N   . ASN A 1 97  ? -3.89101  10.35050  -14.77764 1.000 87.43005  ? 94  ASN A N   1 
ATOM   643  C CA  . ASN A 1 97  ? -4.55723  10.86296  -15.97097 1.000 82.15235  ? 94  ASN A CA  1 
ATOM   644  C C   . ASN A 1 97  ? -3.78111  10.45057  -17.21570 1.000 80.94436  ? 94  ASN A C   1 
ATOM   645  O O   . ASN A 1 97  ? -2.82244  9.67656   -17.12653 1.000 79.58903  ? 94  ASN A O   1 
ATOM   646  C CB  . ASN A 1 97  ? -4.73514  12.38924  -15.90928 1.000 68.58782  ? 94  ASN A CB  1 
ATOM   647  C CG  . ASN A 1 97  ? -3.41637  13.15798  -15.93487 1.000 87.20558  ? 94  ASN A CG  1 
ATOM   648  O OD1 . ASN A 1 97  ? -2.52857  12.89223  -16.74573 1.000 97.88785  ? 94  ASN A OD1 1 
ATOM   649  N ND2 . ASN A 1 97  ? -3.30552  14.14932  -15.05976 1.000 93.14307  ? 94  ASN A ND2 1 
ATOM   650  N N   . ASP A 1 98  ? -4.18297  10.96080  -18.37677 1.000 87.40603  ? 95  ASP A N   1 
ATOM   651  C CA  . ASP A 1 98  ? -3.50465  10.68334  -19.63761 1.000 88.94644  ? 95  ASP A CA  1 
ATOM   652  C C   . ASP A 1 98  ? -3.23326  11.97501  -20.39519 1.000 89.22676  ? 95  ASP A C   1 
ATOM   653  O O   . ASP A 1 98  ? -3.32826  12.02995  -21.62474 1.000 94.28057  ? 95  ASP A O   1 
ATOM   654  C CB  . ASP A 1 98  ? -4.31067  9.70762   -20.49373 1.000 84.16192  ? 95  ASP A CB  1 
ATOM   655  C CG  . ASP A 1 98  ? -5.69431  10.22955  -20.83747 1.000 95.65218  ? 95  ASP A CG  1 
ATOM   656  O OD1 . ASP A 1 98  ? -6.10760  11.26435  -20.27251 1.000 101.97271 ? 95  ASP A OD1 1 
ATOM   657  O OD2 . ASP A 1 98  ? -6.36974  9.60021   -21.67882 1.000 99.73442  ? 95  ASP A OD2 1 
ATOM   658  N N   . GLU A 1 99  ? -2.89381  13.03631  -19.66819 1.000 85.80828  ? 96  GLU A N   1 
ATOM   659  C CA  . GLU A 1 99  ? -2.59401  14.31172  -20.30201 1.000 83.10031  ? 96  GLU A CA  1 
ATOM   660  C C   . GLU A 1 99  ? -1.33083  14.20091  -21.14725 1.000 91.36461  ? 96  GLU A C   1 
ATOM   661  O O   . GLU A 1 99  ? -0.34540  13.57769  -20.74178 1.000 87.94234  ? 96  GLU A O   1 
ATOM   662  C CB  . GLU A 1 99  ? -2.42992  15.40426  -19.24603 1.000 88.08123  ? 96  GLU A CB  1 
ATOM   663  C CG  . GLU A 1 99  ? -3.74197  15.90459  -18.66547 1.000 94.67949  ? 96  GLU A CG  1 
ATOM   664  C CD  . GLU A 1 99  ? -4.67779  16.44233  -19.72969 1.000 104.76420 ? 96  GLU A CD  1 
ATOM   665  O OE1 . GLU A 1 99  ? -5.60808  15.71045  -20.12970 1.000 109.04775 ? 96  GLU A OE1 1 
ATOM   666  O OE2 . GLU A 1 99  ? -4.48179  17.59555  -20.16792 1.000 108.40956 ? 96  GLU A OE2 1 
ATOM   667  N N   . ASP A 1 100 ? -1.36889  14.80335  -22.33492 1.000 79.82681  ? 97  ASP A N   1 
ATOM   668  C CA  . ASP A 1 100 ? -0.22231  14.75361  -23.23152 1.000 77.23269  ? 97  ASP A CA  1 
ATOM   669  C C   . ASP A 1 100 ? 0.98443   15.42668  -22.58816 1.000 77.77875  ? 97  ASP A C   1 
ATOM   670  O O   . ASP A 1 100 ? 0.85187   16.41695  -21.86210 1.000 77.74141  ? 97  ASP A O   1 
ATOM   671  C CB  . ASP A 1 100 ? -0.55697  15.42550  -24.56323 1.000 83.06747  ? 97  ASP A CB  1 
ATOM   672  C CG  . ASP A 1 100 ? 0.52129   15.21574  -25.60814 1.000 72.42168  ? 97  ASP A CG  1 
ATOM   673  O OD1 . ASP A 1 100 ? 0.66622   14.07579  -26.09900 1.000 74.28996  ? 97  ASP A OD1 1 
ATOM   674  O OD2 . ASP A 1 100 ? 1.22783   16.19273  -25.93410 1.000 75.17624  ? 97  ASP A OD2 1 
ATOM   675  N N   . PHE A 1 101 ? 2.16974   14.87414  -22.86447 1.000 70.15903  ? 98  PHE A N   1 
ATOM   676  C CA  . PHE A 1 101 ? 3.38749   15.32803  -22.19945 1.000 60.50755  ? 98  PHE A CA  1 
ATOM   677  C C   . PHE A 1 101 ? 3.61203   16.82037  -22.39928 1.000 72.50158  ? 98  PHE A C   1 
ATOM   678  O O   . PHE A 1 101 ? 4.07458   17.51453  -21.48644 1.000 74.70944  ? 98  PHE A O   1 
ATOM   679  C CB  . PHE A 1 101 ? 4.58751   14.53380  -22.71702 1.000 60.16223  ? 98  PHE A CB  1 
ATOM   680  C CG  . PHE A 1 101 ? 5.91580   15.11404  -22.32286 1.000 66.90840  ? 98  PHE A CG  1 
ATOM   681  C CD1 . PHE A 1 101 ? 6.48344   14.80222  -21.10079 1.000 55.28566  ? 98  PHE A CD1 1 
ATOM   682  C CD2 . PHE A 1 101 ? 6.60248   15.96838  -23.17785 1.000 68.35889  ? 98  PHE A CD2 1 
ATOM   683  C CE1 . PHE A 1 101 ? 7.70802   15.33245  -20.73108 1.000 67.15489  ? 98  PHE A CE1 1 
ATOM   684  C CE2 . PHE A 1 101 ? 7.82684   16.50501  -22.81424 1.000 59.58518  ? 98  PHE A CE2 1 
ATOM   685  C CZ  . PHE A 1 101 ? 8.38112   16.18557  -21.59044 1.000 64.43143  ? 98  PHE A CZ  1 
ATOM   686  N N   . PHE A 1 102 ? 3.29854   17.33227  -23.58749 1.000 68.66234  ? 99  PHE A N   1 
ATOM   687  C CA  . PHE A 1 102 ? 3.56045   18.73271  -23.88725 1.000 74.29646  ? 99  PHE A CA  1 
ATOM   688  C C   . PHE A 1 102 ? 2.47017   19.66381  -23.37891 1.000 70.71786  ? 99  PHE A C   1 
ATOM   689  O O   . PHE A 1 102 ? 2.62845   20.88504  -23.47751 1.000 79.29869  ? 99  PHE A O   1 
ATOM   690  C CB  . PHE A 1 102 ? 3.75165   18.91428  -25.39521 1.000 72.68686  ? 99  PHE A CB  1 
ATOM   691  C CG  . PHE A 1 102 ? 4.89929   18.12178  -25.95054 1.000 54.36661  ? 99  PHE A CG  1 
ATOM   692  C CD1 . PHE A 1 102 ? 4.67445   16.95283  -26.65797 1.000 59.70741  ? 99  PHE A CD1 1 
ATOM   693  C CD2 . PHE A 1 102 ? 6.20460   18.53126  -25.73874 1.000 63.79637  ? 99  PHE A CD2 1 
ATOM   694  C CE1 . PHE A 1 102 ? 5.73039   16.21593  -27.15733 1.000 64.69418  ? 99  PHE A CE1 1 
ATOM   695  C CE2 . PHE A 1 102 ? 7.26351   17.79886  -26.23475 1.000 69.08842  ? 99  PHE A CE2 1 
ATOM   696  C CZ  . PHE A 1 102 ? 7.02623   16.63908  -26.94539 1.000 60.10460  ? 99  PHE A CZ  1 
ATOM   697  N N   . SER A 1 103 ? 1.38104   19.12503  -22.83173 1.000 85.98827  ? 100 SER A N   1 
ATOM   698  C CA  . SER A 1 103 ? 0.33083   19.94777  -22.25015 1.000 76.04685  ? 100 SER A CA  1 
ATOM   699  C C   . SER A 1 103 ? 0.38123   19.99763  -20.72965 1.000 75.12230  ? 100 SER A C   1 
ATOM   700  O O   . SER A 1 103 ? -0.11837  20.96320  -20.14201 1.000 89.14789  ? 100 SER A O   1 
ATOM   701  C CB  . SER A 1 103 ? -1.04718  19.44146  -22.69385 1.000 70.73724  ? 100 SER A CB  1 
ATOM   702  O OG  . SER A 1 103 ? -1.38902  18.23977  -22.02560 1.000 90.53893  ? 100 SER A OG  1 
ATOM   703  N N   . VAL A 1 104 ? 0.97776   18.99909  -20.08550 1.000 73.64396  ? 101 VAL A N   1 
ATOM   704  C CA  . VAL A 1 104 ? 1.02797   18.93238  -18.62642 1.000 75.66747  ? 101 VAL A CA  1 
ATOM   705  C C   . VAL A 1 104 ? 2.08250   19.90697  -18.11183 1.000 74.35654  ? 101 VAL A C   1 
ATOM   706  O O   . VAL A 1 104 ? 3.25423   19.82367  -18.50843 1.000 69.24023  ? 101 VAL A O   1 
ATOM   707  C CB  . VAL A 1 104 ? 1.28565   17.49279  -18.14496 1.000 58.81055  ? 101 VAL A CB  1 
ATOM   708  C CG1 . VAL A 1 104 ? 2.42699   16.86439  -18.90998 1.000 81.25256  ? 101 VAL A CG1 1 
ATOM   709  C CG2 . VAL A 1 104 ? 1.59555   17.47484  -16.66637 1.000 68.80696  ? 101 VAL A CG2 1 
ATOM   710  N N   . PRO A 1 105 ? 1.70947   20.85436  -17.24257 1.000 67.00124  ? 102 PRO A N   1 
ATOM   711  C CA  . PRO A 1 105 ? 2.67722   21.85468  -16.77156 1.000 68.63031  ? 102 PRO A CA  1 
ATOM   712  C C   . PRO A 1 105 ? 3.49475   21.39630  -15.57265 1.000 77.56993  ? 102 PRO A C   1 
ATOM   713  O O   . PRO A 1 105 ? 3.31074   20.28183  -15.07258 1.000 74.85194  ? 102 PRO A O   1 
ATOM   714  C CB  . PRO A 1 105 ? 1.78602   23.04869  -16.41189 1.000 58.60440  ? 102 PRO A CB  1 
ATOM   715  C CG  . PRO A 1 105 ? 0.50369   22.42705  -15.99493 1.000 72.65216  ? 102 PRO A CG  1 
ATOM   716  C CD  . PRO A 1 105 ? 0.33627   21.16889  -16.81374 1.000 70.23555  ? 102 PRO A CD  1 
ATOM   717  N N   . ASP A 1 106 ? 4.39680   22.26663  -15.10450 1.000 69.23854  ? 103 ASP A N   1 
ATOM   718  C CA  . ASP A 1 106 ? 5.27192   21.92919  -13.98258 1.000 73.05661  ? 103 ASP A CA  1 
ATOM   719  C C   . ASP A 1 106 ? 4.46836   21.57722  -12.73662 1.000 80.23162  ? 103 ASP A C   1 
ATOM   720  O O   . ASP A 1 106 ? 4.77717   20.60373  -12.03414 1.000 76.56696  ? 103 ASP A O   1 
ATOM   721  C CB  . ASP A 1 106 ? 6.21058   23.09924  -13.68347 1.000 73.92916  ? 103 ASP A CB  1 
ATOM   722  C CG  . ASP A 1 106 ? 7.09013   23.46233  -14.85961 1.000 89.41155  ? 103 ASP A CG  1 
ATOM   723  O OD1 . ASP A 1 106 ? 6.86116   22.92759  -15.96346 1.000 92.96408  ? 103 ASP A OD1 1 
ATOM   724  O OD2 . ASP A 1 106 ? 8.00810   24.29006  -14.67879 1.000 83.52064  ? 103 ASP A OD2 1 
ATOM   725  N N   . GLU A 1 107 ? 3.44488   22.38274  -12.43546 1.000 83.26487  ? 104 GLU A N   1 
ATOM   726  C CA  . GLU A 1 107 ? 2.63960   22.16288  -11.23899 1.000 68.28642  ? 104 GLU A CA  1 
ATOM   727  C C   . GLU A 1 107 ? 2.02472   20.77272  -11.23530 1.000 74.81266  ? 104 GLU A C   1 
ATOM   728  O O   . GLU A 1 107 ? 1.92149   20.13646  -10.18227 1.000 77.62211  ? 104 GLU A O   1 
ATOM   729  C CB  . GLU A 1 107 ? 1.54754   23.22699  -11.13607 1.000 60.60486  ? 104 GLU A CB  1 
ATOM   730  C CG  . GLU A 1 107 ? 2.03965   24.65087  -11.32374 1.000 93.49550  ? 104 GLU A CG  1 
ATOM   731  C CD  . GLU A 1 107 ? 1.95969   25.11004  -12.76590 1.000 91.71297  ? 104 GLU A CD  1 
ATOM   732  O OE1 . GLU A 1 107 ? 2.98574   25.58906  -13.28990 1.000 86.36151  ? 104 GLU A OE1 1 
ATOM   733  O OE2 . GLU A 1 107 ? 0.87453   24.99585  -13.37469 1.000 94.34847  ? 104 GLU A OE2 1 
ATOM   734  N N   . GLU A 1 108 ? 1.62621   20.27655  -12.40683 1.000 67.87158  ? 105 GLU A N   1 
ATOM   735  C CA  . GLU A 1 108 ? 1.01347   18.95480  -12.47120 1.000 68.05816  ? 105 GLU A CA  1 
ATOM   736  C C   . GLU A 1 108 ? 2.04126   17.85323  -12.24005 1.000 70.92965  ? 105 GLU A C   1 
ATOM   737  O O   . GLU A 1 108 ? 1.74676   16.85830  -11.56855 1.000 79.81440  ? 105 GLU A O   1 
ATOM   738  C CB  . GLU A 1 108 ? 0.31129   18.76849  -13.81229 1.000 66.75738  ? 105 GLU A CB  1 
ATOM   739  C CG  . GLU A 1 108 ? -1.09810  19.31529  -13.84757 1.000 77.29619  ? 105 GLU A CG  1 
ATOM   740  C CD  . GLU A 1 108 ? -2.12798  18.27409  -13.46865 1.000 87.13915  ? 105 GLU A CD  1 
ATOM   741  O OE1 . GLU A 1 108 ? -2.31401  17.31356  -14.24528 1.000 92.75320  ? 105 GLU A OE1 1 
ATOM   742  O OE2 . GLU A 1 108 ? -2.74909  18.41443  -12.39481 1.000 78.44848  ? 105 GLU A OE2 1 
ATOM   743  N N   . TRP A 1 109 ? 3.25050   18.00958  -12.78600 1.000 72.68152  ? 106 TRP A N   1 
ATOM   744  C CA  . TRP A 1 109 ? 4.32118   17.05845  -12.49915 1.000 74.62478  ? 106 TRP A CA  1 
ATOM   745  C C   . TRP A 1 109 ? 4.59398   16.99077  -11.00128 1.000 68.56596  ? 106 TRP A C   1 
ATOM   746  O O   . TRP A 1 109 ? 4.65137   15.90162  -10.41009 1.000 72.39246  ? 106 TRP A O   1 
ATOM   747  C CB  . TRP A 1 109 ? 5.59231   17.45121  -13.25931 1.000 72.27521  ? 106 TRP A CB  1 
ATOM   748  C CG  . TRP A 1 109 ? 5.54394   17.18277  -14.74077 1.000 73.50494  ? 106 TRP A CG  1 
ATOM   749  C CD1 . TRP A 1 109 ? 5.14954   18.04905  -15.71967 1.000 73.91582  ? 106 TRP A CD1 1 
ATOM   750  C CD2 . TRP A 1 109 ? 5.90917   15.96767  -15.40677 1.000 67.61944  ? 106 TRP A CD2 1 
ATOM   751  N NE1 . TRP A 1 109 ? 5.24135   17.44805  -16.95156 1.000 72.68744  ? 106 TRP A NE1 1 
ATOM   752  C CE2 . TRP A 1 109 ? 5.70536   16.16967  -16.78682 1.000 70.41981  ? 106 TRP A CE2 1 
ATOM   753  C CE3 . TRP A 1 109 ? 6.38647   14.72847  -14.97021 1.000 56.61119  ? 106 TRP A CE3 1 
ATOM   754  C CZ2 . TRP A 1 109 ? 5.96138   15.17903  -17.73172 1.000 65.64136  ? 106 TRP A CZ2 1 
ATOM   755  C CZ3 . TRP A 1 109 ? 6.64018   13.74671  -15.90974 1.000 66.84800  ? 106 TRP A CZ3 1 
ATOM   756  C CH2 . TRP A 1 109 ? 6.42749   13.97761  -17.27496 1.000 67.80479  ? 106 TRP A CH2 1 
ATOM   757  N N   . MET A 1 110 ? 4.74538   18.15800  -10.36749 1.000 65.93345  ? 107 MET A N   1 
ATOM   758  C CA  . MET A 1 110 ? 5.02933   18.19382  -8.93607  1.000 71.42791  ? 107 MET A CA  1 
ATOM   759  C C   . MET A 1 110 ? 3.86915   17.63091  -8.12221  1.000 75.16850  ? 107 MET A C   1 
ATOM   760  O O   . MET A 1 110 ? 4.08696   16.93536  -7.12346  1.000 66.82724  ? 107 MET A O   1 
ATOM   761  C CB  . MET A 1 110 ? 5.34674   19.62327  -8.49967  1.000 65.84541  ? 107 MET A CB  1 
ATOM   762  C CG  . MET A 1 110 ? 6.60022   20.19682  -9.13799  1.000 62.86242  ? 107 MET A CG  1 
ATOM   763  S SD  . MET A 1 110 ? 8.10615   19.55819  -8.38417  1.000 81.88462  ? 107 MET A SD  1 
ATOM   764  C CE  . MET A 1 110 ? 8.14262   20.49578  -6.85837  1.000 77.12245  ? 107 MET A CE  1 
ATOM   765  N N   . ARG A 1 111 ? 2.62964   17.91200  -8.53495  1.000 69.02509  ? 108 ARG A N   1 
ATOM   766  C CA  . ARG A 1 111 ? 1.47417   17.40302  -7.80583  1.000 69.00109  ? 108 ARG A CA  1 
ATOM   767  C C   . ARG A 1 111 ? 1.37549   15.88979  -7.91887  1.000 73.37316  ? 108 ARG A C   1 
ATOM   768  O O   . ARG A 1 111 ? 1.05252   15.21081  -6.93846  1.000 75.13955  ? 108 ARG A O   1 
ATOM   769  C CB  . ARG A 1 111 ? 0.19312   18.06072  -8.31822  1.000 67.47276  ? 108 ARG A CB  1 
ATOM   770  C CG  . ARG A 1 111 ? -1.04038  17.72804  -7.49050  1.000 68.14074  ? 108 ARG A CG  1 
ATOM   771  C CD  . ARG A 1 111 ? -2.27377  18.46253  -7.99174  1.000 61.07790  ? 108 ARG A CD  1 
ATOM   772  N NE  . ARG A 1 111 ? -2.72097  17.96891  -9.29118  1.000 66.83675  ? 108 ARG A NE  1 
ATOM   773  C CZ  . ARG A 1 111 ? -3.61063  16.99503  -9.45477  1.000 73.94727  ? 108 ARG A CZ  1 
ATOM   774  N NH1 . ARG A 1 111 ? -4.15027  16.40181  -8.39801  1.000 89.50116  ? 108 ARG A NH1 1 
ATOM   775  N NH2 . ARG A 1 111 ? -3.96003  16.61131  -10.67492 1.000 66.48682  ? 108 ARG A NH2 1 
ATOM   776  N N   . PHE A 1 112 ? 1.64224   15.34249  -9.10648  1.000 73.84599  ? 109 PHE A N   1 
ATOM   777  C CA  . PHE A 1 112 ? 1.64000   13.89307  -9.25788  1.000 69.87406  ? 109 PHE A CA  1 
ATOM   778  C C   . PHE A 1 112 ? 2.72825   13.25732  -8.40613  1.000 64.52992  ? 109 PHE A C   1 
ATOM   779  O O   . PHE A 1 112 ? 2.51097   12.20623  -7.79306  1.000 67.42138  ? 109 PHE A O   1 
ATOM   780  C CB  . PHE A 1 112 ? 1.81122   13.51434  -10.72776 1.000 64.20782  ? 109 PHE A CB  1 
ATOM   781  C CG  . PHE A 1 112 ? 0.51716   13.21705  -11.42929 1.000 63.41095  ? 109 PHE A CG  1 
ATOM   782  C CD1 . PHE A 1 112 ? -0.46290  14.18992  -11.54719 1.000 63.22224  ? 109 PHE A CD1 1 
ATOM   783  C CD2 . PHE A 1 112 ? 0.27831   11.96261  -11.96707 1.000 65.42837  ? 109 PHE A CD2 1 
ATOM   784  C CE1 . PHE A 1 112 ? -1.65620  13.91621  -12.19335 1.000 69.22127  ? 109 PHE A CE1 1 
ATOM   785  C CE2 . PHE A 1 112 ? -0.91121  11.68259  -12.61300 1.000 67.16320  ? 109 PHE A CE2 1 
ATOM   786  C CZ  . PHE A 1 112 ? -1.87954  12.65920  -12.72501 1.000 62.16900  ? 109 PHE A CZ  1 
ATOM   787  N N   . TYR A 1 113 ? 3.90350   13.88828  -8.34080  1.000 62.27202  ? 110 TYR A N   1 
ATOM   788  C CA  . TYR A 1 113 ? 4.96141   13.35807  -7.48511  1.000 66.20854  ? 110 TYR A CA  1 
ATOM   789  C C   . TYR A 1 113 ? 4.55586   13.39456  -6.01647  1.000 68.06006  ? 110 TYR A C   1 
ATOM   790  O O   . TYR A 1 113 ? 4.79543   12.43558  -5.27375  1.000 72.13925  ? 110 TYR A O   1 
ATOM   791  C CB  . TYR A 1 113 ? 6.25259   14.14200  -7.69726  1.000 59.50303  ? 110 TYR A CB  1 
ATOM   792  C CG  . TYR A 1 113 ? 7.47302   13.51217  -7.06381  1.000 55.93198  ? 110 TYR A CG  1 
ATOM   793  C CD1 . TYR A 1 113 ? 7.97251   12.30164  -7.52517  1.000 51.46902  ? 110 TYR A CD1 1 
ATOM   794  C CD2 . TYR A 1 113 ? 8.13172   14.13341  -6.01025  1.000 58.05752  ? 110 TYR A CD2 1 
ATOM   795  C CE1 . TYR A 1 113 ? 9.09532   11.72440  -6.95288  1.000 47.46570  ? 110 TYR A CE1 1 
ATOM   796  C CE2 . TYR A 1 113 ? 9.25320   13.56377  -5.43036  1.000 58.28897  ? 110 TYR A CE2 1 
ATOM   797  C CZ  . TYR A 1 113 ? 9.73172   12.36084  -5.90772  1.000 54.16647  ? 110 TYR A CZ  1 
ATOM   798  O OH  . TYR A 1 113 ? 10.84756  11.78972  -5.33785  1.000 63.79922  ? 110 TYR A OH  1 
ATOM   799  N N   . GLN A 1 114 ? 3.93919   14.49517  -5.58081  1.000 73.26289  ? 111 GLN A N   1 
ATOM   800  C CA  . GLN A 1 114 ? 3.56286   14.63580  -4.17737  1.000 72.85811  ? 111 GLN A CA  1 
ATOM   801  C C   . GLN A 1 114 ? 2.44377   13.67198  -3.80040  1.000 70.66303  ? 111 GLN A C   1 
ATOM   802  O O   . GLN A 1 114 ? 2.41725   13.15047  -2.67980  1.000 78.10634  ? 111 GLN A O   1 
ATOM   803  C CB  . GLN A 1 114 ? 3.14835   16.08089  -3.89663  1.000 72.96025  ? 111 GLN A CB  1 
ATOM   804  C CG  . GLN A 1 114 ? 2.74301   16.36418  -2.45861  1.000 92.88704  ? 111 GLN A CG  1 
ATOM   805  C CD  . GLN A 1 114 ? 1.96744   17.66170  -2.32334  1.000 108.93635 ? 111 GLN A CD  1 
ATOM   806  O OE1 . GLN A 1 114 ? 0.73821   17.67481  -2.40014  1.000 108.10810 ? 111 GLN A OE1 1 
ATOM   807  N NE2 . GLN A 1 114 ? 2.68457   18.76277  -2.12836  1.000 112.20399 ? 111 GLN A NE2 1 
ATOM   808  N N   . VAL A 1 115 ? 1.51734   13.41734  -4.72299  1.000 68.01675  ? 112 VAL A N   1 
ATOM   809  C CA  . VAL A 1 115 ? 0.36720   12.57427  -4.41876  1.000 57.83554  ? 112 VAL A CA  1 
ATOM   810  C C   . VAL A 1 115 ? 0.73996   11.09927  -4.49453  1.000 68.74360  ? 112 VAL A C   1 
ATOM   811  O O   . VAL A 1 115 ? 0.41191   10.31435  -3.59715  1.000 72.68158  ? 112 VAL A O   1 
ATOM   812  C CB  . VAL A 1 115 ? -0.79919  12.91143  -5.36711  1.000 57.81577  ? 112 VAL A CB  1 
ATOM   813  C CG1 . VAL A 1 115 ? -1.77485  11.75066  -5.45022  1.000 58.29389  ? 112 VAL A CG1 1 
ATOM   814  C CG2 . VAL A 1 115 ? -1.50672  14.17918  -4.91121  1.000 60.71757  ? 112 VAL A CG2 1 
ATOM   815  N N   . ASN A 1 116 ? 1.43930   10.70166  -5.55810  1.000 63.35203  ? 113 ASN A N   1 
ATOM   816  C CA  . ASN A 1 116 ? 1.68322   9.29168   -5.83502  1.000 63.80134  ? 113 ASN A CA  1 
ATOM   817  C C   . ASN A 1 116 ? 2.91479   8.73618   -5.13269  1.000 62.39967  ? 113 ASN A C   1 
ATOM   818  O O   . ASN A 1 116 ? 2.93040   7.55125   -4.77966  1.000 62.80609  ? 113 ASN A O   1 
ATOM   819  C CB  . ASN A 1 116 ? 1.82514   9.07347   -7.34465  1.000 59.05013  ? 113 ASN A CB  1 
ATOM   820  C CG  . ASN A 1 116 ? 0.54016   9.35817   -8.09942  1.000 71.15075  ? 113 ASN A CG  1 
ATOM   821  O OD1 . ASN A 1 116 ? -0.52882  9.49106   -7.50278  1.000 70.23792  ? 113 ASN A OD1 1 
ATOM   822  N ND2 . ASN A 1 116 ? 0.63837   9.44697   -9.42133  1.000 74.77345  ? 113 ASN A ND2 1 
ATOM   823  N N   . VAL A 1 117 ? 3.94547   9.54885   -4.92502  1.000 58.89923  ? 114 VAL A N   1 
ATOM   824  C CA  . VAL A 1 117 ? 5.22044   9.08744   -4.38934  1.000 65.91751  ? 114 VAL A CA  1 
ATOM   825  C C   . VAL A 1 117 ? 5.42227   9.54467   -2.94848  1.000 64.60118  ? 114 VAL A C   1 
ATOM   826  O O   . VAL A 1 117 ? 5.71826   8.73513   -2.06831  1.000 70.84179  ? 114 VAL A O   1 
ATOM   827  C CB  . VAL A 1 117 ? 6.39596   9.54364   -5.28426  1.000 56.71491  ? 114 VAL A CB  1 
ATOM   828  C CG1 . VAL A 1 117 ? 7.71562   9.02024   -4.73799  1.000 46.86057  ? 114 VAL A CG1 1 
ATOM   829  C CG2 . VAL A 1 117 ? 6.18810   9.07714   -6.71724  1.000 61.33931  ? 114 VAL A CG2 1 
ATOM   830  N N   . LEU A 1 118 ? 5.26313   10.84468  -2.68781  1.000 61.20010  ? 115 LEU A N   1 
ATOM   831  C CA  . LEU A 1 118 ? 5.62363   11.36847  -1.37436  1.000 74.13449  ? 115 LEU A CA  1 
ATOM   832  C C   . LEU A 1 118 ? 4.64808   10.92198  -0.29023  1.000 73.10607  ? 115 LEU A C   1 
ATOM   833  O O   . LEU A 1 118 ? 5.02024   10.86861  0.88503   1.000 70.38317  ? 115 LEU A O   1 
ATOM   834  C CB  . LEU A 1 118 ? 5.71506   12.89354  -1.41769  1.000 66.85756  ? 115 LEU A CB  1 
ATOM   835  C CG  . LEU A 1 118 ? 6.26433   13.53228  -0.13903  1.000 73.36603  ? 115 LEU A CG  1 
ATOM   836  C CD1 . LEU A 1 118 ? 7.71268   13.12928  0.07595   1.000 77.81037  ? 115 LEU A CD1 1 
ATOM   837  C CD2 . LEU A 1 118 ? 6.13004   15.04154  -0.18627  1.000 75.07166  ? 115 LEU A CD2 1 
ATOM   838  N N   . SER A 1 119 ? 3.40762   10.59222  -0.65226  1.000 64.72396  ? 116 SER A N   1 
ATOM   839  C CA  . SER A 1 119 ? 2.46652   10.08475  0.34184   1.000 68.75134  ? 116 SER A CA  1 
ATOM   840  C C   . SER A 1 119 ? 2.95088   8.75959   0.92319   1.000 71.68620  ? 116 SER A C   1 
ATOM   841  O O   . SER A 1 119 ? 2.98373   8.57083   2.15065   1.000 76.67882  ? 116 SER A O   1 
ATOM   842  C CB  . SER A 1 119 ? 1.08352   9.93091   -0.28934  1.000 69.59272  ? 116 SER A CB  1 
ATOM   843  O OG  . SER A 1 119 ? 1.15018   9.15497   -1.47328  1.000 66.39094  ? 116 SER A OG  1 
ATOM   844  N N   . GLY A 1 120 ? 3.33097   7.82550   0.04855   1.000 62.23210  ? 117 GLY A N   1 
ATOM   845  C CA  . GLY A 1 120 ? 3.88862   6.57086   0.52077   1.000 59.24391  ? 117 GLY A CA  1 
ATOM   846  C C   . GLY A 1 120 ? 5.18014   6.76678   1.28788   1.000 60.55137  ? 117 GLY A C   1 
ATOM   847  O O   . GLY A 1 120 ? 5.43923   6.07104   2.27261   1.000 66.10325  ? 117 GLY A O   1 
ATOM   848  N N   . VAL A 1 121 ? 6.00443   7.72263   0.85129   1.000 67.86727  ? 118 VAL A N   1 
ATOM   849  C CA  . VAL A 1 121 ? 7.24176   8.02211   1.56606   1.000 65.35623  ? 118 VAL A CA  1 
ATOM   850  C C   . VAL A 1 121 ? 6.93405   8.50348   2.97706   1.000 63.41638  ? 118 VAL A C   1 
ATOM   851  O O   . VAL A 1 121 ? 7.60579   8.11818   3.93841   1.000 63.41760  ? 118 VAL A O   1 
ATOM   852  C CB  . VAL A 1 121 ? 8.07708   9.05343   0.78439   1.000 64.69479  ? 118 VAL A CB  1 
ATOM   853  C CG1 . VAL A 1 121 ? 9.22879   9.56365   1.63847   1.000 52.73915  ? 118 VAL A CG1 1 
ATOM   854  C CG2 . VAL A 1 121 ? 8.59633   8.44599   -0.51260  1.000 61.66135  ? 118 VAL A CG2 1 
ATOM   855  N N   . ARG A 1 122 ? 5.90736   9.34387   3.12245   1.000 59.32318  ? 119 ARG A N   1 
ATOM   856  C CA  . ARG A 1 122 ? 5.50282   9.82880   4.43871   1.000 71.78002  ? 119 ARG A CA  1 
ATOM   857  C C   . ARG A 1 122 ? 5.06693   8.67665   5.33321   1.000 66.43847  ? 119 ARG A C   1 
ATOM   858  O O   . ARG A 1 122 ? 5.53226   8.54214   6.47554   1.000 61.57023  ? 119 ARG A O   1 
ATOM   859  C CB  . ARG A 1 122 ? 4.36568   10.84105  4.28736   1.000 71.22743  ? 119 ARG A CB  1 
ATOM   860  C CG  . ARG A 1 122 ? 4.64785   12.21454  4.86199   1.000 79.20923  ? 119 ARG A CG  1 
ATOM   861  C CD  . ARG A 1 122 ? 3.36823   13.03172  4.97515   1.000 78.14626  ? 119 ARG A CD  1 
ATOM   862  N NE  . ARG A 1 122 ? 2.55649   12.96935  3.76184   1.000 82.97797  ? 119 ARG A NE  1 
ATOM   863  C CZ  . ARG A 1 122 ? 2.63677   13.84390  2.76379   1.000 83.99641  ? 119 ARG A CZ  1 
ATOM   864  N NH1 . ARG A 1 122 ? 3.49714   14.85092  2.83064   1.000 89.12632  ? 119 ARG A NH1 1 
ATOM   865  N NH2 . ARG A 1 122 ? 1.85856   13.71268  1.69760   1.000 85.18118  ? 119 ARG A NH2 1 
ATOM   866  N N   . LEU A 1 123 ? 4.15996   7.83730   4.82550   1.000 61.73904  ? 120 LEU A N   1 
ATOM   867  C CA  . LEU A 1 123 ? 3.66120   6.72407   5.62856   1.000 60.68207  ? 120 LEU A CA  1 
ATOM   868  C C   . LEU A 1 123 ? 4.79145   5.78514   6.03605   1.000 67.75995  ? 120 LEU A C   1 
ATOM   869  O O   . LEU A 1 123 ? 4.85233   5.33619   7.18990   1.000 58.23873  ? 120 LEU A O   1 
ATOM   870  C CB  . LEU A 1 123 ? 2.58312   5.96587   4.85994   1.000 53.23873  ? 120 LEU A CB  1 
ATOM   871  C CG  . LEU A 1 123 ? 1.36300   6.78607   4.44379   1.000 55.03864  ? 120 LEU A CG  1 
ATOM   872  C CD1 . LEU A 1 123 ? 0.28163   5.86333   3.92163   1.000 60.92452  ? 120 LEU A CD1 1 
ATOM   873  C CD2 . LEU A 1 123 ? 0.84386   7.62748   5.60169   1.000 59.81132  ? 120 LEU A CD2 1 
ATOM   874  N N   . ALA A 1 124 ? 5.70256   5.48474   5.10405   1.000 60.49778  ? 121 ALA A N   1 
ATOM   875  C CA  . ALA A 1 124 ? 6.82579   4.60926   5.41882   1.000 59.84261  ? 121 ALA A CA  1 
ATOM   876  C C   . ALA A 1 124 ? 7.75314   5.24929   6.44216   1.000 62.52686  ? 121 ALA A C   1 
ATOM   877  O O   . ALA A 1 124 ? 8.15476   4.60013   7.41437   1.000 66.16725  ? 121 ALA A O   1 
ATOM   878  C CB  . ALA A 1 124 ? 7.59041   4.25706   4.14253   1.000 45.03840  ? 121 ALA A CB  1 
ATOM   879  N N   . ARG A 1 125 ? 8.09651   6.52488   6.24435   1.000 65.01585  ? 122 ARG A N   1 
ATOM   880  C CA  . ARG A 1 125 ? 8.95471   7.23206   7.18571   1.000 71.03662  ? 122 ARG A CA  1 
ATOM   881  C C   . ARG A 1 125 ? 8.37155   7.22139   8.58861   1.000 66.83595  ? 122 ARG A C   1 
ATOM   882  O O   . ARG A 1 125 ? 9.12093   7.16974   9.57115   1.000 63.14190  ? 122 ARG A O   1 
ATOM   883  C CB  . ARG A 1 125 ? 9.16765   8.67175   6.71108   1.000 70.57358  ? 122 ARG A CB  1 
ATOM   884  C CG  . ARG A 1 125 ? 10.06138  9.51461   7.60910   1.000 69.85955  ? 122 ARG A CG  1 
ATOM   885  C CD  . ARG A 1 125 ? 10.47459  10.81014  6.91965   1.000 74.40166  ? 122 ARG A CD  1 
ATOM   886  N NE  . ARG A 1 125 ? 9.34536   11.71820  6.73499   1.000 68.67254  ? 122 ARG A NE  1 
ATOM   887  C CZ  . ARG A 1 125 ? 8.98724   12.24055  5.56652   1.000 71.53973  ? 122 ARG A CZ  1 
ATOM   888  N NH1 . ARG A 1 125 ? 9.67168   11.94870  4.46886   1.000 76.21579  ? 122 ARG A NH1 1 
ATOM   889  N NH2 . ARG A 1 125 ? 7.94403   13.05611  5.49560   1.000 67.06744  ? 122 ARG A NH2 1 
ATOM   890  N N   . HIS A 1 126 ? 7.04315   7.26549   8.70853   1.000 64.26859  ? 123 HIS A N   1 
ATOM   891  C CA  . HIS A 1 126 ? 6.46804   7.25539   10.04990  1.000 67.93214  ? 123 HIS A CA  1 
ATOM   892  C C   . HIS A 1 126 ? 6.41226   5.85273   10.64706  1.000 68.88647  ? 123 HIS A C   1 
ATOM   893  O O   . HIS A 1 126 ? 6.72954   5.67273   11.82778  1.000 65.13152  ? 123 HIS A O   1 
ATOM   894  C CB  . HIS A 1 126 ? 5.07030   7.86534   10.05286  1.000 60.71672  ? 123 HIS A CB  1 
ATOM   895  C CG  . HIS A 1 126 ? 4.42266   7.85694   11.40406  1.000 76.94694  ? 123 HIS A CG  1 
ATOM   896  N ND1 . HIS A 1 126 ? 3.35749   7.03965   11.71487  1.000 75.00351  ? 123 HIS A ND1 1 
ATOM   897  C CD2 . HIS A 1 126 ? 4.70062   8.55520   12.53089  1.000 77.73583  ? 123 HIS A CD2 1 
ATOM   898  C CE1 . HIS A 1 126 ? 3.00096   7.24079   12.97101  1.000 74.71160  ? 123 HIS A CE1 1 
ATOM   899  N NE2 . HIS A 1 126 ? 3.79981   8.15619   13.48872  1.000 72.98004  ? 123 HIS A NE2 1 
ATOM   900  N N   . TYR A 1 127 ? 6.00938   4.84844   9.86433   1.000 70.94309  ? 124 TYR A N   1 
ATOM   901  C CA  . TYR A 1 127 ? 5.72804   3.53818   10.44246  1.000 55.93233  ? 124 TYR A CA  1 
ATOM   902  C C   . TYR A 1 127 ? 6.93312   2.60634   10.50580  1.000 60.39841  ? 124 TYR A C   1 
ATOM   903  O O   . TYR A 1 127 ? 6.91031   1.65278   11.29222  1.000 72.78120  ? 124 TYR A O   1 
ATOM   904  C CB  . TYR A 1 127 ? 4.60500   2.84636   9.66637   1.000 50.45918  ? 124 TYR A CB  1 
ATOM   905  C CG  . TYR A 1 127 ? 3.23895   3.43615   9.92426   1.000 62.16126  ? 124 TYR A CG  1 
ATOM   906  C CD1 . TYR A 1 127 ? 2.70350   3.46543   11.20636  1.000 65.87583  ? 124 TYR A CD1 1 
ATOM   907  C CD2 . TYR A 1 127 ? 2.48384   3.96318   8.88700   1.000 57.94545  ? 124 TYR A CD2 1 
ATOM   908  C CE1 . TYR A 1 127 ? 1.45282   4.00366   11.44664  1.000 52.92403  ? 124 TYR A CE1 1 
ATOM   909  C CE2 . TYR A 1 127 ? 1.23407   4.50373   9.11589   1.000 63.51157  ? 124 TYR A CE2 1 
ATOM   910  C CZ  . TYR A 1 127 ? 0.72245   4.52138   10.39695  1.000 64.54651  ? 124 TYR A CZ  1 
ATOM   911  O OH  . TYR A 1 127 ? -0.52355  5.06000   10.62553  1.000 53.63231  ? 124 TYR A OH  1 
ATOM   912  N N   . ALA A 1 128 ? 7.97858   2.84731   9.71679   1.000 65.73679  ? 125 ALA A N   1 
ATOM   913  C CA  . ALA A 1 128 ? 9.13409   1.95748   9.66887   1.000 68.90194  ? 125 ALA A CA  1 
ATOM   914  C C   . ALA A 1 128 ? 9.93215   1.86876   10.97294  1.000 65.39172  ? 125 ALA A C   1 
ATOM   915  O O   . ALA A 1 128 ? 10.41487  0.77833   11.30374  1.000 64.05575  ? 125 ALA A O   1 
ATOM   916  C CB  . ALA A 1 128 ? 10.06138  2.38417   8.52654   1.000 57.94354  ? 125 ALA A CB  1 
ATOM   917  N N   . PRO A 1 129 ? 10.13029  2.96397   11.72713  1.000 71.69402  ? 126 PRO A N   1 
ATOM   918  C CA  . PRO A 1 129 ? 10.98327  2.85547   12.92808  1.000 69.50412  ? 126 PRO A CA  1 
ATOM   919  C C   . PRO A 1 129 ? 10.46589  1.88048   13.97313  1.000 64.38211  ? 126 PRO A C   1 
ATOM   920  O O   . PRO A 1 129 ? 11.25690  1.11679   14.54000  1.000 71.61799  ? 126 PRO A O   1 
ATOM   921  C CB  . PRO A 1 129 ? 11.01827  4.29511   13.46142  1.000 65.40517  ? 126 PRO A CB  1 
ATOM   922  C CG  . PRO A 1 129 ? 10.75822  5.13838   12.27603  1.000 66.20960  ? 126 PRO A CG  1 
ATOM   923  C CD  . PRO A 1 129 ? 9.77357   4.36986   11.45740  1.000 63.55133  ? 126 PRO A CD  1 
ATOM   924  N N   . SER A 1 130 ? 9.16217   1.88452   14.25651  1.000 63.27467  ? 127 SER A N   1 
ATOM   925  C CA  . SER A 1 130 ? 8.62684   0.93916   15.23404  1.000 73.70187  ? 127 SER A CA  1 
ATOM   926  C C   . SER A 1 130 ? 8.73419   -0.49592  14.72840  1.000 72.47794  ? 127 SER A C   1 
ATOM   927  O O   . SER A 1 130 ? 8.99760   -1.42005  15.51133  1.000 68.44806  ? 127 SER A O   1 
ATOM   928  C CB  . SER A 1 130 ? 7.17678   1.28860   15.56787  1.000 60.19712  ? 127 SER A CB  1 
ATOM   929  O OG  . SER A 1 130 ? 6.99279   2.69197   15.63726  1.000 90.06287  ? 127 SER A OG  1 
ATOM   930  N N   . MET A 1 131 ? 8.53190   -0.69983  13.42130  1.000 64.64639  ? 128 MET A N   1 
ATOM   931  C CA  . MET A 1 131 ? 8.76852   -2.01175  12.82812  1.000 61.42929  ? 128 MET A CA  1 
ATOM   932  C C   . MET A 1 131 ? 10.20031  -2.46669  13.06943  1.000 68.44211  ? 128 MET A C   1 
ATOM   933  O O   . MET A 1 131 ? 10.43957  -3.61682  13.45388  1.000 74.25658  ? 128 MET A O   1 
ATOM   934  C CB  . MET A 1 131 ? 8.47977   -1.97599  11.32705  1.000 64.71532  ? 128 MET A CB  1 
ATOM   935  C CG  . MET A 1 131 ? 7.06333   -1.59850  10.92899  1.000 54.39940  ? 128 MET A CG  1 
ATOM   936  S SD  . MET A 1 131 ? 6.88241   -1.69328  9.13356   1.000 66.21438  ? 128 MET A SD  1 
ATOM   937  C CE  . MET A 1 131 ? 5.17965   -1.18298  8.91671   1.000 47.94307  ? 128 MET A CE  1 
ATOM   938  N N   . VAL A 1 132 ? 11.16610  -1.57413  12.84093  1.000 61.05821  ? 129 VAL A N   1 
ATOM   939  C CA  . VAL A 1 132 ? 12.56904  -1.91265  13.05018  1.000 65.87699  ? 129 VAL A CA  1 
ATOM   940  C C   . VAL A 1 132 ? 12.83563  -2.20066  14.52054  1.000 65.22817  ? 129 VAL A C   1 
ATOM   941  O O   . VAL A 1 132 ? 13.64866  -3.07267  14.85492  1.000 57.08154  ? 129 VAL A O   1 
ATOM   942  C CB  . VAL A 1 132 ? 13.46654  -0.77716  12.51910  1.000 64.50861  ? 129 VAL A CB  1 
ATOM   943  C CG1 . VAL A 1 132 ? 14.92426  -1.02955  12.86771  1.000 53.45935  ? 129 VAL A CG1 1 
ATOM   944  C CG2 . VAL A 1 132 ? 13.29349  -0.62308  11.01991  1.000 57.91098  ? 129 VAL A CG2 1 
ATOM   945  N N   . GLU A 1 133 ? 12.15486  -1.48706  15.41920  1.000 68.20191  ? 130 GLU A N   1 
ATOM   946  C CA  . GLU A 1 133 ? 12.37189  -1.69652  16.84661  1.000 74.55086  ? 130 GLU A CA  1 
ATOM   947  C C   . GLU A 1 133 ? 11.86557  -3.06652  17.28196  1.000 74.57585  ? 130 GLU A C   1 
ATOM   948  O O   . GLU A 1 133 ? 12.57074  -3.80707  17.97753  1.000 71.24275  ? 130 GLU A O   1 
ATOM   949  C CB  . GLU A 1 133 ? 11.69695  -0.58765  17.65463  1.000 71.92187  ? 130 GLU A CB  1 
ATOM   950  C CG  . GLU A 1 133 ? 12.46248  -0.19779  18.91165  1.000 92.22029  ? 130 GLU A CG  1 
ATOM   951  C CD  . GLU A 1 133 ? 11.54726  0.13425   20.07403  1.000 118.46764 ? 130 GLU A CD  1 
ATOM   952  O OE1 . GLU A 1 133 ? 11.93844  -0.12112  21.23335  1.000 125.20461 ? 130 GLU A OE1 1 
ATOM   953  O OE2 . GLU A 1 133 ? 10.43766  0.65205   19.82856  1.000 120.05205 ? 130 GLU A OE2 1 
ATOM   954  N N   . GLN A 1 134 ? 10.64657  -3.42926  16.87372  1.000 69.51309  ? 131 GLN A N   1 
ATOM   955  C CA  . GLN A 1 134 ? 10.11601  -4.73764  17.24318  1.000 65.54323  ? 131 GLN A CA  1 
ATOM   956  C C   . GLN A 1 134 ? 10.77118  -5.87782  16.47468  1.000 66.81453  ? 131 GLN A C   1 
ATOM   957  O O   . GLN A 1 134 ? 10.48374  -7.04297  16.76765  1.000 66.29192  ? 131 GLN A O   1 
ATOM   958  C CB  . GLN A 1 134 ? 8.59881   -4.77825  17.03972  1.000 48.14882  ? 131 GLN A CB  1 
ATOM   959  C CG  . GLN A 1 134 ? 8.15021   -4.86786  15.59240  1.000 64.35873  ? 131 GLN A CG  1 
ATOM   960  C CD  . GLN A 1 134 ? 6.64784   -4.71219  15.44311  1.000 75.70181  ? 131 GLN A CD  1 
ATOM   961  O OE1 . GLN A 1 134 ? 5.93275   -4.51609  16.42579  1.000 70.77781  ? 131 GLN A OE1 1 
ATOM   962  N NE2 . GLN A 1 134 ? 6.16242   -4.79568  14.20981  1.000 73.53067  ? 131 GLN A NE2 1 
ATOM   963  N N   . GLY A 1 135 ? 11.63758  -5.57604  15.51025  1.000 62.12450  ? 132 GLY A N   1 
ATOM   964  C CA  . GLY A 1 135 ? 12.36123  -6.59926  14.78519  1.000 51.30686  ? 132 GLY A CA  1 
ATOM   965  C C   . GLY A 1 135 ? 11.57867  -7.31286  13.70758  1.000 58.99416  ? 132 GLY A C   1 
ATOM   966  O O   . GLY A 1 135 ? 12.03988  -8.35103  13.22101  1.000 57.25467  ? 132 GLY A O   1 
ATOM   967  N N   . TRP A 1 136 ? 10.41396  -6.79702  13.31775  1.000 57.79203  ? 133 TRP A N   1 
ATOM   968  C CA  . TRP A 1 136 ? 9.59783   -7.42311  12.28725  1.000 58.88003  ? 133 TRP A CA  1 
ATOM   969  C C   . TRP A 1 136 ? 8.69437   -6.36955  11.66336  1.000 68.58004  ? 133 TRP A C   1 
ATOM   970  O O   . TRP A 1 136 ? 8.12459   -5.53541  12.37325  1.000 68.03465  ? 133 TRP A O   1 
ATOM   971  C CB  . TRP A 1 136 ? 8.75535   -8.57254  12.85694  1.000 54.40547  ? 133 TRP A CB  1 
ATOM   972  C CG  . TRP A 1 136 ? 8.05686   -9.37699  11.80373  1.000 53.15136  ? 133 TRP A CG  1 
ATOM   973  C CD1 . TRP A 1 136 ? 8.49436   -10.53855 11.23470  1.000 53.12026  ? 133 TRP A CD1 1 
ATOM   974  C CD2 . TRP A 1 136 ? 6.80391   -9.07067  11.17922  1.000 46.31760  ? 133 TRP A CD2 1 
ATOM   975  N NE1 . TRP A 1 136 ? 7.58717   -10.97756 10.29906  1.000 51.40247  ? 133 TRP A NE1 1 
ATOM   976  C CE2 . TRP A 1 136 ? 6.54131   -10.09337 10.24558  1.000 51.27432  ? 133 TRP A CE2 1 
ATOM   977  C CE3 . TRP A 1 136 ? 5.87819   -8.03287  11.32055  1.000 49.81526  ? 133 TRP A CE3 1 
ATOM   978  C CZ2 . TRP A 1 136 ? 5.39164   -10.10767 9.45759   1.000 54.25481  ? 133 TRP A CZ2 1 
ATOM   979  C CZ3 . TRP A 1 136 ? 4.73735   -8.04828  10.53594  1.000 60.19001  ? 133 TRP A CZ3 1 
ATOM   980  C CH2 . TRP A 1 136 ? 4.50458   -9.07796  9.61649   1.000 55.30626  ? 133 TRP A CH2 1 
ATOM   981  N N   . GLY A 1 137 ? 8.56387   -6.41523  10.34042  1.000 60.86274  ? 134 GLY A N   1 
ATOM   982  C CA  . GLY A 1 137 ? 7.71610   -5.46621  9.64638   1.000 55.25289  ? 134 GLY A CA  1 
ATOM   983  C C   . GLY A 1 137 ? 7.62042   -5.78902  8.17303   1.000 66.02766  ? 134 GLY A C   1 
ATOM   984  O O   . GLY A 1 137 ? 8.47456   -6.48194  7.60810   1.000 62.48872  ? 134 GLY A O   1 
ATOM   985  N N   . ARG A 1 138 ? 6.55697   -5.27534  7.55584   1.000 56.99163  ? 135 ARG A N   1 
ATOM   986  C CA  . ARG A 1 138 ? 6.31363   -5.45070  6.12966   1.000 54.19343  ? 135 ARG A CA  1 
ATOM   987  C C   . ARG A 1 138 ? 5.85133   -4.12564  5.54607   1.000 68.96087  ? 135 ARG A C   1 
ATOM   988  O O   . ARG A 1 138 ? 4.91920   -3.50908  6.07188   1.000 61.79606  ? 135 ARG A O   1 
ATOM   989  C CB  . ARG A 1 138 ? 5.25794   -6.53024  5.86566   1.000 51.66662  ? 135 ARG A CB  1 
ATOM   990  C CG  . ARG A 1 138 ? 5.62549   -7.91321  6.37162   1.000 62.17934  ? 135 ARG A CG  1 
ATOM   991  C CD  . ARG A 1 138 ? 6.78113   -8.49629  5.58573   1.000 57.89375  ? 135 ARG A CD  1 
ATOM   992  N NE  . ARG A 1 138 ? 6.96732   -9.91864  5.85572   1.000 57.94644  ? 135 ARG A NE  1 
ATOM   993  C CZ  . ARG A 1 138 ? 7.88821   -10.40633 6.68081   1.000 62.08032  ? 135 ARG A CZ  1 
ATOM   994  N NH1 . ARG A 1 138 ? 8.70953   -9.58496  7.32291   1.000 59.08572  ? 135 ARG A NH1 1 
ATOM   995  N NH2 . ARG A 1 138 ? 7.98746   -11.71571 6.86672   1.000 64.15187  ? 135 ARG A NH2 1 
ATOM   996  N N   . ILE A 1 139 ? 6.50778   -3.68825  4.47167   1.000 63.24195  ? 136 ILE A N   1 
ATOM   997  C CA  . ILE A 1 139 ? 6.12182   -2.49106  3.73011   1.000 55.99630  ? 136 ILE A CA  1 
ATOM   998  C C   . ILE A 1 139 ? 5.99220   -2.87750  2.26149   1.000 58.77014  ? 136 ILE A C   1 
ATOM   999  O O   . ILE A 1 139 ? 6.94507   -3.39395  1.66634   1.000 54.56092  ? 136 ILE A O   1 
ATOM   1000 C CB  . ILE A 1 139 ? 7.13150   -1.34475  3.90966   1.000 60.39011  ? 136 ILE A CB  1 
ATOM   1001 C CG1 . ILE A 1 139 ? 7.35824   -1.06095  5.39737   1.000 57.96787  ? 136 ILE A CG1 1 
ATOM   1002 C CG2 . ILE A 1 139 ? 6.64473   -0.09131  3.19771   1.000 46.32855  ? 136 ILE A CG2 1 
ATOM   1003 C CD1 . ILE A 1 139 ? 8.48705   -0.08847  5.67593   1.000 62.98124  ? 136 ILE A CD1 1 
ATOM   1004 N N   . ILE A 1 140 ? 4.82033   -2.62780  1.67922   1.000 59.28412  ? 137 ILE A N   1 
ATOM   1005 C CA  . ILE A 1 140 ? 4.44881   -3.16218  0.37258   1.000 61.04275  ? 137 ILE A CA  1 
ATOM   1006 C C   . ILE A 1 140 ? 3.92481   -2.02151  -0.48792  1.000 63.19294  ? 137 ILE A C   1 
ATOM   1007 O O   . ILE A 1 140 ? 2.95912   -1.35393  -0.10684  1.000 63.03074  ? 137 ILE A O   1 
ATOM   1008 C CB  . ILE A 1 140 ? 3.38341   -4.26618  0.49386   1.000 61.39002  ? 137 ILE A CB  1 
ATOM   1009 C CG1 . ILE A 1 140 ? 3.85314   -5.37074  1.44416   1.000 60.18456  ? 137 ILE A CG1 1 
ATOM   1010 C CG2 . ILE A 1 140 ? 3.03541   -4.82820  -0.87709  1.000 59.75244  ? 137 ILE A CG2 1 
ATOM   1011 C CD1 . ILE A 1 140 ? 2.73608   -6.26539  1.93637   1.000 57.63816  ? 137 ILE A CD1 1 
ATOM   1012 N N   . PHE A 1 141 ? 4.53027   -1.82307  -1.65678  1.000 61.36098  ? 138 PHE A N   1 
ATOM   1013 C CA  . PHE A 1 141 ? 4.10573   -0.79675  -2.60322  1.000 59.54901  ? 138 PHE A CA  1 
ATOM   1014 C C   . PHE A 1 141 ? 3.33032   -1.44431  -3.74295  1.000 63.38560  ? 138 PHE A C   1 
ATOM   1015 O O   . PHE A 1 141 ? 3.80976   -2.40736  -4.35084  1.000 63.69817  ? 138 PHE A O   1 
ATOM   1016 C CB  . PHE A 1 141 ? 5.31001   -0.04234  -3.16914  1.000 57.68205  ? 138 PHE A CB  1 
ATOM   1017 C CG  . PHE A 1 141 ? 6.00332   0.84443   -2.17384  1.000 57.78984  ? 138 PHE A CG  1 
ATOM   1018 C CD1 . PHE A 1 141 ? 5.83735   2.21885   -2.21641  1.000 50.66963  ? 138 PHE A CD1 1 
ATOM   1019 C CD2 . PHE A 1 141 ? 6.82645   0.30386   -1.19955  1.000 54.14431  ? 138 PHE A CD2 1 
ATOM   1020 C CE1 . PHE A 1 141 ? 6.48109   3.03714   -1.30526  1.000 49.42806  ? 138 PHE A CE1 1 
ATOM   1021 C CE2 . PHE A 1 141 ? 7.47510   1.11567   -0.28803  1.000 52.24161  ? 138 PHE A CE2 1 
ATOM   1022 C CZ  . PHE A 1 141 ? 7.29934   2.48411   -0.33991  1.000 48.00441  ? 138 PHE A CZ  1 
ATOM   1023 N N   . ILE A 1 142 ? 2.14726   -0.91504  -4.04645  1.000 55.29839  ? 139 ILE A N   1 
ATOM   1024 C CA  . ILE A 1 142 ? 1.34216   -1.42223  -5.15263  1.000 58.07097  ? 139 ILE A CA  1 
ATOM   1025 C C   . ILE A 1 142 ? 1.53005   -0.46772  -6.32462  1.000 73.90133  ? 139 ILE A C   1 
ATOM   1026 O O   . ILE A 1 142 ? 1.09338   0.68820   -6.28022  1.000 74.89139  ? 139 ILE A O   1 
ATOM   1027 C CB  . ILE A 1 142 ? -0.13740  -1.57510  -4.77362  1.000 66.73765  ? 139 ILE A CB  1 
ATOM   1028 C CG1 . ILE A 1 142 ? -0.36994  -2.88856  -4.02026  1.000 59.67607  ? 139 ILE A CG1 1 
ATOM   1029 C CG2 . ILE A 1 142 ? -1.00195  -1.59448  -6.02614  1.000 59.82575  ? 139 ILE A CG2 1 
ATOM   1030 C CD1 . ILE A 1 142 ? 0.32139   -2.99593  -2.67907  1.000 52.70114  ? 139 ILE A CD1 1 
ATOM   1031 N N   . SER A 1 143 ? 2.19556   -0.95088  -7.37012  1.000 77.65206  ? 140 SER A N   1 
ATOM   1032 C CA  . SER A 1 143 ? 2.54812   -0.14963  -8.53171  1.000 81.11868  ? 140 SER A CA  1 
ATOM   1033 C C   . SER A 1 143 ? 2.21096   -0.92703  -9.79312  1.000 81.44455  ? 140 SER A C   1 
ATOM   1034 O O   . SER A 1 143 ? 2.46195   -2.13185  -9.87309  1.000 84.39018  ? 140 SER A O   1 
ATOM   1035 C CB  . SER A 1 143 ? 4.03909   0.21656   -8.52083  1.000 76.55533  ? 140 SER A CB  1 
ATOM   1036 O OG  . SER A 1 143 ? 4.27756   1.42297   -9.22335  1.000 78.92982  ? 140 SER A OG  1 
ATOM   1037 N N   . SER A 1 144 ? 1.64708   -0.23569  -10.77698 1.000 94.37773  ? 141 SER A N   1 
ATOM   1038 C CA  . SER A 1 144 ? 1.21139   -0.89846  -11.99448 1.000 101.98738 ? 141 SER A CA  1 
ATOM   1039 C C   . SER A 1 144 ? 2.39568   -1.20550  -12.90776 1.000 105.70285 ? 141 SER A C   1 
ATOM   1040 O O   . SER A 1 144 ? 3.45748   -0.57858  -12.83491 1.000 89.84139  ? 141 SER A O   1 
ATOM   1041 C CB  . SER A 1 144 ? 0.18549   -0.03995  -12.73500 1.000 98.81260  ? 141 SER A CB  1 
ATOM   1042 O OG  . SER A 1 144 ? 0.79474   0.70815   -13.77206 1.000 110.90617 ? 141 SER A OG  1 
ATOM   1043 N N   . GLU A 1 145 ? 2.18920   -2.18720  -13.79053 1.000 105.99074 ? 142 GLU A N   1 
ATOM   1044 C CA  . GLU A 1 145 ? 3.19887   -2.56231  -14.77435 1.000 106.96752 ? 142 GLU A CA  1 
ATOM   1045 C C   . GLU A 1 145 ? 3.60086   -1.40606  -15.68020 1.000 116.42048 ? 142 GLU A C   1 
ATOM   1046 O O   . GLU A 1 145 ? 4.60470   -1.52285  -16.39155 1.000 114.99748 ? 142 GLU A O   1 
ATOM   1047 C CB  . GLU A 1 145 ? 2.69556   -3.73066  -15.62713 1.000 98.26060  ? 142 GLU A CB  1 
ATOM   1048 N N   . SER A 1 146 ? 2.84825   -0.30166  -15.67773 1.000 116.00305 ? 143 SER A N   1 
ATOM   1049 C CA  . SER A 1 146 ? 3.27581   0.89333   -16.39442 1.000 106.70771 ? 143 SER A CA  1 
ATOM   1050 C C   . SER A 1 146 ? 4.56133   1.47069   -15.82044 1.000 109.13993 ? 143 SER A C   1 
ATOM   1051 O O   . SER A 1 146 ? 5.18819   2.31800   -16.46342 1.000 115.99041 ? 143 SER A O   1 
ATOM   1052 C CB  . SER A 1 146 ? 2.17604   1.95510   -16.35827 1.000 95.93458  ? 143 SER A CB  1 
ATOM   1053 O OG  . SER A 1 146 ? 1.06778   1.57707   -17.15353 1.000 92.36958  ? 143 SER A OG  1 
ATOM   1054 N N   . GLY A 1 147 ? 4.96410   1.03327   -14.62469 1.000 110.50970 ? 144 GLY A N   1 
ATOM   1055 C CA  . GLY A 1 147 ? 6.16766   1.56121   -14.00974 1.000 101.15395 ? 144 GLY A CA  1 
ATOM   1056 C C   . GLY A 1 147 ? 7.45209   1.02438   -14.60026 1.000 104.33747 ? 144 GLY A C   1 
ATOM   1057 O O   . GLY A 1 147 ? 8.48461   1.69981   -14.54969 1.000 101.62203 ? 144 GLY A O   1 
ATOM   1058 N N   . VAL A 1 148 ? 7.41966   -0.18186  -15.16254 1.000 114.61188 ? 145 VAL A N   1 
ATOM   1059 C CA  . VAL A 1 148 ? 8.62912   -0.75043  -15.74581 1.000 116.90307 ? 145 VAL A CA  1 
ATOM   1060 C C   . VAL A 1 148 ? 8.78510   -0.36943  -17.21828 1.000 123.87139 ? 145 VAL A C   1 
ATOM   1061 O O   . VAL A 1 148 ? 9.91311   -0.23822  -17.70552 1.000 120.29827 ? 145 VAL A O   1 
ATOM   1062 C CB  . VAL A 1 148 ? 8.65031   -2.27861  -15.55445 1.000 111.53347 ? 145 VAL A CB  1 
ATOM   1063 C CG1 . VAL A 1 148 ? 8.22280   -2.63860  -14.13746 1.000 104.93412 ? 145 VAL A CG1 1 
ATOM   1064 C CG2 . VAL A 1 148 ? 7.75928   -2.97821  -16.57134 1.000 113.34596 ? 145 VAL A CG2 1 
ATOM   1065 N N   . ALA A 1 149 ? 7.67846   -0.16840  -17.93499 1.000 120.77385 ? 146 ALA A N   1 
ATOM   1066 C CA  . ALA A 1 149 ? 7.68944   0.22789   -19.34362 1.000 109.80113 ? 146 ALA A CA  1 
ATOM   1067 C C   . ALA A 1 149 ? 6.74852   1.42177   -19.46462 1.000 107.85310 ? 146 ALA A C   1 
ATOM   1068 O O   . ALA A 1 149 ? 5.53357   1.25204   -19.59770 1.000 109.31226 ? 146 ALA A O   1 
ATOM   1069 C CB  . ALA A 1 149 ? 7.27615   -0.92589  -20.25199 1.000 108.18385 ? 146 ALA A CB  1 
ATOM   1070 N N   . ILE A 1 150 ? 7.31869   2.62174   -19.41406 1.000 105.25588 ? 147 ILE A N   1 
ATOM   1071 C CA  . ILE A 1 150 ? 6.51339   3.84839   -19.37857 1.000 103.78290 ? 147 ILE A CA  1 
ATOM   1072 C C   . ILE A 1 150 ? 5.72770   3.97045   -20.67903 1.000 103.83605 ? 147 ILE A C   1 
ATOM   1073 O O   . ILE A 1 150 ? 6.32830   3.93041   -21.77029 1.000 101.66499 ? 147 ILE A O   1 
ATOM   1074 C CB  . ILE A 1 150 ? 7.41365   5.07556   -19.15918 1.000 87.02402  ? 147 ILE A CB  1 
ATOM   1075 C CG1 . ILE A 1 150 ? 8.33577   4.87099   -17.95125 1.000 91.38252  ? 147 ILE A CG1 1 
ATOM   1076 C CG2 . ILE A 1 150 ? 6.57133   6.32588   -18.96174 1.000 82.51481  ? 147 ILE A CG2 1 
ATOM   1077 C CD1 . ILE A 1 150 ? 7.69313   4.21192   -16.73494 1.000 89.84652  ? 147 ILE A CD1 1 
ATOM   1078 N N   . PRO A 1 151 ? 4.40216   4.13648   -20.62630 1.000 105.83415 ? 148 PRO A N   1 
ATOM   1079 C CA  . PRO A 1 151 ? 3.59258   3.97477   -21.85131 1.000 103.34943 ? 148 PRO A CA  1 
ATOM   1080 C C   . PRO A 1 151 ? 3.90718   4.97312   -22.95503 1.000 101.93339 ? 148 PRO A C   1 
ATOM   1081 O O   . PRO A 1 151 ? 4.08801   4.57119   -24.11188 1.000 106.62488 ? 148 PRO A O   1 
ATOM   1082 C CB  . PRO A 1 151 ? 2.15656   4.12874   -21.32868 1.000 98.29457  ? 148 PRO A CB  1 
ATOM   1083 C CG  . PRO A 1 151 ? 2.24547   3.77142   -19.87842 1.000 95.01651  ? 148 PRO A CG  1 
ATOM   1084 C CD  . PRO A 1 151 ? 3.56380   4.31088   -19.42990 1.000 98.24578  ? 148 PRO A CD  1 
ATOM   1085 N N   . GLY A 1 152 ? 3.96520   6.26907   -22.64158 1.000 90.31485  ? 149 GLY A N   1 
ATOM   1086 C CA  . GLY A 1 152 ? 4.19260   7.31239   -23.62848 1.000 89.18491  ? 149 GLY A CA  1 
ATOM   1087 C C   . GLY A 1 152 ? 3.03511   8.28382   -23.75551 1.000 89.03214  ? 149 GLY A C   1 
ATOM   1088 O O   . GLY A 1 152 ? 3.24827   9.45543   -24.08341 1.000 75.06549  ? 149 GLY A O   1 
ATOM   1089 N N   . ASP A 1 153 ? 1.81315   7.81316   -23.51835 1.000 99.95068  ? 150 ASP A N   1 
ATOM   1090 C CA  . ASP A 1 153 ? 0.65359   8.68158   -23.37809 1.000 100.62524 ? 150 ASP A CA  1 
ATOM   1091 C C   . ASP A 1 153 ? 0.30646   8.94158   -21.91932 1.000 98.39782  ? 150 ASP A C   1 
ATOM   1092 O O   . ASP A 1 153 ? -0.61736  9.71190   -21.63906 1.000 90.92185  ? 150 ASP A O   1 
ATOM   1093 C CB  . ASP A 1 153 ? -0.55385  8.07905   -24.10549 1.000 100.10062 ? 150 ASP A CB  1 
ATOM   1094 C CG  . ASP A 1 153 ? -0.78771  6.62513   -23.74403 1.000 105.61317 ? 150 ASP A CG  1 
ATOM   1095 O OD1 . ASP A 1 153 ? -1.82275  6.06547   -24.16437 1.000 111.65334 ? 150 ASP A OD1 1 
ATOM   1096 O OD2 . ASP A 1 153 ? 0.06315   6.04122   -23.04141 1.000 101.95362 ? 150 ASP A OD2 1 
ATOM   1097 N N   . MET A 1 154 ? 1.02094   8.30543   -20.98882 1.000 93.98836  ? 151 MET A N   1 
ATOM   1098 C CA  . MET A 1 154 ? 0.82829   8.48788   -19.55584 1.000 82.71687  ? 151 MET A CA  1 
ATOM   1099 C C   . MET A 1 154 ? 2.20811   8.59965   -18.90093 1.000 82.65820  ? 151 MET A C   1 
ATOM   1100 O O   . MET A 1 154 ? 2.58356   7.82228   -18.02829 1.000 82.51294  ? 151 MET A O   1 
ATOM   1101 C CB  . MET A 1 154 ? 0.01795   7.33741   -18.95718 1.000 97.90915  ? 151 MET A CB  1 
ATOM   1102 C CG  . MET A 1 154 ? -0.89993  6.63024   -19.94737 1.000 104.64430 ? 151 MET A CG  1 
ATOM   1103 S SD  . MET A 1 154 ? -2.07573  5.49460   -19.18861 1.000 110.72845 ? 151 MET A SD  1 
ATOM   1104 C CE  . MET A 1 154 ? -0.98102  4.27133   -18.47371 1.000 97.30682  ? 151 MET A CE  1 
ATOM   1105 N N   . ILE A 1 155 ? 2.98585   9.59384   -19.33780 1.000 87.89453  ? 152 ILE A N   1 
ATOM   1106 C CA  . ILE A 1 155 ? 4.38687   9.68012   -18.93297 1.000 74.02862  ? 152 ILE A CA  1 
ATOM   1107 C C   . ILE A 1 155 ? 4.50868   10.05918  -17.46120 1.000 71.74481  ? 152 ILE A C   1 
ATOM   1108 O O   . ILE A 1 155 ? 5.32680   9.49028   -16.72950 1.000 70.60407  ? 152 ILE A O   1 
ATOM   1109 C CB  . ILE A 1 155 ? 5.14093   10.66869  -19.84058 1.000 71.40635  ? 152 ILE A CB  1 
ATOM   1110 C CG1 . ILE A 1 155 ? 4.89468   10.32502  -21.31131 1.000 82.97608  ? 152 ILE A CG1 1 
ATOM   1111 C CG2 . ILE A 1 155 ? 6.63154   10.65466  -19.52660 1.000 66.27194  ? 152 ILE A CG2 1 
ATOM   1112 C CD1 . ILE A 1 155 ? 5.85606   10.98895  -22.27555 1.000 70.39347  ? 152 ILE A CD1 1 
ATOM   1113 N N   . ASN A 1 156 ? 3.70838   11.02595  -17.00543 1.000 69.95065  ? 153 ASN A N   1 
ATOM   1114 C CA  . ASN A 1 156 ? 3.75074   11.43488  -15.60283 1.000 72.19010  ? 153 ASN A CA  1 
ATOM   1115 C C   . ASN A 1 156 ? 3.46300   10.25521  -14.67730 1.000 75.98761  ? 153 ASN A C   1 
ATOM   1116 O O   . ASN A 1 156 ? 4.20127   10.00303  -13.71254 1.000 72.87917  ? 153 ASN A O   1 
ATOM   1117 C CB  . ASN A 1 156 ? 2.74613   12.56623  -15.37010 1.000 68.19606  ? 153 ASN A CB  1 
ATOM   1118 C CG  . ASN A 1 156 ? 3.06871   13.39996  -14.14330 1.000 70.88447  ? 153 ASN A CG  1 
ATOM   1119 O OD1 . ASN A 1 156 ? 2.42398   14.41770  -13.88839 1.000 70.67115  ? 153 ASN A OD1 1 
ATOM   1120 N ND2 . ASN A 1 156 ? 4.06694   12.97409  -13.37700 1.000 62.93024  ? 153 ASN A ND2 1 
ATOM   1121 N N   . TYR A 1 157 ? 2.39509   9.51016   -14.97158 1.000 67.19189  ? 154 TYR A N   1 
ATOM   1122 C CA  . TYR A 1 157 ? 2.00076   8.39396   -14.11971 1.000 74.55868  ? 154 TYR A CA  1 
ATOM   1123 C C   . TYR A 1 157 ? 3.05679   7.29413   -14.10877 1.000 73.90073  ? 154 TYR A C   1 
ATOM   1124 O O   . TYR A 1 157 ? 3.37478   6.73953   -13.04857 1.000 84.96090  ? 154 TYR A O   1 
ATOM   1125 C CB  . TYR A 1 157 ? 0.65471   7.84000   -14.58357 1.000 81.85187  ? 154 TYR A CB  1 
ATOM   1126 C CG  . TYR A 1 157 ? 0.28909   6.52627   -13.93800 1.000 90.23238  ? 154 TYR A CG  1 
ATOM   1127 C CD1 . TYR A 1 157 ? 0.06012   6.44660   -12.57212 1.000 79.51050  ? 154 TYR A CD1 1 
ATOM   1128 C CD2 . TYR A 1 157 ? 0.17780   5.36503   -14.69192 1.000 90.33247  ? 154 TYR A CD2 1 
ATOM   1129 C CE1 . TYR A 1 157 ? -0.27155  5.25229   -11.97480 1.000 91.32860  ? 154 TYR A CE1 1 
ATOM   1130 C CE2 . TYR A 1 157 ? -0.15446  4.16217   -14.10136 1.000 94.59614  ? 154 TYR A CE2 1 
ATOM   1131 C CZ  . TYR A 1 157 ? -0.37800  4.11317   -12.74150 1.000 97.47686  ? 154 TYR A CZ  1 
ATOM   1132 O OH  . TYR A 1 157 ? -0.71098  2.92297   -12.13966 1.000 112.45623 ? 154 TYR A OH  1 
ATOM   1133 N N   . GLY A 1 158 ? 3.60022   6.95116   -15.27823 1.000 63.14874  ? 155 GLY A N   1 
ATOM   1134 C CA  . GLY A 1 158 ? 4.64002   5.93491   -15.32222 1.000 74.41203  ? 155 GLY A CA  1 
ATOM   1135 C C   . GLY A 1 158 ? 5.89449   6.36016   -14.58282 1.000 70.52436  ? 155 GLY A C   1 
ATOM   1136 O O   . GLY A 1 158 ? 6.55334   5.54356   -13.92713 1.000 72.99227  ? 155 GLY A O   1 
ATOM   1137 N N   . VAL A 1 159 ? 6.24113   7.64634   -14.67768 1.000 62.97131  ? 156 VAL A N   1 
ATOM   1138 C CA  . VAL A 1 159 ? 7.38041   8.17142   -13.93157 1.000 66.11611  ? 156 VAL A CA  1 
ATOM   1139 C C   . VAL A 1 159 ? 7.15646   7.99484   -12.43644 1.000 67.65864  ? 156 VAL A C   1 
ATOM   1140 O O   . VAL A 1 159 ? 8.05222   7.55707   -11.70555 1.000 68.13075  ? 156 VAL A O   1 
ATOM   1141 C CB  . VAL A 1 159 ? 7.62847   9.64639   -14.29621 1.000 68.48856  ? 156 VAL A CB  1 
ATOM   1142 C CG1 . VAL A 1 159 ? 8.53878   10.30608  -13.26924 1.000 61.64200  ? 156 VAL A CG1 1 
ATOM   1143 C CG2 . VAL A 1 159 ? 8.23277   9.74898   -15.68198 1.000 62.02840  ? 156 VAL A CG2 1 
ATOM   1144 N N   . THR A 1 160 ? 5.95136   8.32268   -11.95883 1.000 73.15171  ? 157 THR A N   1 
ATOM   1145 C CA  . THR A 1 160 ? 5.67339   8.15715   -10.53129 1.000 65.64288  ? 157 THR A CA  1 
ATOM   1146 C C   . THR A 1 160 ? 5.70231   6.68577   -10.12259 1.000 70.06058  ? 157 THR A C   1 
ATOM   1147 O O   . THR A 1 160 ? 6.16315   6.34540   -9.02534  1.000 67.92850  ? 157 THR A O   1 
ATOM   1148 C CB  . THR A 1 160 ? 4.32841   8.78818   -10.16262 1.000 66.13821  ? 157 THR A CB  1 
ATOM   1149 O OG1 . THR A 1 160 ? 3.26172   8.05526   -10.77900 1.000 73.25680  ? 157 THR A OG1 1 
ATOM   1150 C CG2 . THR A 1 160 ? 4.27519   10.24779  -10.59368 1.000 71.47210  ? 157 THR A CG2 1 
ATOM   1151 N N   . LYS A 1 161 ? 5.22669   5.79619   -10.99618 1.000 61.31362  ? 158 LYS A N   1 
ATOM   1152 C CA  . LYS A 1 161 ? 5.21525   4.37350   -10.66301 1.000 58.97949  ? 158 LYS A CA  1 
ATOM   1153 C C   . LYS A 1 161 ? 6.63271   3.81486   -10.54415 1.000 68.27035  ? 158 LYS A C   1 
ATOM   1154 O O   . LYS A 1 161 ? 6.94984   3.08885   -9.58931  1.000 65.88363  ? 158 LYS A O   1 
ATOM   1155 C CB  . LYS A 1 161 ? 4.40689   3.60400   -11.70683 1.000 71.62860  ? 158 LYS A CB  1 
ATOM   1156 N N   . SER A 1 162 ? 7.50514   4.14845   -11.49972 1.000 70.74545  ? 159 SER A N   1 
ATOM   1157 C CA  . SER A 1 162 ? 8.90161   3.72667   -11.39758 1.000 64.66226  ? 159 SER A CA  1 
ATOM   1158 C C   . SER A 1 162 ? 9.61154   4.40779   -10.23111 1.000 60.89560  ? 159 SER A C   1 
ATOM   1159 O O   . SER A 1 162 ? 10.51862  3.81931   -9.62353  1.000 66.66212  ? 159 SER A O   1 
ATOM   1160 C CB  . SER A 1 162 ? 9.63492   4.00950   -12.70549 1.000 66.17116  ? 159 SER A CB  1 
ATOM   1161 O OG  . SER A 1 162 ? 9.14129   5.18499   -13.31476 1.000 84.19728  ? 159 SER A OG  1 
ATOM   1162 N N   . ALA A 1 163 ? 9.20493   5.63399   -9.88910  1.000 57.65536  ? 160 ALA A N   1 
ATOM   1163 C CA  . ALA A 1 163 ? 9.73191   6.27018   -8.68783  1.000 63.68250  ? 160 ALA A CA  1 
ATOM   1164 C C   . ALA A 1 163 ? 9.36519   5.47695   -7.43879  1.000 66.00935  ? 160 ALA A C   1 
ATOM   1165 O O   . ALA A 1 163 ? 10.18493  5.32826   -6.52658  1.000 67.75450  ? 160 ALA A O   1 
ATOM   1166 C CB  . ALA A 1 163 ? 9.21268   7.70072   -8.58633  1.000 52.77724  ? 160 ALA A CB  1 
ATOM   1167 N N   . ASN A 1 164 ? 8.13149   4.96593   -7.37881  1.000 63.64311  ? 161 ASN A N   1 
ATOM   1168 C CA  . ASN A 1 164 ? 7.72097   4.13328   -6.24902  1.000 67.52566  ? 161 ASN A CA  1 
ATOM   1169 C C   . ASN A 1 164 ? 8.51868   2.83660   -6.20256  1.000 65.79818  ? 161 ASN A C   1 
ATOM   1170 O O   . ASN A 1 164 ? 8.90857   2.37206   -5.12122  1.000 68.83578  ? 161 ASN A O   1 
ATOM   1171 C CB  . ASN A 1 164 ? 6.22498   3.82983   -6.33483  1.000 55.88813  ? 161 ASN A CB  1 
ATOM   1172 C CG  . ASN A 1 164 ? 5.36992   4.97956   -5.85156  1.000 61.10498  ? 161 ASN A CG  1 
ATOM   1173 O OD1 . ASN A 1 164 ? 5.80809   5.78919   -5.03639  1.000 72.89987  ? 161 ASN A OD1 1 
ATOM   1174 N ND2 . ASN A 1 164 ? 4.14002   5.05529   -6.34704  1.000 60.28507  ? 161 ASN A ND2 1 
ATOM   1175 N N   . LEU A 1 165 ? 8.74039   2.22129   -7.36780  1.000 56.06404  ? 162 LEU A N   1 
ATOM   1176 C CA  . LEU A 1 165 ? 9.58434   1.02982   -7.41873  1.000 53.66614  ? 162 LEU A CA  1 
ATOM   1177 C C   . LEU A 1 165 ? 10.96968  1.32374   -6.85624  1.000 58.04458  ? 162 LEU A C   1 
ATOM   1178 O O   . LEU A 1 165 ? 11.51302  0.54104   -6.06237  1.000 64.05724  ? 162 LEU A O   1 
ATOM   1179 C CB  . LEU A 1 165 ? 9.68342   0.51701   -8.85488  1.000 48.15552  ? 162 LEU A CB  1 
ATOM   1180 C CG  . LEU A 1 165 ? 8.38270   -0.01245  -9.46370  1.000 72.45555  ? 162 LEU A CG  1 
ATOM   1181 C CD1 . LEU A 1 165 ? 8.47612   -0.08596  -10.98042 1.000 66.89870  ? 162 LEU A CD1 1 
ATOM   1182 C CD2 . LEU A 1 165 ? 8.03285   -1.37030  -8.87935  1.000 64.28855  ? 162 LEU A CD2 1 
ATOM   1183 N N   . ALA A 1 166 ? 11.54714  2.46025   -7.25183  1.000 67.42888  ? 163 ALA A N   1 
ATOM   1184 C CA  . ALA A 1 166 ? 12.83525  2.88138   -6.71305  1.000 65.72020  ? 163 ALA A CA  1 
ATOM   1185 C C   . ALA A 1 166 ? 12.77091  3.08031   -5.20398  1.000 64.95454  ? 163 ALA A C   1 
ATOM   1186 O O   . ALA A 1 166 ? 13.69930  2.70184   -4.47992  1.000 63.46946  ? 163 ALA A O   1 
ATOM   1187 C CB  . ALA A 1 166 ? 13.28248  4.17008   -7.39974  1.000 59.85998  ? 163 ALA A CB  1 
ATOM   1188 N N   . VAL A 1 167 ? 11.69185  3.69690   -4.71797  1.000 55.07293  ? 164 VAL A N   1 
ATOM   1189 C CA  . VAL A 1 167 ? 11.53812  3.93535   -3.28486  1.000 65.41848  ? 164 VAL A CA  1 
ATOM   1190 C C   . VAL A 1 167 ? 11.57154  2.61604   -2.52573  1.000 67.51149  ? 164 VAL A C   1 
ATOM   1191 O O   . VAL A 1 167 ? 12.27223  2.47281   -1.51456  1.000 58.56009  ? 164 VAL A O   1 
ATOM   1192 C CB  . VAL A 1 167 ? 10.23350  4.70456   -3.00519  1.000 62.44941  ? 164 VAL A CB  1 
ATOM   1193 C CG1 . VAL A 1 167 ? 9.85755   4.58253   -1.53904  1.000 61.30381  ? 164 VAL A CG1 1 
ATOM   1194 C CG2 . VAL A 1 167 ? 10.36438  6.16514   -3.39496  1.000 59.06700  ? 164 VAL A CG2 1 
ATOM   1195 N N   . SER A 1 168 ? 10.81353  1.62924   -3.01001  1.000 57.07869  ? 165 SER A N   1 
ATOM   1196 C CA  . SER A 1 168 ? 10.73212  0.35680   -2.29998  1.000 64.14742  ? 165 SER A CA  1 
ATOM   1197 C C   . SER A 1 168 ? 12.06527  -0.38541  -2.35129  1.000 63.95885  ? 165 SER A C   1 
ATOM   1198 O O   . SER A 1 168 ? 12.50854  -0.94574  -1.34440  1.000 68.10522  ? 165 SER A O   1 
ATOM   1199 C CB  . SER A 1 168 ? 9.62405   -0.51619  -2.88238  1.000 63.41624  ? 165 SER A CB  1 
ATOM   1200 O OG  . SER A 1 168 ? 10.13788  -1.48941  -3.77121  1.000 75.26289  ? 165 SER A OG  1 
ATOM   1201 N N   . HIS A 1 169 ? 12.73199  -0.38346  -3.50995  1.000 65.41433  ? 166 HIS A N   1 
ATOM   1202 C CA  . HIS A 1 169 ? 14.04732  -1.01322  -3.61589  1.000 66.52740  ? 166 HIS A CA  1 
ATOM   1203 C C   . HIS A 1 169 ? 15.04304  -0.37943  -2.64482  1.000 66.44403  ? 166 HIS A C   1 
ATOM   1204 O O   . HIS A 1 169 ? 15.73569  -1.07801  -1.88463  1.000 69.19142  ? 166 HIS A O   1 
ATOM   1205 C CB  . HIS A 1 169 ? 14.53482  -0.90020  -5.05745  1.000 72.65883  ? 166 HIS A CB  1 
ATOM   1206 C CG  . HIS A 1 169 ? 15.59423  -1.89174  -5.42089  1.000 87.00191  ? 166 HIS A CG  1 
ATOM   1207 N ND1 . HIS A 1 169 ? 16.80036  -1.97875  -4.75801  1.000 95.22306  ? 166 HIS A ND1 1 
ATOM   1208 C CD2 . HIS A 1 169 ? 15.63605  -2.82752  -6.39724  1.000 90.17879  ? 166 HIS A CD2 1 
ATOM   1209 C CE1 . HIS A 1 169 ? 17.53669  -2.92948  -5.30595  1.000 94.47823  ? 166 HIS A CE1 1 
ATOM   1210 N NE2 . HIS A 1 169 ? 16.85260  -3.46050  -6.30272  1.000 96.72305  ? 166 HIS A NE2 1 
ATOM   1211 N N   . GLY A 1 170 ? 15.12016  0.95304   -2.65244  1.000 65.87061  ? 167 GLY A N   1 
ATOM   1212 C CA  . GLY A 1 170 ? 16.08488  1.63704   -1.80961  1.000 69.14275  ? 167 GLY A CA  1 
ATOM   1213 C C   . GLY A 1 170 ? 15.80097  1.47575   -0.32961  1.000 63.47229  ? 167 GLY A C   1 
ATOM   1214 O O   . GLY A 1 170 ? 16.71945  1.24952   0.46280   1.000 67.83113  ? 167 GLY A O   1 
ATOM   1215 N N   . LEU A 1 171 ? 14.53086  1.58933   0.07149   1.000 57.71974  ? 168 LEU A N   1 
ATOM   1216 C CA  . LEU A 1 171 ? 14.22158  1.41913   1.48518   1.000 70.52373  ? 168 LEU A CA  1 
ATOM   1217 C C   . LEU A 1 171 ? 14.38973  -0.03142  1.91402   1.000 62.69772  ? 168 LEU A C   1 
ATOM   1218 O O   . LEU A 1 171 ? 14.70011  -0.29425  3.07990   1.000 61.19638  ? 168 LEU A O   1 
ATOM   1219 C CB  . LEU A 1 171 ? 12.80827  1.90857   1.80192   1.000 60.87465  ? 168 LEU A CB  1 
ATOM   1220 C CG  . LEU A 1 171 ? 12.52797  2.07159   3.30203   1.000 69.47503  ? 168 LEU A CG  1 
ATOM   1221 C CD1 . LEU A 1 171 ? 13.72858  2.68131   4.01599   1.000 60.76573  ? 168 LEU A CD1 1 
ATOM   1222 C CD2 . LEU A 1 171 ? 11.28539  2.90802   3.54381   1.000 62.54355  ? 168 LEU A CD2 1 
ATOM   1223 N N   . ALA A 1 172 ? 14.21888  -0.98535  0.99446   1.000 57.38602  ? 169 ALA A N   1 
ATOM   1224 C CA  . ALA A 1 172 ? 14.54630  -2.36657  1.31794   1.000 55.10619  ? 169 ALA A CA  1 
ATOM   1225 C C   . ALA A 1 172 ? 16.02287  -2.50423  1.64700   1.000 62.00745  ? 169 ALA A C   1 
ATOM   1226 O O   . ALA A 1 172 ? 16.39107  -3.08220  2.67596   1.000 63.27188  ? 169 ALA A O   1 
ATOM   1227 C CB  . ALA A 1 172 ? 14.17041  -3.27582  0.15768   1.000 50.30448  ? 169 ALA A CB  1 
ATOM   1228 N N   . LYS A 1 173 ? 16.88800  -1.97240  0.77936   1.000 69.97785  ? 170 LYS A N   1 
ATOM   1229 C CA  . LYS A 1 173 ? 18.32004  -2.02192  1.06884   1.000 62.84545  ? 170 LYS A CA  1 
ATOM   1230 C C   . LYS A 1 173 ? 18.64810  -1.29473  2.36958   1.000 61.48961  ? 170 LYS A C   1 
ATOM   1231 O O   . LYS A 1 173 ? 19.50640  -1.74016  3.14101   1.000 58.47443  ? 170 LYS A O   1 
ATOM   1232 C CB  . LYS A 1 173 ? 19.11670  -1.44040  -0.09758  1.000 69.71678  ? 170 LYS A CB  1 
ATOM   1233 C CG  . LYS A 1 173 ? 19.41224  -2.46296  -1.18047  1.000 75.52945  ? 170 LYS A CG  1 
ATOM   1234 C CD  . LYS A 1 173 ? 20.61123  -2.07629  -2.02419  1.000 86.37328  ? 170 LYS A CD  1 
ATOM   1235 C CE  . LYS A 1 173 ? 20.23049  -1.98925  -3.49168  1.000 91.48922  ? 170 LYS A CE  1 
ATOM   1236 N NZ  . LYS A 1 173 ? 21.37526  -2.26649  -4.40007  1.000 94.55886  ? 170 LYS A NZ  1 
ATOM   1237 N N   . ARG A 1 174 ? 17.95496  -0.18745  2.64065   1.000 63.40564  ? 171 ARG A N   1 
ATOM   1238 C CA  . ARG A 1 174 ? 18.22498  0.59150   3.84610   1.000 60.80152  ? 171 ARG A CA  1 
ATOM   1239 C C   . ARG A 1 174 ? 17.80155  -0.15869  5.10528   1.000 69.44178  ? 171 ARG A C   1 
ATOM   1240 O O   . ARG A 1 174 ? 18.47190  -0.07144  6.14152   1.000 74.40243  ? 171 ARG A O   1 
ATOM   1241 C CB  . ARG A 1 174 ? 17.51425  1.94301   3.75164   1.000 59.68782  ? 171 ARG A CB  1 
ATOM   1242 C CG  . ARG A 1 174 ? 17.30281  2.65586   5.07647   1.000 69.53263  ? 171 ARG A CG  1 
ATOM   1243 C CD  . ARG A 1 174 ? 18.60674  3.18829   5.64368   1.000 56.87681  ? 171 ARG A CD  1 
ATOM   1244 N NE  . ARG A 1 174 ? 18.37763  4.03280   6.81157   1.000 63.72536  ? 171 ARG A NE  1 
ATOM   1245 C CZ  . ARG A 1 174 ? 18.26652  3.57173   8.05195   1.000 72.07778  ? 171 ARG A CZ  1 
ATOM   1246 N NH1 . ARG A 1 174 ? 18.36331  2.27052   8.28431   1.000 77.45226  ? 171 ARG A NH1 1 
ATOM   1247 N NH2 . ARG A 1 174 ? 18.05743  4.40910   9.05870   1.000 64.58942  ? 171 ARG A NH2 1 
ATOM   1248 N N   . LEU A 1 175 ? 16.69835  -0.90147  5.03638   1.000 61.13454  ? 172 LEU A N   1 
ATOM   1249 C CA  . LEU A 1 175 ? 16.17863  -1.64941  6.17279   1.000 69.99245  ? 172 LEU A CA  1 
ATOM   1250 C C   . LEU A 1 175 ? 16.67027  -3.09008  6.20693   1.000 67.66079  ? 172 LEU A C   1 
ATOM   1251 O O   . LEU A 1 175 ? 16.21131  -3.86720  7.05069   1.000 68.26993  ? 172 LEU A O   1 
ATOM   1252 C CB  . LEU A 1 175 ? 14.64782  -1.62782  6.16503   1.000 58.41949  ? 172 LEU A CB  1 
ATOM   1253 C CG  . LEU A 1 175 ? 13.98824  -0.26107  6.35241   1.000 59.36463  ? 172 LEU A CG  1 
ATOM   1254 C CD1 . LEU A 1 175 ? 12.48389  -0.35847  6.15756   1.000 51.86580  ? 172 LEU A CD1 1 
ATOM   1255 C CD2 . LEU A 1 175 ? 14.32342  0.30725   7.71977   1.000 54.55987  ? 172 LEU A CD2 1 
ATOM   1256 N N   . ALA A 1 176 ? 17.57903  -3.46305  5.30832   1.000 68.84880  ? 173 ALA A N   1 
ATOM   1257 C CA  . ALA A 1 176 ? 18.14654  -4.80308  5.32832   1.000 69.16249  ? 173 ALA A CA  1 
ATOM   1258 C C   . ALA A 1 176 ? 18.87200  -5.05148  6.64531   1.000 69.84744  ? 173 ALA A C   1 
ATOM   1259 O O   . ALA A 1 176 ? 19.43870  -4.13879  7.25195   1.000 73.45103  ? 173 ALA A O   1 
ATOM   1260 C CB  . ALA A 1 176 ? 19.10467  -4.99540  4.15343   1.000 57.40320  ? 173 ALA A CB  1 
ATOM   1261 N N   . GLY A 1 177 ? 18.84922  -6.30662  7.08916   1.000 76.38329  ? 174 GLY A N   1 
ATOM   1262 C CA  . GLY A 1 177 ? 19.38053  -6.68321  8.37708   1.000 80.63192  ? 174 GLY A CA  1 
ATOM   1263 C C   . GLY A 1 177 ? 18.37267  -6.60358  9.50554   1.000 70.80597  ? 174 GLY A C   1 
ATOM   1264 O O   . GLY A 1 177 ? 18.45470  -7.38790  10.45585  1.000 77.95130  ? 174 GLY A O   1 
ATOM   1265 N N   . THR A 1 178 ? 17.42954  -5.66883  9.42689   1.000 60.18235  ? 175 THR A N   1 
ATOM   1266 C CA  . THR A 1 178 ? 16.31489  -5.63372  10.35570  1.000 68.32136  ? 175 THR A CA  1 
ATOM   1267 C C   . THR A 1 178 ? 15.28494  -6.68586  9.95174   1.000 79.87450  ? 175 THR A C   1 
ATOM   1268 O O   . THR A 1 178 ? 15.44668  -7.40686  8.96265   1.000 85.89722  ? 175 THR A O   1 
ATOM   1269 C CB  . THR A 1 178 ? 15.69132  -4.23932  10.39360  1.000 68.82545  ? 175 THR A CB  1 
ATOM   1270 O OG1 . THR A 1 178 ? 14.82031  -4.06922  9.26796   1.000 65.65134  ? 175 THR A OG1 1 
ATOM   1271 C CG2 . THR A 1 178 ? 16.77108  -3.17184  10.35359  1.000 66.25724  ? 175 THR A CG2 1 
ATOM   1272 N N   . GLY A 1 179 ? 14.21097  -6.78036  10.72545  1.000 50.47105  ? 176 GLY A N   1 
ATOM   1273 C CA  . GLY A 1 179 ? 13.13081  -7.68414  10.40073  1.000 63.96869  ? 176 GLY A CA  1 
ATOM   1274 C C   . GLY A 1 179 ? 12.10388  -7.12113  9.44653   1.000 69.61907  ? 176 GLY A C   1 
ATOM   1275 O O   . GLY A 1 179 ? 11.08307  -7.77067  9.19585   1.000 73.06799  ? 176 GLY A O   1 
ATOM   1276 N N   . VAL A 1 180 ? 12.34436  -5.93160  8.90329   1.000 71.13937  ? 177 VAL A N   1 
ATOM   1277 C CA  . VAL A 1 180 ? 11.41316  -5.26179  8.00555   1.000 72.10527  ? 177 VAL A CA  1 
ATOM   1278 C C   . VAL A 1 180 ? 11.81559  -5.56181  6.57138   1.000 67.36077  ? 177 VAL A C   1 
ATOM   1279 O O   . VAL A 1 180 ? 12.98208  -5.39016  6.19651   1.000 72.20255  ? 177 VAL A O   1 
ATOM   1280 C CB  . VAL A 1 180 ? 11.39154  -3.74581  8.25841   1.000 66.07348  ? 177 VAL A CB  1 
ATOM   1281 C CG1 . VAL A 1 180 ? 10.19943  -3.11304  7.56050   1.000 68.02750  ? 177 VAL A CG1 1 
ATOM   1282 C CG2 . VAL A 1 180 ? 11.36353  -3.46312  9.74830   1.000 71.09163  ? 177 VAL A CG2 1 
ATOM   1283 N N   . THR A 1 181 ? 10.85587  -6.01289  5.77134   1.000 64.77557  ? 178 THR A N   1 
ATOM   1284 C CA  . THR A 1 181 ? 11.04963  -6.19888  4.34288   1.000 61.21745  ? 178 THR A CA  1 
ATOM   1285 C C   . THR A 1 181 ? 10.23335  -5.16110  3.58853   1.000 68.15547  ? 178 THR A C   1 
ATOM   1286 O O   . THR A 1 181 ? 9.12738   -4.80263  4.00631   1.000 62.16408  ? 178 THR A O   1 
ATOM   1287 C CB  . THR A 1 181 ? 10.64122  -7.60456  3.89144   1.000 58.62219  ? 178 THR A CB  1 
ATOM   1288 O OG1 . THR A 1 181 ? 9.21672   -7.66885  3.74681   1.000 59.65517  ? 178 THR A OG1 1 
ATOM   1289 C CG2 . THR A 1 181 ? 11.09944  -8.64343  4.89714   1.000 60.23617  ? 178 THR A CG2 1 
ATOM   1290 N N   . VAL A 1 182 ? 10.78855  -4.67461  2.48342   1.000 60.98026  ? 179 VAL A N   1 
ATOM   1291 C CA  . VAL A 1 182 ? 10.11462  -3.72256  1.61103   1.000 60.42654  ? 179 VAL A CA  1 
ATOM   1292 C C   . VAL A 1 182 ? 10.04421  -4.34441  0.22505   1.000 60.71819  ? 179 VAL A C   1 
ATOM   1293 O O   . VAL A 1 182 ? 11.07448  -4.73316  -0.33921  1.000 55.85008  ? 179 VAL A O   1 
ATOM   1294 C CB  . VAL A 1 182 ? 10.83661  -2.36691  1.57199   1.000 62.46753  ? 179 VAL A CB  1 
ATOM   1295 C CG1 . VAL A 1 182 ? 10.02641  -1.36311  0.76592   1.000 58.55244  ? 179 VAL A CG1 1 
ATOM   1296 C CG2 . VAL A 1 182 ? 11.09252  -1.85362  2.98588   1.000 57.56132  ? 179 VAL A CG2 1 
ATOM   1297 N N   . ASN A 1 183 ? 8.83465   -4.44680  -0.31896  1.000 57.85081  ? 180 ASN A N   1 
ATOM   1298 C CA  . ASN A 1 183 ? 8.63220   -5.07566  -1.61431  1.000 53.17765  ? 180 ASN A CA  1 
ATOM   1299 C C   . ASN A 1 183 ? 7.55470   -4.32635  -2.38102  1.000 63.72292  ? 180 ASN A C   1 
ATOM   1300 O O   . ASN A 1 183 ? 6.74041   -3.60220  -1.80456  1.000 59.75022  ? 180 ASN A O   1 
ATOM   1301 C CB  . ASN A 1 183 ? 8.24740   -6.55388  -1.47252  1.000 61.60356  ? 180 ASN A CB  1 
ATOM   1302 C CG  . ASN A 1 183 ? 9.34340   -7.38093  -0.83257  1.000 67.14943  ? 180 ASN A CG  1 
ATOM   1303 O OD1 . ASN A 1 183 ? 10.37819  -7.63794  -1.44633  1.000 70.57767  ? 180 ASN A OD1 1 
ATOM   1304 N ND2 . ASN A 1 183 ? 9.12047   -7.80555  0.40608   1.000 61.53931  ? 180 ASN A ND2 1 
ATOM   1305 N N   . ALA A 1 184 ? 7.56598   -4.50911  -3.69817  1.000 62.67225  ? 181 ALA A N   1 
ATOM   1306 C CA  . ALA A 1 184 ? 6.56939   -3.93511  -4.58677  1.000 61.65572  ? 181 ALA A CA  1 
ATOM   1307 C C   . ALA A 1 184 ? 5.78978   -5.05234  -5.26391  1.000 54.58435  ? 181 ALA A C   1 
ATOM   1308 O O   . ALA A 1 184 ? 6.33828   -6.11302  -5.57500  1.000 62.01216  ? 181 ALA A O   1 
ATOM   1309 C CB  . ALA A 1 184 ? 7.20953   -3.03199  -5.64803  1.000 64.05816  ? 181 ALA A CB  1 
ATOM   1310 N N   . VAL A 1 185 ? 4.50307   -4.80469  -5.49293  1.000 46.28031  ? 182 VAL A N   1 
ATOM   1311 C CA  . VAL A 1 185 ? 3.60347   -5.77956  -6.09829  1.000 55.54182  ? 182 VAL A CA  1 
ATOM   1312 C C   . VAL A 1 185 ? 2.96764   -5.13699  -7.32134  1.000 60.61770  ? 182 VAL A C   1 
ATOM   1313 O O   . VAL A 1 185 ? 2.44458   -4.02002  -7.23761  1.000 67.74674  ? 182 VAL A O   1 
ATOM   1314 C CB  . VAL A 1 185 ? 2.52620   -6.25820  -5.10430  1.000 55.62257  ? 182 VAL A CB  1 
ATOM   1315 C CG1 . VAL A 1 185 ? 1.44514   -7.05408  -5.82103  1.000 48.60583  ? 182 VAL A CG1 1 
ATOM   1316 C CG2 . VAL A 1 185 ? 3.16224   -7.08903  -4.00091  1.000 44.14430  ? 182 VAL A CG2 1 
ATOM   1317 N N   . LEU A 1 186 ? 3.01134   -5.83870  -8.45187  1.000 67.59903  ? 183 LEU A N   1 
ATOM   1318 C CA  . LEU A 1 186 ? 2.61559   -5.27132  -9.74153  1.000 67.58847  ? 183 LEU A CA  1 
ATOM   1319 C C   . LEU A 1 186 ? 1.39536   -5.97972  -10.30990 1.000 73.62848  ? 183 LEU A C   1 
ATOM   1320 O O   . LEU A 1 186 ? 1.50918   -7.10877  -10.82045 1.000 73.99831  ? 183 LEU A O   1 
ATOM   1321 C CB  . LEU A 1 186 ? 3.77710   -5.34052  -10.73035 1.000 70.00811  ? 183 LEU A CB  1 
ATOM   1322 C CG  . LEU A 1 186 ? 4.85368   -4.27460  -10.52435 1.000 71.23023  ? 183 LEU A CG  1 
ATOM   1323 C CD1 . LEU A 1 186 ? 5.96654   -4.80319  -9.63828  1.000 65.69258  ? 183 LEU A CD1 1 
ATOM   1324 C CD2 . LEU A 1 186 ? 5.40583   -3.79384  -11.85605 1.000 83.58046  ? 183 LEU A CD2 1 
ATOM   1325 N N   . PRO A 1 187 ? 0.21712   -5.36987  -10.24867 1.000 74.79748  ? 184 PRO A N   1 
ATOM   1326 C CA  . PRO A 1 187 ? -0.95229  -5.92117  -10.93283 1.000 77.35912  ? 184 PRO A CA  1 
ATOM   1327 C C   . PRO A 1 187 ? -1.09456  -5.34404  -12.33821 1.000 77.68908  ? 184 PRO A C   1 
ATOM   1328 O O   . PRO A 1 187 ? -0.36690  -4.43768  -12.74837 1.000 80.78589  ? 184 PRO A O   1 
ATOM   1329 C CB  . PRO A 1 187 ? -2.11113  -5.47660  -10.03388 1.000 71.38470  ? 184 PRO A CB  1 
ATOM   1330 C CG  . PRO A 1 187 ? -1.64816  -4.16191  -9.48580  1.000 75.97817  ? 184 PRO A CG  1 
ATOM   1331 C CD  . PRO A 1 187 ? -0.13465  -4.21943  -9.39702  1.000 71.64966  ? 184 PRO A CD  1 
ATOM   1332 N N   . GLY A 1 188 ? -2.05730  -5.89235  -13.07170 1.000 82.43085  ? 185 GLY A N   1 
ATOM   1333 C CA  . GLY A 1 188 ? -2.33081  -5.44364  -14.42491 1.000 87.15185  ? 185 GLY A CA  1 
ATOM   1334 C C   . GLY A 1 188 ? -3.57701  -4.58616  -14.53154 1.000 91.94913  ? 185 GLY A C   1 
ATOM   1335 O O   . GLY A 1 188 ? -4.47489  -4.87377  -15.32360 1.000 92.83404  ? 185 GLY A O   1 
ATOM   1336 N N   . GLU A 1 232 ? -11.02468 -11.19313 -9.99653  1.000 87.79480  ? 229 GLU A N   1 
ATOM   1337 C CA  . GLU A 1 232 ? -9.61819  -11.57868 -9.96344  1.000 87.13698  ? 229 GLU A CA  1 
ATOM   1338 C C   . GLU A 1 232 ? -8.81420  -10.65354 -9.04939  1.000 80.57050  ? 229 GLU A C   1 
ATOM   1339 O O   . GLU A 1 232 ? -7.60778  -10.82299 -8.88524  1.000 86.81695  ? 229 GLU A O   1 
ATOM   1340 C CB  . GLU A 1 232 ? -9.03009  -11.57511 -11.37632 1.000 87.85072  ? 229 GLU A CB  1 
ATOM   1341 C CG  . GLU A 1 232 ? -8.58788  -10.20753 -11.87126 1.000 89.54964  ? 229 GLU A CG  1 
ATOM   1342 C CD  . GLU A 1 232 ? -7.40105  -10.28397 -12.81264 1.000 109.18250 ? 229 GLU A CD  1 
ATOM   1343 O OE1 . GLU A 1 232 ? -7.60996  -10.21346 -14.04258 1.000 104.27564 ? 229 GLU A OE1 1 
ATOM   1344 O OE2 . GLU A 1 232 ? -6.25953  -10.41375 -12.32247 1.000 101.93051 ? 229 GLU A OE2 1 
ATOM   1345 N N   . VAL A 1 233 ? -9.50089  -9.67457  -8.45530  1.000 75.87909  ? 230 VAL A N   1 
ATOM   1346 C CA  . VAL A 1 233 ? -8.84976  -8.76589  -7.51382  1.000 74.21043  ? 230 VAL A CA  1 
ATOM   1347 C C   . VAL A 1 233 ? -8.32888  -9.53533  -6.30311  1.000 78.65089  ? 230 VAL A C   1 
ATOM   1348 O O   . VAL A 1 233 ? -7.26042  -9.22495  -5.75766  1.000 76.57143  ? 230 VAL A O   1 
ATOM   1349 C CB  . VAL A 1 233 ? -9.82376  -7.64653  -7.10120  1.000 75.22640  ? 230 VAL A CB  1 
ATOM   1350 C CG1 . VAL A 1 233 ? -9.23028  -6.80119  -5.98602  1.000 75.83699  ? 230 VAL A CG1 1 
ATOM   1351 C CG2 . VAL A 1 233 ? -10.17356 -6.78577  -8.30695  1.000 84.72588  ? 230 VAL A CG2 1 
ATOM   1352 N N   . ASP A 1 234 ? -9.07227  -10.55583 -5.86633  1.000 71.41159  ? 231 ASP A N   1 
ATOM   1353 C CA  . ASP A 1 234 ? -8.60869  -11.39341 -4.76485  1.000 69.18095  ? 231 ASP A CA  1 
ATOM   1354 C C   . ASP A 1 234 ? -7.33104  -12.14145 -5.12949  1.000 71.84994  ? 231 ASP A C   1 
ATOM   1355 O O   . ASP A 1 234 ? -6.50037  -12.41795 -4.25599  1.000 64.10279  ? 231 ASP A O   1 
ATOM   1356 C CB  . ASP A 1 234 ? -9.71113  -12.37180 -4.36475  1.000 73.48669  ? 231 ASP A CB  1 
ATOM   1357 C CG  . ASP A 1 234 ? -10.96895 -11.66736 -3.88679  1.000 86.50879  ? 231 ASP A CG  1 
ATOM   1358 O OD1 . ASP A 1 234 ? -10.85752 -10.55861 -3.32049  1.000 77.74968  ? 231 ASP A OD1 1 
ATOM   1359 O OD2 . ASP A 1 234 ? -12.07026 -12.22491 -4.07610  1.000 91.91375  ? 231 ASP A OD2 1 
ATOM   1360 N N   . GLU A 1 235 ? -7.15213  -12.46932 -6.41209  1.000 73.52706  ? 232 GLU A N   1 
ATOM   1361 C CA  . GLU A 1 235 ? -5.90983  -13.09357 -6.85573  1.000 68.14118  ? 232 GLU A CA  1 
ATOM   1362 C C   . GLU A 1 235 ? -4.72592  -12.15775 -6.64836  1.000 66.65619  ? 232 GLU A C   1 
ATOM   1363 O O   . GLU A 1 235 ? -3.65318  -12.58670 -6.20702  1.000 62.53936  ? 232 GLU A O   1 
ATOM   1364 C CB  . GLU A 1 235 ? -6.02743  -13.48287 -8.32549  1.000 71.84277  ? 232 GLU A CB  1 
ATOM   1365 C CG  . GLU A 1 235 ? -6.59180  -14.86229 -8.57716  1.000 80.76486  ? 232 GLU A CG  1 
ATOM   1366 C CD  . GLU A 1 235 ? -6.76030  -15.13869 -10.05632 1.000 86.01958  ? 232 GLU A CD  1 
ATOM   1367 O OE1 . GLU A 1 235 ? -6.57329  -16.29545 -10.47475 1.000 83.88365  ? 232 GLU A OE1 1 
ATOM   1368 O OE2 . GLU A 1 235 ? -7.07004  -14.18985 -10.80378 1.000 86.01539  ? 232 GLU A OE2 1 
ATOM   1369 N N   . VAL A 1 236 ? -4.90212  -10.87579 -6.97331  1.000 62.54452  ? 233 VAL A N   1 
ATOM   1370 C CA  . VAL A 1 236 ? -3.88322  -9.87763  -6.66308  1.000 67.60001  ? 233 VAL A CA  1 
ATOM   1371 C C   . VAL A 1 236 ? -3.64558  -9.82539  -5.16022  1.000 64.08342  ? 233 VAL A C   1 
ATOM   1372 O O   . VAL A 1 236 ? -2.50192  -9.84936  -4.68898  1.000 67.07327  ? 233 VAL A O   1 
ATOM   1373 C CB  . VAL A 1 236 ? -4.29936  -8.50083  -7.21300  1.000 66.42818  ? 233 VAL A CB  1 
ATOM   1374 C CG1 . VAL A 1 236 ? -3.29045  -7.44024  -6.80796  1.000 53.90453  ? 233 VAL A CG1 1 
ATOM   1375 C CG2 . VAL A 1 236 ? -4.45865  -8.55153  -8.72546  1.000 63.64496  ? 233 VAL A CG2 1 
ATOM   1376 N N   . ALA A 1 237 ? -4.73271  -9.77403  -4.38570  1.000 66.12704  ? 234 ALA A N   1 
ATOM   1377 C CA  . ALA A 1 237 ? -4.61893  -9.64008  -2.93749  1.000 53.17328  ? 234 ALA A CA  1 
ATOM   1378 C C   . ALA A 1 237 ? -3.88329  -10.81695 -2.30785  1.000 55.83883  ? 234 ALA A C   1 
ATOM   1379 O O   . ALA A 1 237 ? -3.27195  -10.66471 -1.24461  1.000 56.58302  ? 234 ALA A O   1 
ATOM   1380 C CB  . ALA A 1 237 ? -6.01007  -9.49111  -2.32373  1.000 67.77319  ? 234 ALA A CB  1 
ATOM   1381 N N   . ASN A 1 238 ? -3.94589  -11.99508 -2.93380  1.000 53.04932  ? 235 ASN A N   1 
ATOM   1382 C CA  . ASN A 1 238 ? -3.27126  -13.16637 -2.37752  1.000 48.48606  ? 235 ASN A CA  1 
ATOM   1383 C C   . ASN A 1 238 ? -1.76598  -12.94661 -2.27393  1.000 57.48100  ? 235 ASN A C   1 
ATOM   1384 O O   . ASN A 1 238 ? -1.13860  -13.33177 -1.27785  1.000 51.80558  ? 235 ASN A O   1 
ATOM   1385 C CB  . ASN A 1 238 ? -3.57345  -14.39939 -3.22874  1.000 61.07532  ? 235 ASN A CB  1 
ATOM   1386 C CG  . ASN A 1 238 ? -5.00391  -14.88129 -3.07331  1.000 71.90977  ? 235 ASN A CG  1 
ATOM   1387 O OD1 . ASN A 1 238 ? -5.75628  -14.37887 -2.23680  1.000 72.86282  ? 235 ASN A OD1 1 
ATOM   1388 N ND2 . ASN A 1 238 ? -5.38540  -15.86456 -3.88028  1.000 72.81652  ? 235 ASN A ND2 1 
ATOM   1389 N N   . MET A 1 239 ? -1.16810  -12.32682 -3.29356  1.000 68.15513  ? 236 MET A N   1 
ATOM   1390 C CA  . MET A 1 239 ? 0.26608   -12.06287 -3.25772  1.000 52.91363  ? 236 MET A CA  1 
ATOM   1391 C C   . MET A 1 239 ? 0.61791   -11.06839 -2.16101  1.000 55.76903  ? 236 MET A C   1 
ATOM   1392 O O   . MET A 1 239 ? 1.61174   -11.24907 -1.44476  1.000 58.45745  ? 236 MET A O   1 
ATOM   1393 C CB  . MET A 1 239 ? 0.73345   -11.54240 -4.61136  1.000 57.86675  ? 236 MET A CB  1 
ATOM   1394 C CG  . MET A 1 239 ? 2.19363   -11.14686 -4.64794  1.000 49.16089  ? 236 MET A CG  1 
ATOM   1395 S SD  . MET A 1 239 ? 3.25947   -12.55950 -4.97410  1.000 69.34681  ? 236 MET A SD  1 
ATOM   1396 C CE  . MET A 1 239 ? 3.97589   -12.81295 -3.36006  1.000 66.72803  ? 236 MET A CE  1 
ATOM   1397 N N   . VAL A 1 240 ? -0.17740  -10.00457 -2.02700  1.000 47.29183  ? 237 VAL A N   1 
ATOM   1398 C CA  . VAL A 1 240 ? 0.04886   -9.03474  -0.96036  1.000 56.97184  ? 237 VAL A CA  1 
ATOM   1399 C C   . VAL A 1 240 ? -0.06514  -9.70669  0.40005   1.000 59.61135  ? 237 VAL A C   1 
ATOM   1400 O O   . VAL A 1 240 ? 0.68662   -9.39213  1.32951   1.000 60.23316  ? 237 VAL A O   1 
ATOM   1401 C CB  . VAL A 1 240 ? -0.93398  -7.85780  -1.09319  1.000 63.45204  ? 237 VAL A CB  1 
ATOM   1402 C CG1 . VAL A 1 240 ? -0.71121  -6.85168  0.02679   1.000 56.91779  ? 237 VAL A CG1 1 
ATOM   1403 C CG2 . VAL A 1 240 ? -0.78355  -7.19923  -2.45321  1.000 52.09737  ? 237 VAL A CG2 1 
ATOM   1404 N N   . VAL A 1 241 ? -1.00161  -10.64703 0.53662   1.000 52.52683  ? 238 VAL A N   1 
ATOM   1405 C CA  . VAL A 1 241 ? -1.16807  -11.34797 1.80485   1.000 59.06788  ? 238 VAL A CA  1 
ATOM   1406 C C   . VAL A 1 241 ? 0.04819   -12.21447 2.09942   1.000 58.87415  ? 238 VAL A C   1 
ATOM   1407 O O   . VAL A 1 241 ? 0.56270   -12.22039 3.22483   1.000 63.16361  ? 238 VAL A O   1 
ATOM   1408 C CB  . VAL A 1 241 ? -2.46597  -12.17451 1.79149   1.000 57.09341  ? 238 VAL A CB  1 
ATOM   1409 C CG1 . VAL A 1 241 ? -2.42363  -13.24560 2.86492   1.000 51.54308  ? 238 VAL A CG1 1 
ATOM   1410 C CG2 . VAL A 1 241 ? -3.66863  -11.26833 1.98764   1.000 54.99552  ? 238 VAL A CG2 1 
ATOM   1411 N N   . TYR A 1 242 ? 0.53088   -12.95741 1.09884   1.000 49.14823  ? 239 TYR A N   1 
ATOM   1412 C CA  . TYR A 1 242 ? 1.72771   -13.76499 1.31511   1.000 54.88019  ? 239 TYR A CA  1 
ATOM   1413 C C   . TYR A 1 242 ? 2.91647   -12.89194 1.69541   1.000 63.09121  ? 239 TYR A C   1 
ATOM   1414 O O   . TYR A 1 242 ? 3.70134   -13.25241 2.58034   1.000 59.56919  ? 239 TYR A O   1 
ATOM   1415 C CB  . TYR A 1 242 ? 2.06786   -14.59520 0.07766   1.000 57.28609  ? 239 TYR A CB  1 
ATOM   1416 C CG  . TYR A 1 242 ? 3.44874   -15.21298 0.17787   1.000 63.58501  ? 239 TYR A CG  1 
ATOM   1417 C CD1 . TYR A 1 242 ? 3.65719   -16.37218 0.91365   1.000 60.60740  ? 239 TYR A CD1 1 
ATOM   1418 C CD2 . TYR A 1 242 ? 4.54802   -14.62227 -0.43624  1.000 61.72951  ? 239 TYR A CD2 1 
ATOM   1419 C CE1 . TYR A 1 242 ? 4.91639   -16.93423 1.02337   1.000 65.36388  ? 239 TYR A CE1 1 
ATOM   1420 C CE2 . TYR A 1 242 ? 5.81067   -15.17590 -0.33007  1.000 58.85826  ? 239 TYR A CE2 1 
ATOM   1421 C CZ  . TYR A 1 242 ? 5.98871   -16.33206 0.39962   1.000 65.41737  ? 239 TYR A CZ  1 
ATOM   1422 O OH  . TYR A 1 242 ? 7.24234   -16.88868 0.50743   1.000 72.74464  ? 239 TYR A OH  1 
ATOM   1423 N N   . ILE A 1 243 ? 3.07211   -11.74352 1.03187   1.000 61.58726  ? 240 ILE A N   1 
ATOM   1424 C CA  . ILE A 1 243 ? 4.19041   -10.86001 1.34865   1.000 58.32570  ? 240 ILE A CA  1 
ATOM   1425 C C   . ILE A 1 243 ? 4.05119   -10.30943 2.76266   1.000 56.15768  ? 240 ILE A C   1 
ATOM   1426 O O   . ILE A 1 243 ? 5.03240   -10.22443 3.51087   1.000 54.01159  ? 240 ILE A O   1 
ATOM   1427 C CB  . ILE A 1 243 ? 4.30338   -9.73586  0.30304   1.000 58.45141  ? 240 ILE A CB  1 
ATOM   1428 C CG1 . ILE A 1 243 ? 4.81474   -10.30172 -1.01980  1.000 55.30768  ? 240 ILE A CG1 1 
ATOM   1429 C CG2 . ILE A 1 243 ? 5.24492   -8.64617  0.78327   1.000 55.10850  ? 240 ILE A CG2 1 
ATOM   1430 C CD1 . ILE A 1 243 ? 6.12649   -11.05869 -0.89558  1.000 55.15749  ? 240 ILE A CD1 1 
ATOM   1431 N N   . ALA A 1 244 ? 2.83059   -9.94985  3.16076   1.000 57.38752  ? 241 ALA A N   1 
ATOM   1432 C CA  . ALA A 1 244 ? 2.59739   -9.45995  4.51261   1.000 63.20155  ? 241 ALA A CA  1 
ATOM   1433 C C   . ALA A 1 244 ? 2.73327   -10.55789 5.55952   1.000 58.72903  ? 241 ALA A C   1 
ATOM   1434 O O   . ALA A 1 244 ? 2.90327   -10.24928 6.74403   1.000 65.17067  ? 241 ALA A O   1 
ATOM   1435 C CB  . ALA A 1 244 ? 1.21061   -8.82348  4.60334   1.000 53.45670  ? 241 ALA A CB  1 
ATOM   1436 N N   . SER A 1 245 ? 2.66555   -11.82201 5.15132   1.000 59.70115  ? 242 SER A N   1 
ATOM   1437 C CA  . SER A 1 245 ? 2.73162   -12.94110 6.07372   1.000 60.31038  ? 242 SER A CA  1 
ATOM   1438 C C   . SER A 1 245 ? 4.16901   -13.17784 6.52766   1.000 56.45071  ? 242 SER A C   1 
ATOM   1439 O O   . SER A 1 245 ? 5.11939   -12.77159 5.85392   1.000 70.83407  ? 242 SER A O   1 
ATOM   1440 C CB  . SER A 1 245 ? 2.17697   -14.19771 5.40934   1.000 57.83402  ? 242 SER A CB  1 
ATOM   1441 O OG  . SER A 1 245 ? 3.21849   -14.98476 4.85954   1.000 66.76258  ? 242 SER A OG  1 
ATOM   1442 N N   . PRO A 1 246 ? 4.35731   -13.83173 7.67857   1.000 63.01123  ? 243 PRO A N   1 
ATOM   1443 C CA  . PRO A 1 246 ? 5.72457   -14.11752 8.14873   1.000 57.40789  ? 243 PRO A CA  1 
ATOM   1444 C C   . PRO A 1 246 ? 6.49782   -15.08089 7.25858   1.000 61.80252  ? 243 PRO A C   1 
ATOM   1445 O O   . PRO A 1 246 ? 7.68783   -15.30524 7.51538   1.000 64.13716  ? 243 PRO A O   1 
ATOM   1446 C CB  . PRO A 1 246 ? 5.50094   -14.71495 9.54637   1.000 54.02409  ? 243 PRO A CB  1 
ATOM   1447 C CG  . PRO A 1 246 ? 4.13111   -14.25866 9.95314   1.000 47.44625  ? 243 PRO A CG  1 
ATOM   1448 C CD  . PRO A 1 246 ? 3.33953   -14.18053 8.68647   1.000 67.01966  ? 243 PRO A CD  1 
ATOM   1449 N N   . LEU A 1 247 ? 5.87108   -15.65145 6.22667   1.000 63.34573  ? 244 LEU A N   1 
ATOM   1450 C CA  . LEU A 1 247 ? 6.56471   -16.60406 5.36608   1.000 70.07151  ? 244 LEU A CA  1 
ATOM   1451 C C   . LEU A 1 247 ? 7.44349   -15.91728 4.32588   1.000 69.62890  ? 244 LEU A C   1 
ATOM   1452 O O   . LEU A 1 247 ? 8.48561   -16.46294 3.94602   1.000 75.32418  ? 244 LEU A O   1 
ATOM   1453 C CB  . LEU A 1 247 ? 5.55393   -17.51311 4.66823   1.000 66.58357  ? 244 LEU A CB  1 
ATOM   1454 C CG  . LEU A 1 247 ? 4.54957   -18.22958 5.57230   1.000 68.17840  ? 244 LEU A CG  1 
ATOM   1455 C CD1 . LEU A 1 247 ? 3.43771   -18.84622 4.74034   1.000 62.91590  ? 244 LEU A CD1 1 
ATOM   1456 C CD2 . LEU A 1 247 ? 5.23943   -19.28615 6.42181   1.000 62.43757  ? 244 LEU A CD2 1 
ATOM   1457 N N   . SER A 1 248 ? 7.04841   -14.73276 3.85314   1.000 72.53148  ? 245 SER A N   1 
ATOM   1458 C CA  . SER A 1 248 ? 7.81515   -13.95895 2.87847   1.000 62.87833  ? 245 SER A CA  1 
ATOM   1459 C C   . SER A 1 248 ? 9.04923   -13.30042 3.47730   1.000 64.96427  ? 245 SER A C   1 
ATOM   1460 O O   . SER A 1 248 ? 9.51975   -12.28853 2.95864   1.000 69.62995  ? 245 SER A O   1 
ATOM   1461 C CB  . SER A 1 248 ? 6.92978   -12.88648 2.25277   1.000 57.83435  ? 245 SER A CB  1 
ATOM   1462 O OG  . SER A 1 248 ? 6.48860   -11.97284 3.24327   1.000 55.66971  ? 245 SER A OG  1 
ATOM   1463 N N   . SER A 1 249 ? 9.58484   -13.86322 4.55217   1.000 71.69552  ? 246 SER A N   1 
ATOM   1464 C CA  . SER A 1 249 ? 10.62297  -13.20591 5.32690   1.000 68.01283  ? 246 SER A CA  1 
ATOM   1465 C C   . SER A 1 249 ? 11.96928  -13.12850 4.62297   1.000 75.05327  ? 246 SER A C   1 
ATOM   1466 O O   . SER A 1 249 ? 12.83244  -12.37507 5.07781   1.000 81.03339  ? 246 SER A O   1 
ATOM   1467 C CB  . SER A 1 249 ? 10.77046  -13.90774 6.66512   1.000 62.23004  ? 246 SER A CB  1 
ATOM   1468 O OG  . SER A 1 249 ? 11.69209  -14.98078 6.56942   1.000 73.23955  ? 246 SER A OG  1 
ATOM   1469 N N   . ALA A 1 250 ? 12.18893  -13.89135 3.55637   1.000 73.97916  ? 247 ALA A N   1 
ATOM   1470 C CA  . ALA A 1 250 ? 13.44137  -13.84546 2.81155   1.000 71.50457  ? 247 ALA A CA  1 
ATOM   1471 C C   . ALA A 1 250 ? 13.26592  -13.16491 1.46036   1.000 74.36280  ? 247 ALA A C   1 
ATOM   1472 O O   . ALA A 1 250 ? 13.98351  -13.47218 0.50838   1.000 78.30850  ? 247 ALA A O   1 
ATOM   1473 C CB  . ALA A 1 250 ? 14.01812  -15.24811 2.62338   1.000 69.93859  ? 247 ALA A CB  1 
ATOM   1474 N N   . THR A 1 251 ? 12.30286  -12.25357 1.35849   1.000 66.29759  ? 248 THR A N   1 
ATOM   1475 C CA  . THR A 1 251 ? 12.04028  -11.52394 0.12352   1.000 59.37029  ? 248 THR A CA  1 
ATOM   1476 C C   . THR A 1 251 ? 11.95720  -10.04176 0.45953   1.000 69.51657  ? 248 THR A C   1 
ATOM   1477 O O   . THR A 1 251 ? 10.99643  -9.59721  1.09704   1.000 70.45111  ? 248 THR A O   1 
ATOM   1478 C CB  . THR A 1 251 ? 10.75668  -12.01307 -0.54820  1.000 57.27979  ? 248 THR A CB  1 
ATOM   1479 O OG1 . THR A 1 251 ? 10.97164  -13.32242 -1.08903  1.000 64.99362  ? 248 THR A OG1 1 
ATOM   1480 C CG2 . THR A 1 251 ? 10.34168  -11.07278 -1.67515  1.000 58.37294  ? 248 THR A CG2 1 
ATOM   1481 N N   . SER A 1 252 ? 12.96854  -9.28440  0.04054   1.000 67.24542  ? 249 SER A N   1 
ATOM   1482 C CA  . SER A 1 252 ? 13.03909  -7.85469  0.29651   1.000 64.04351  ? 249 SER A CA  1 
ATOM   1483 C C   . SER A 1 252 ? 13.65279  -7.17847  -0.91977  1.000 67.97512  ? 249 SER A C   1 
ATOM   1484 O O   . SER A 1 252 ? 14.59994  -7.70042  -1.51560  1.000 65.97192  ? 249 SER A O   1 
ATOM   1485 C CB  . SER A 1 252 ? 13.86519  -7.54992  1.55547   1.000 57.83952  ? 249 SER A CB  1 
ATOM   1486 O OG  . SER A 1 252 ? 13.56063  -6.26699  2.07615   1.000 60.30454  ? 249 SER A OG  1 
ATOM   1487 N N   . GLY A 1 253 ? 13.10186  -6.02685  -1.29348  1.000 66.76915  ? 250 GLY A N   1 
ATOM   1488 C CA  . GLY A 1 253 ? 13.60639  -5.30817  -2.44827  1.000 61.88002  ? 250 GLY A CA  1 
ATOM   1489 C C   . GLY A 1 253 ? 13.23779  -5.92420  -3.77330  1.000 68.18866  ? 250 GLY A C   1 
ATOM   1490 O O   . GLY A 1 253 ? 13.94719  -5.72128  -4.76320  1.000 77.65635  ? 250 GLY A O   1 
ATOM   1491 N N   . ALA A 1 254 ? 12.14588  -6.67348  -3.82096  1.000 66.52884  ? 251 ALA A N   1 
ATOM   1492 C CA  . ALA A 1 254 ? 11.71511  -7.35342  -5.02823  1.000 62.55568  ? 251 ALA A CA  1 
ATOM   1493 C C   . ALA A 1 254 ? 10.50451  -6.65054  -5.62341  1.000 59.70165  ? 251 ALA A C   1 
ATOM   1494 O O   . ALA A 1 254 ? 9.85821   -5.81227  -4.98825  1.000 65.21145  ? 251 ALA A O   1 
ATOM   1495 C CB  . ALA A 1 254 ? 11.38918  -8.82168  -4.73580  1.000 59.74029  ? 251 ALA A CB  1 
ATOM   1496 N N   . ALA A 1 255 ? 10.21626  -7.00288  -6.87258  1.000 61.35390  ? 252 ALA A N   1 
ATOM   1497 C CA  . ALA A 1 255 ? 9.00763   -6.57626  -7.56354  1.000 64.13034  ? 252 ALA A CA  1 
ATOM   1498 C C   . ALA A 1 255 ? 8.27793   -7.82921  -8.01634  1.000 66.23216  ? 252 ALA A C   1 
ATOM   1499 O O   . ALA A 1 255 ? 8.79501   -8.58354  -8.84691  1.000 78.20319  ? 252 ALA A O   1 
ATOM   1500 C CB  . ALA A 1 255 ? 9.33395   -5.67165  -8.75458  1.000 61.64688  ? 252 ALA A CB  1 
ATOM   1501 N N   . LEU A 1 256 ? 7.09380   -8.06155  -7.46268  1.000 58.83155  ? 253 LEU A N   1 
ATOM   1502 C CA  . LEU A 1 256 ? 6.35285   -9.29108  -7.69830  1.000 59.58205  ? 253 LEU A CA  1 
ATOM   1503 C C   . LEU A 1 256 ? 5.14334   -8.99364  -8.57266  1.000 62.20453  ? 253 LEU A C   1 
ATOM   1504 O O   . LEU A 1 256 ? 4.34587   -8.10256  -8.25836  1.000 68.78124  ? 253 LEU A O   1 
ATOM   1505 C CB  . LEU A 1 256 ? 5.93617   -9.92759  -6.37186  1.000 59.98674  ? 253 LEU A CB  1 
ATOM   1506 C CG  . LEU A 1 256 ? 7.14212   -10.19584 -5.46266  1.000 52.85049  ? 253 LEU A CG  1 
ATOM   1507 C CD1 . LEU A 1 256 ? 7.21460   -9.17226  -4.33734  1.000 53.27225  ? 253 LEU A CD1 1 
ATOM   1508 C CD2 . LEU A 1 256 ? 7.11870   -11.60569 -4.90710  1.000 78.94529  ? 253 LEU A CD2 1 
ATOM   1509 N N   . ARG A 1 257 ? 5.02233   -9.73098  -9.67414  1.000 62.49350  ? 254 ARG A N   1 
ATOM   1510 C CA  . ARG A 1 257 ? 3.97085   -9.50011  -10.65332 1.000 72.40284  ? 254 ARG A CA  1 
ATOM   1511 C C   . ARG A 1 257 ? 2.74940   -10.35282 -10.34288 1.000 72.23278  ? 254 ARG A C   1 
ATOM   1512 O O   . ARG A 1 257 ? 2.87082   -11.52302 -9.97127  1.000 67.26765  ? 254 ARG A O   1 
ATOM   1513 C CB  . ARG A 1 257 ? 4.47265   -9.81075  -12.06576 1.000 77.00281  ? 254 ARG A CB  1 
ATOM   1514 C CG  . ARG A 1 257 ? 5.90037   -9.36838  -12.33199 1.000 81.21131  ? 254 ARG A CG  1 
ATOM   1515 C CD  . ARG A 1 257 ? 6.08128   -8.86054  -13.75815 1.000 91.30127  ? 254 ARG A CD  1 
ATOM   1516 N NE  . ARG A 1 257 ? 5.10377   -9.42467  -14.68609 1.000 103.38498 ? 254 ARG A NE  1 
ATOM   1517 C CZ  . ARG A 1 257 ? 5.34198   -10.46122 -15.48438 1.000 101.03748 ? 254 ARG A CZ  1 
ATOM   1518 N NH1 . ARG A 1 257 ? 6.52806   -11.05406 -15.46795 1.000 89.45084  ? 254 ARG A NH1 1 
ATOM   1519 N NH2 . ARG A 1 257 ? 4.39511   -10.90753 -16.29940 1.000 98.81506  ? 254 ARG A NH2 1 
ATOM   1520 N N   . VAL A 1 258 ? 1.57011   -9.75253  -10.49431 1.000 68.67840  ? 255 VAL A N   1 
ATOM   1521 C CA  . VAL A 1 258 ? 0.30888   -10.47870 -10.40769 1.000 72.42215  ? 255 VAL A CA  1 
ATOM   1522 C C   . VAL A 1 258 ? -0.59901  -10.04304 -11.54840 1.000 74.67897  ? 255 VAL A C   1 
ATOM   1523 O O   . VAL A 1 258 ? -1.79303  -9.79115  -11.35155 1.000 88.20653  ? 255 VAL A O   1 
ATOM   1524 C CB  . VAL A 1 258 ? -0.37425  -10.28193 -9.04218  1.000 80.81503  ? 255 VAL A CB  1 
ATOM   1525 C CG1 . VAL A 1 258 ? 0.34925   -11.08221 -7.98639  1.000 67.29310  ? 255 VAL A CG1 1 
ATOM   1526 C CG2 . VAL A 1 258 ? -0.41042  -8.80836  -8.66455  1.000 77.22324  ? 255 VAL A CG2 1 
ATOM   1527 N N   . ASP A 1 259 ? -0.03359  -9.94348  -12.74424 1.000 89.64078  ? 256 ASP A N   1 
ATOM   1528 C CA  . ASP A 1 259 ? -0.81268  -9.76212  -13.95609 1.000 90.84981  ? 256 ASP A CA  1 
ATOM   1529 C C   . ASP A 1 259 ? -1.27014  -11.12033 -14.48291 1.000 97.11795  ? 256 ASP A C   1 
ATOM   1530 O O   . ASP A 1 259 ? -0.79645  -12.17376 -14.05407 1.000 97.66670  ? 256 ASP A O   1 
ATOM   1531 C CB  . ASP A 1 259 ? 0.00444   -9.02080  -15.01403 1.000 84.78166  ? 256 ASP A CB  1 
ATOM   1532 C CG  . ASP A 1 259 ? 1.46506   -9.43437  -15.01974 1.000 90.90765  ? 256 ASP A CG  1 
ATOM   1533 O OD1 . ASP A 1 259 ? 2.32990   -8.56021  -15.23763 1.000 98.42641  ? 256 ASP A OD1 1 
ATOM   1534 O OD2 . ASP A 1 259 ? 1.74974   -10.63285 -14.80856 1.000 90.85683  ? 256 ASP A OD2 1 
ATOM   1535 N N   . GLY A 1 260 ? -2.20390  -11.08884 -15.42720 1.000 102.30046 ? 257 GLY A N   1 
ATOM   1536 C CA  . GLY A 1 260 ? -2.74006  -12.31177 -15.99930 1.000 105.71582 ? 257 GLY A CA  1 
ATOM   1537 C C   . GLY A 1 260 ? -1.69110  -13.20674 -16.63455 1.000 108.78085 ? 257 GLY A C   1 
ATOM   1538 O O   . GLY A 1 260 ? -0.62196  -12.74214 -17.03540 1.000 104.88039 ? 257 GLY A O   1 
HETATM 1539 O O   . HOH B 2 .   ? -6.53617  11.46924  14.11991  1.000 67.03618  ? 301 HOH A O   1 
HETATM 1540 O O   . HOH B 2 .   ? 6.10374   -12.15420 14.08206  1.000 63.94939  ? 302 HOH A O   1 
HETATM 1541 O O   . HOH B 2 .   ? -16.54320 -2.50614  15.19774  1.000 61.04206  ? 303 HOH A O   1 
# 
